data_3ZFU
# 
_entry.id   3ZFU 
# 
_audit_conform.dict_name       mmcif_pdbx.dic 
_audit_conform.dict_version    5.397 
_audit_conform.dict_location   http://mmcif.pdb.org/dictionaries/ascii/mmcif_pdbx.dic 
# 
loop_
_database_2.database_id 
_database_2.database_code 
_database_2.pdbx_database_accession 
_database_2.pdbx_DOI 
PDB   3ZFU         pdb_00003zfu 10.2210/pdb3zfu/pdb 
PDBE  EBI-54964    ?            ?                   
WWPDB D_1290054964 ?            ?                   
# 
loop_
_pdbx_audit_revision_history.ordinal 
_pdbx_audit_revision_history.data_content_type 
_pdbx_audit_revision_history.major_revision 
_pdbx_audit_revision_history.minor_revision 
_pdbx_audit_revision_history.revision_date 
1 'Structure model' 1 0 2013-05-15 
2 'Structure model' 1 1 2013-06-19 
3 'Structure model' 1 2 2023-12-20 
4 'Structure model' 1 3 2024-10-23 
# 
_pdbx_audit_revision_details.ordinal             1 
_pdbx_audit_revision_details.revision_ordinal    1 
_pdbx_audit_revision_details.data_content_type   'Structure model' 
_pdbx_audit_revision_details.provider            repository 
_pdbx_audit_revision_details.type                'Initial release' 
_pdbx_audit_revision_details.description         ? 
_pdbx_audit_revision_details.details             ? 
# 
loop_
_pdbx_audit_revision_group.ordinal 
_pdbx_audit_revision_group.revision_ordinal 
_pdbx_audit_revision_group.data_content_type 
_pdbx_audit_revision_group.group 
1 2 'Structure model' 'Database references'    
2 2 'Structure model' 'Refinement description' 
3 3 'Structure model' 'Data collection'        
4 3 'Structure model' 'Database references'    
5 3 'Structure model' 'Derived calculations'   
6 3 'Structure model' Other                    
7 3 'Structure model' 'Refinement description' 
8 4 'Structure model' 'Structure summary'      
# 
loop_
_pdbx_audit_revision_category.ordinal 
_pdbx_audit_revision_category.revision_ordinal 
_pdbx_audit_revision_category.data_content_type 
_pdbx_audit_revision_category.category 
1 3 'Structure model' chem_comp_atom                
2 3 'Structure model' chem_comp_bond                
3 3 'Structure model' database_2                    
4 3 'Structure model' pdbx_database_status          
5 3 'Structure model' pdbx_initial_refinement_model 
6 3 'Structure model' struct_site                   
7 4 'Structure model' pdbx_entry_details            
8 4 'Structure model' pdbx_modification_feature     
# 
loop_
_pdbx_audit_revision_item.ordinal 
_pdbx_audit_revision_item.revision_ordinal 
_pdbx_audit_revision_item.data_content_type 
_pdbx_audit_revision_item.item 
1 3 'Structure model' '_database_2.pdbx_DOI'                 
2 3 'Structure model' '_database_2.pdbx_database_accession'  
3 3 'Structure model' '_pdbx_database_status.status_code_sf' 
4 3 'Structure model' '_struct_site.pdbx_auth_asym_id'       
5 3 'Structure model' '_struct_site.pdbx_auth_comp_id'       
6 3 'Structure model' '_struct_site.pdbx_auth_seq_id'        
# 
_pdbx_database_status.status_code                     REL 
_pdbx_database_status.entry_id                        3ZFU 
_pdbx_database_status.deposit_site                    PDBE 
_pdbx_database_status.process_site                    PDBE 
_pdbx_database_status.SG_entry                        . 
_pdbx_database_status.recvd_initial_deposition_date   2012-12-12 
_pdbx_database_status.pdb_format_compatible           Y 
_pdbx_database_status.status_code_sf                  REL 
_pdbx_database_status.status_code_mr                  ? 
_pdbx_database_status.status_code_cs                  ? 
_pdbx_database_status.methods_development_category    ? 
_pdbx_database_status.status_code_nmr_data            ? 
# 
loop_
_pdbx_database_related.db_name 
_pdbx_database_related.db_id 
_pdbx_database_related.content_type 
_pdbx_database_related.details 
PDB 3ZFN unspecified 'CRYSTAL STRUCTURE OF PRODUCT-LIKE, PROCESSED N-TERMINAL PROTEASE NPRO'                       
PDB 3ZFO unspecified 'CRYSTAL STRUCTURE OF SUBSTRATE-LIKE, UNPROCESSED N- TERMINAL PROTEASE NPRO MUTANT S169P'     
PDB 3ZFP unspecified 'CRYSTAL STRUCTURE OF PRODUCT-LIKE, PROCESSED N-TERMINAL PROTEASE NPRO WITH INTERNAL HIS-TAG' 
PDB 3ZFQ unspecified 'CRYSTAL STRUCTURE OF PRODUCT-LIKE, PROCESSED N-TERMINAL PROTEASE NPRO WITH MERCURY'          
PDB 3ZFR unspecified 'CRYSTAL STRUCTURE OF PRODUCT-LIKE, PROCESSED N-TERMINAL PROTEASE NPRO WITH IRIDIUM'          
PDB 3ZFT unspecified 'CRYSTAL STRUCTURE OF PRODUCT-LIKE, PROCESSED N-TERMINAL PROTEASE NPRO AT PH 3'               
# 
loop_
_audit_author.name 
_audit_author.pdbx_ordinal 
'Zogg, T.'         1 
'Sponring, M.'     2 
'Schindler, S.'    3 
'Koll, M.'         4 
'Schneider, R.'    5 
'Brandstetter, H.' 6 
'Auer, B.'         7 
# 
_citation.id                        primary 
_citation.title                     
'Crystal Structures of the Viral Protease Npro Imply Distinct Roles for the Catalytic Water in Catalysis' 
_citation.journal_abbrev            Structure 
_citation.journal_volume            21 
_citation.page_first                929 
_citation.page_last                 ? 
_citation.year                      2013 
_citation.journal_id_ASTM           STRUE6 
_citation.country                   UK 
_citation.journal_id_ISSN           0969-2126 
_citation.journal_id_CSD            2005 
_citation.book_publisher            ? 
_citation.pdbx_database_id_PubMed   23643950 
_citation.pdbx_database_id_DOI      10.1016/J.STR.2013.04.003 
# 
loop_
_citation_author.citation_id 
_citation_author.name 
_citation_author.ordinal 
_citation_author.identifier_ORCID 
primary 'Zogg, T.'         1 ? 
primary 'Sponring, M.'     2 ? 
primary 'Schindler, S.'    3 ? 
primary 'Koll, M.'         4 ? 
primary 'Schneider, R.'    5 ? 
primary 'Brandstetter, H.' 6 ? 
primary 'Auer, B.'         7 ? 
# 
loop_
_entity.id 
_entity.type 
_entity.src_method 
_entity.pdbx_description 
_entity.formula_weight 
_entity.pdbx_number_of_molecules 
_entity.pdbx_ec 
_entity.pdbx_mutation 
_entity.pdbx_fragment 
_entity.details 
1 polymer     man 'N-TERMINAL PROTEASE NPRO' 18396.094 1  3.4.22.- YES 'NPRO, RESIDUES 22-168' ? 
2 non-polymer syn MONOTHIOGLYCEROL           108.159   1  ?        ?   ?                       ? 
3 non-polymer syn 'SULFATE ION'              96.063    1  ?        ?   ?                       ? 
4 water       nat water                      18.015    88 ?        ?   ?                       ? 
# 
_entity_name_com.entity_id   1 
_entity_name_com.name        'NONSTRUCTURAL PROTEIN' 
# 
_entity_poly.entity_id                      1 
_entity_poly.type                           'polypeptide(L)' 
_entity_poly.nstd_linkage                   no 
_entity_poly.nstd_monomer                   no 
_entity_poly.pdbx_seq_one_letter_code       
;MEPLYDKNGAVLFGEPSDTHPQSTLKLPHPRGEKEVIVGIRDLPRKGDCRTGNRLGPVSGLFVKPGPVFYQDYSGPVYHR
APLEQFKQAPMCEVTKRIGRVTGSDGNLYHMYVCTDGCILVKTAKREGQDVLKWVYNVLDSPIWVTSCPVDKLAAALEHH
HHHH
;
_entity_poly.pdbx_seq_one_letter_code_can   
;MEPLYDKNGAVLFGEPSDTHPQSTLKLPHPRGEKEVIVGIRDLPRKGDCRTGNRLGPVSGLFVKPGPVFYQDYSGPVYHR
APLEQFKQAPMCEVTKRIGRVTGSDGNLYHMYVCTDGCILVKTAKREGQDVLKWVYNVLDSPIWVTSCPVDKLAAALEHH
HHHH
;
_entity_poly.pdbx_strand_id                 A 
_entity_poly.pdbx_target_identifier         ? 
# 
loop_
_pdbx_entity_nonpoly.entity_id 
_pdbx_entity_nonpoly.name 
_pdbx_entity_nonpoly.comp_id 
2 MONOTHIOGLYCEROL SGM 
3 'SULFATE ION'    SO4 
4 water            HOH 
# 
loop_
_entity_poly_seq.entity_id 
_entity_poly_seq.num 
_entity_poly_seq.mon_id 
_entity_poly_seq.hetero 
1 1   MET n 
1 2   GLU n 
1 3   PRO n 
1 4   LEU n 
1 5   TYR n 
1 6   ASP n 
1 7   LYS n 
1 8   ASN n 
1 9   GLY n 
1 10  ALA n 
1 11  VAL n 
1 12  LEU n 
1 13  PHE n 
1 14  GLY n 
1 15  GLU n 
1 16  PRO n 
1 17  SER n 
1 18  ASP n 
1 19  THR n 
1 20  HIS n 
1 21  PRO n 
1 22  GLN n 
1 23  SER n 
1 24  THR n 
1 25  LEU n 
1 26  LYS n 
1 27  LEU n 
1 28  PRO n 
1 29  HIS n 
1 30  PRO n 
1 31  ARG n 
1 32  GLY n 
1 33  GLU n 
1 34  LYS n 
1 35  GLU n 
1 36  VAL n 
1 37  ILE n 
1 38  VAL n 
1 39  GLY n 
1 40  ILE n 
1 41  ARG n 
1 42  ASP n 
1 43  LEU n 
1 44  PRO n 
1 45  ARG n 
1 46  LYS n 
1 47  GLY n 
1 48  ASP n 
1 49  CYS n 
1 50  ARG n 
1 51  THR n 
1 52  GLY n 
1 53  ASN n 
1 54  ARG n 
1 55  LEU n 
1 56  GLY n 
1 57  PRO n 
1 58  VAL n 
1 59  SER n 
1 60  GLY n 
1 61  LEU n 
1 62  PHE n 
1 63  VAL n 
1 64  LYS n 
1 65  PRO n 
1 66  GLY n 
1 67  PRO n 
1 68  VAL n 
1 69  PHE n 
1 70  TYR n 
1 71  GLN n 
1 72  ASP n 
1 73  TYR n 
1 74  SER n 
1 75  GLY n 
1 76  PRO n 
1 77  VAL n 
1 78  TYR n 
1 79  HIS n 
1 80  ARG n 
1 81  ALA n 
1 82  PRO n 
1 83  LEU n 
1 84  GLU n 
1 85  GLN n 
1 86  PHE n 
1 87  LYS n 
1 88  GLN n 
1 89  ALA n 
1 90  PRO n 
1 91  MET n 
1 92  CYS n 
1 93  GLU n 
1 94  VAL n 
1 95  THR n 
1 96  LYS n 
1 97  ARG n 
1 98  ILE n 
1 99  GLY n 
1 100 ARG n 
1 101 VAL n 
1 102 THR n 
1 103 GLY n 
1 104 SER n 
1 105 ASP n 
1 106 GLY n 
1 107 ASN n 
1 108 LEU n 
1 109 TYR n 
1 110 HIS n 
1 111 MET n 
1 112 TYR n 
1 113 VAL n 
1 114 CYS n 
1 115 THR n 
1 116 ASP n 
1 117 GLY n 
1 118 CYS n 
1 119 ILE n 
1 120 LEU n 
1 121 VAL n 
1 122 LYS n 
1 123 THR n 
1 124 ALA n 
1 125 LYS n 
1 126 ARG n 
1 127 GLU n 
1 128 GLY n 
1 129 GLN n 
1 130 ASP n 
1 131 VAL n 
1 132 LEU n 
1 133 LYS n 
1 134 TRP n 
1 135 VAL n 
1 136 TYR n 
1 137 ASN n 
1 138 VAL n 
1 139 LEU n 
1 140 ASP n 
1 141 SER n 
1 142 PRO n 
1 143 ILE n 
1 144 TRP n 
1 145 VAL n 
1 146 THR n 
1 147 SER n 
1 148 CYS n 
1 149 PRO n 
1 150 VAL n 
1 151 ASP n 
1 152 LYS n 
1 153 LEU n 
1 154 ALA n 
1 155 ALA n 
1 156 ALA n 
1 157 LEU n 
1 158 GLU n 
1 159 HIS n 
1 160 HIS n 
1 161 HIS n 
1 162 HIS n 
1 163 HIS n 
1 164 HIS n 
# 
_entity_src_gen.entity_id                          1 
_entity_src_gen.pdbx_src_id                        1 
_entity_src_gen.pdbx_alt_source_flag               sample 
_entity_src_gen.pdbx_seq_type                      ? 
_entity_src_gen.pdbx_beg_seq_num                   ? 
_entity_src_gen.pdbx_end_seq_num                   ? 
_entity_src_gen.gene_src_common_name               ? 
_entity_src_gen.gene_src_genus                     ? 
_entity_src_gen.pdbx_gene_src_gene                 ? 
_entity_src_gen.gene_src_species                   ? 
_entity_src_gen.gene_src_strain                    ? 
_entity_src_gen.gene_src_tissue                    ? 
_entity_src_gen.gene_src_tissue_fraction           ? 
_entity_src_gen.gene_src_details                   ? 
_entity_src_gen.pdbx_gene_src_fragment             ? 
_entity_src_gen.pdbx_gene_src_scientific_name      'PESTIVIRUS STRAIN D32/00_HOBI' 
_entity_src_gen.pdbx_gene_src_ncbi_taxonomy_id     266829 
_entity_src_gen.pdbx_gene_src_variant              ? 
_entity_src_gen.pdbx_gene_src_cell_line            ? 
_entity_src_gen.pdbx_gene_src_atcc                 ? 
_entity_src_gen.pdbx_gene_src_organ                ? 
_entity_src_gen.pdbx_gene_src_organelle            ? 
_entity_src_gen.pdbx_gene_src_cell                 ? 
_entity_src_gen.pdbx_gene_src_cellular_location    ? 
_entity_src_gen.host_org_common_name               ? 
_entity_src_gen.pdbx_host_org_scientific_name      'ESCHERICHIA COLI' 
_entity_src_gen.pdbx_host_org_ncbi_taxonomy_id     469008 
_entity_src_gen.host_org_genus                     ? 
_entity_src_gen.pdbx_host_org_gene                 ? 
_entity_src_gen.pdbx_host_org_organ                ? 
_entity_src_gen.host_org_species                   ? 
_entity_src_gen.pdbx_host_org_tissue               ? 
_entity_src_gen.pdbx_host_org_tissue_fraction      ? 
_entity_src_gen.pdbx_host_org_strain               'BL21(DE3)' 
_entity_src_gen.pdbx_host_org_variant              ? 
_entity_src_gen.pdbx_host_org_cell_line            ? 
_entity_src_gen.pdbx_host_org_atcc                 ? 
_entity_src_gen.pdbx_host_org_culture_collection   ? 
_entity_src_gen.pdbx_host_org_cell                 ? 
_entity_src_gen.pdbx_host_org_organelle            ? 
_entity_src_gen.pdbx_host_org_cellular_location    ? 
_entity_src_gen.pdbx_host_org_vector_type          PLASMID 
_entity_src_gen.pdbx_host_org_vector               PET30B 
_entity_src_gen.host_org_details                   ? 
_entity_src_gen.expression_system_id               ? 
_entity_src_gen.plasmid_name                       ? 
_entity_src_gen.plasmid_details                    ? 
_entity_src_gen.pdbx_description                   ? 
# 
loop_
_chem_comp.id 
_chem_comp.type 
_chem_comp.mon_nstd_flag 
_chem_comp.name 
_chem_comp.pdbx_synonyms 
_chem_comp.formula 
_chem_comp.formula_weight 
ALA 'L-peptide linking' y ALANINE          ? 'C3 H7 N O2'     89.093  
ARG 'L-peptide linking' y ARGININE         ? 'C6 H15 N4 O2 1' 175.209 
ASN 'L-peptide linking' y ASPARAGINE       ? 'C4 H8 N2 O3'    132.118 
ASP 'L-peptide linking' y 'ASPARTIC ACID'  ? 'C4 H7 N O4'     133.103 
CYS 'L-peptide linking' y CYSTEINE         ? 'C3 H7 N O2 S'   121.158 
GLN 'L-peptide linking' y GLUTAMINE        ? 'C5 H10 N2 O3'   146.144 
GLU 'L-peptide linking' y 'GLUTAMIC ACID'  ? 'C5 H9 N O4'     147.129 
GLY 'peptide linking'   y GLYCINE          ? 'C2 H5 N O2'     75.067  
HIS 'L-peptide linking' y HISTIDINE        ? 'C6 H10 N3 O2 1' 156.162 
HOH non-polymer         . WATER            ? 'H2 O'           18.015  
ILE 'L-peptide linking' y ISOLEUCINE       ? 'C6 H13 N O2'    131.173 
LEU 'L-peptide linking' y LEUCINE          ? 'C6 H13 N O2'    131.173 
LYS 'L-peptide linking' y LYSINE           ? 'C6 H15 N2 O2 1' 147.195 
MET 'L-peptide linking' y METHIONINE       ? 'C5 H11 N O2 S'  149.211 
PHE 'L-peptide linking' y PHENYLALANINE    ? 'C9 H11 N O2'    165.189 
PRO 'L-peptide linking' y PROLINE          ? 'C5 H9 N O2'     115.130 
SER 'L-peptide linking' y SERINE           ? 'C3 H7 N O3'     105.093 
SGM non-polymer         . MONOTHIOGLYCEROL ? 'C3 H8 O2 S'     108.159 
SO4 non-polymer         . 'SULFATE ION'    ? 'O4 S -2'        96.063  
THR 'L-peptide linking' y THREONINE        ? 'C4 H9 N O3'     119.119 
TRP 'L-peptide linking' y TRYPTOPHAN       ? 'C11 H12 N2 O2'  204.225 
TYR 'L-peptide linking' y TYROSINE         ? 'C9 H11 N O3'    181.189 
VAL 'L-peptide linking' y VALINE           ? 'C5 H11 N O2'    117.146 
# 
loop_
_pdbx_poly_seq_scheme.asym_id 
_pdbx_poly_seq_scheme.entity_id 
_pdbx_poly_seq_scheme.seq_id 
_pdbx_poly_seq_scheme.mon_id 
_pdbx_poly_seq_scheme.ndb_seq_num 
_pdbx_poly_seq_scheme.pdb_seq_num 
_pdbx_poly_seq_scheme.auth_seq_num 
_pdbx_poly_seq_scheme.pdb_mon_id 
_pdbx_poly_seq_scheme.auth_mon_id 
_pdbx_poly_seq_scheme.pdb_strand_id 
_pdbx_poly_seq_scheme.pdb_ins_code 
_pdbx_poly_seq_scheme.hetero 
A 1 1   MET 1   21  21  MET MET A . n 
A 1 2   GLU 2   22  22  GLU GLU A . n 
A 1 3   PRO 3   23  23  PRO PRO A . n 
A 1 4   LEU 4   24  24  LEU LEU A . n 
A 1 5   TYR 5   25  25  TYR TYR A . n 
A 1 6   ASP 6   26  26  ASP ASP A . n 
A 1 7   LYS 7   27  27  LYS LYS A . n 
A 1 8   ASN 8   28  28  ASN ASN A . n 
A 1 9   GLY 9   29  29  GLY GLY A . n 
A 1 10  ALA 10  30  30  ALA ALA A . n 
A 1 11  VAL 11  31  31  VAL VAL A . n 
A 1 12  LEU 12  32  32  LEU LEU A . n 
A 1 13  PHE 13  33  33  PHE PHE A . n 
A 1 14  GLY 14  34  34  GLY GLY A . n 
A 1 15  GLU 15  35  35  GLU GLU A . n 
A 1 16  PRO 16  36  36  PRO PRO A . n 
A 1 17  SER 17  37  37  SER SER A . n 
A 1 18  ASP 18  38  38  ASP ASP A . n 
A 1 19  THR 19  39  39  THR THR A . n 
A 1 20  HIS 20  40  40  HIS HIS A . n 
A 1 21  PRO 21  41  41  PRO PRO A . n 
A 1 22  GLN 22  42  42  GLN GLN A . n 
A 1 23  SER 23  43  43  SER SER A . n 
A 1 24  THR 24  44  44  THR THR A . n 
A 1 25  LEU 25  45  45  LEU LEU A . n 
A 1 26  LYS 26  46  46  LYS LYS A . n 
A 1 27  LEU 27  47  47  LEU LEU A . n 
A 1 28  PRO 28  48  48  PRO PRO A . n 
A 1 29  HIS 29  49  49  HIS HIS A . n 
A 1 30  PRO 30  50  50  PRO PRO A . n 
A 1 31  ARG 31  51  51  ARG ARG A . n 
A 1 32  GLY 32  52  52  GLY GLY A . n 
A 1 33  GLU 33  53  53  GLU GLU A . n 
A 1 34  LYS 34  54  54  LYS LYS A . n 
A 1 35  GLU 35  55  55  GLU GLU A . n 
A 1 36  VAL 36  56  56  VAL VAL A . n 
A 1 37  ILE 37  57  57  ILE ILE A . n 
A 1 38  VAL 38  58  58  VAL VAL A . n 
A 1 39  GLY 39  59  59  GLY GLY A . n 
A 1 40  ILE 40  60  60  ILE ILE A . n 
A 1 41  ARG 41  61  61  ARG ARG A . n 
A 1 42  ASP 42  62  62  ASP ASP A . n 
A 1 43  LEU 43  63  63  LEU LEU A . n 
A 1 44  PRO 44  64  64  PRO PRO A . n 
A 1 45  ARG 45  65  65  ARG ARG A . n 
A 1 46  LYS 46  66  66  LYS LYS A . n 
A 1 47  GLY 47  67  67  GLY GLY A . n 
A 1 48  ASP 48  68  68  ASP ASP A . n 
A 1 49  CYS 49  69  69  CYS CYS A . n 
A 1 50  ARG 50  70  70  ARG ARG A . n 
A 1 51  THR 51  71  71  THR THR A . n 
A 1 52  GLY 52  72  72  GLY GLY A . n 
A 1 53  ASN 53  73  73  ASN ASN A . n 
A 1 54  ARG 54  74  74  ARG ARG A . n 
A 1 55  LEU 55  75  75  LEU LEU A . n 
A 1 56  GLY 56  76  76  GLY GLY A . n 
A 1 57  PRO 57  77  77  PRO PRO A . n 
A 1 58  VAL 58  78  78  VAL VAL A . n 
A 1 59  SER 59  79  79  SER SER A . n 
A 1 60  GLY 60  80  80  GLY GLY A . n 
A 1 61  LEU 61  81  81  LEU LEU A . n 
A 1 62  PHE 62  82  82  PHE PHE A . n 
A 1 63  VAL 63  83  83  VAL VAL A . n 
A 1 64  LYS 64  84  84  LYS LYS A . n 
A 1 65  PRO 65  85  85  PRO PRO A . n 
A 1 66  GLY 66  86  86  GLY GLY A . n 
A 1 67  PRO 67  87  87  PRO PRO A . n 
A 1 68  VAL 68  88  88  VAL VAL A . n 
A 1 69  PHE 69  89  89  PHE PHE A . n 
A 1 70  TYR 70  90  90  TYR TYR A . n 
A 1 71  GLN 71  91  91  GLN GLN A . n 
A 1 72  ASP 72  92  92  ASP ASP A . n 
A 1 73  TYR 73  93  93  TYR TYR A . n 
A 1 74  SER 74  94  94  SER SER A . n 
A 1 75  GLY 75  95  95  GLY GLY A . n 
A 1 76  PRO 76  96  96  PRO PRO A . n 
A 1 77  VAL 77  97  97  VAL VAL A . n 
A 1 78  TYR 78  98  98  TYR TYR A . n 
A 1 79  HIS 79  99  99  HIS HIS A . n 
A 1 80  ARG 80  100 100 ARG ARG A . n 
A 1 81  ALA 81  101 101 ALA ALA A . n 
A 1 82  PRO 82  102 102 PRO PRO A . n 
A 1 83  LEU 83  103 103 LEU LEU A . n 
A 1 84  GLU 84  104 104 GLU GLU A . n 
A 1 85  GLN 85  105 105 GLN GLN A . n 
A 1 86  PHE 86  106 106 PHE PHE A . n 
A 1 87  LYS 87  107 107 LYS LYS A . n 
A 1 88  GLN 88  108 108 GLN GLN A . n 
A 1 89  ALA 89  109 109 ALA ALA A . n 
A 1 90  PRO 90  110 110 PRO PRO A . n 
A 1 91  MET 91  111 111 MET MET A . n 
A 1 92  CYS 92  112 112 CYS CYS A . n 
A 1 93  GLU 93  113 113 GLU GLU A . n 
A 1 94  VAL 94  114 114 VAL VAL A . n 
A 1 95  THR 95  115 115 THR THR A . n 
A 1 96  LYS 96  116 116 LYS LYS A . n 
A 1 97  ARG 97  117 117 ARG ARG A . n 
A 1 98  ILE 98  118 118 ILE ILE A . n 
A 1 99  GLY 99  119 119 GLY GLY A . n 
A 1 100 ARG 100 120 120 ARG ARG A . n 
A 1 101 VAL 101 121 121 VAL VAL A . n 
A 1 102 THR 102 122 122 THR THR A . n 
A 1 103 GLY 103 123 123 GLY GLY A . n 
A 1 104 SER 104 124 124 SER SER A . n 
A 1 105 ASP 105 125 125 ASP ASP A . n 
A 1 106 GLY 106 126 126 GLY GLY A . n 
A 1 107 ASN 107 127 127 ASN ASN A . n 
A 1 108 LEU 108 128 128 LEU LEU A . n 
A 1 109 TYR 109 129 129 TYR TYR A . n 
A 1 110 HIS 110 130 130 HIS HIS A . n 
A 1 111 MET 111 131 131 MET MET A . n 
A 1 112 TYR 112 132 132 TYR TYR A . n 
A 1 113 VAL 113 133 133 VAL VAL A . n 
A 1 114 CYS 114 134 134 CYS CYS A . n 
A 1 115 THR 115 135 135 THR THR A . n 
A 1 116 ASP 116 136 136 ASP ASP A . n 
A 1 117 GLY 117 137 137 GLY GLY A . n 
A 1 118 CYS 118 138 138 CYS CYS A . n 
A 1 119 ILE 119 139 139 ILE ILE A . n 
A 1 120 LEU 120 140 140 LEU LEU A . n 
A 1 121 VAL 121 141 141 VAL VAL A . n 
A 1 122 LYS 122 142 142 LYS LYS A . n 
A 1 123 THR 123 143 143 THR THR A . n 
A 1 124 ALA 124 144 144 ALA ALA A . n 
A 1 125 LYS 125 145 145 LYS LYS A . n 
A 1 126 ARG 126 146 146 ARG ARG A . n 
A 1 127 GLU 127 147 147 GLU GLU A . n 
A 1 128 GLY 128 148 148 GLY GLY A . n 
A 1 129 GLN 129 149 149 GLN GLN A . n 
A 1 130 ASP 130 150 150 ASP ASP A . n 
A 1 131 VAL 131 151 151 VAL VAL A . n 
A 1 132 LEU 132 152 152 LEU LEU A . n 
A 1 133 LYS 133 153 153 LYS LYS A . n 
A 1 134 TRP 134 154 154 TRP TRP A . n 
A 1 135 VAL 135 155 155 VAL VAL A . n 
A 1 136 TYR 136 156 156 TYR TYR A . n 
A 1 137 ASN 137 157 157 ASN ASN A . n 
A 1 138 VAL 138 158 158 VAL VAL A . n 
A 1 139 LEU 139 159 159 LEU LEU A . n 
A 1 140 ASP 140 160 160 ASP ASP A . n 
A 1 141 SER 141 161 161 SER SER A . n 
A 1 142 PRO 142 162 162 PRO PRO A . n 
A 1 143 ILE 143 163 163 ILE ILE A . n 
A 1 144 TRP 144 164 164 TRP TRP A . n 
A 1 145 VAL 145 165 165 VAL VAL A . n 
A 1 146 THR 146 166 166 THR THR A . n 
A 1 147 SER 147 167 167 SER SER A . n 
A 1 148 CYS 148 168 168 CYS CYS A . n 
A 1 149 PRO 149 169 169 PRO PRO A . n 
A 1 150 VAL 150 170 170 VAL VAL A . n 
A 1 151 ASP 151 171 ?   ?   ?   A . n 
A 1 152 LYS 152 172 ?   ?   ?   A . n 
A 1 153 LEU 153 173 ?   ?   ?   A . n 
A 1 154 ALA 154 174 ?   ?   ?   A . n 
A 1 155 ALA 155 175 ?   ?   ?   A . n 
A 1 156 ALA 156 176 ?   ?   ?   A . n 
A 1 157 LEU 157 177 ?   ?   ?   A . n 
A 1 158 GLU 158 178 ?   ?   ?   A . n 
A 1 159 HIS 159 179 ?   ?   ?   A . n 
A 1 160 HIS 160 180 ?   ?   ?   A . n 
A 1 161 HIS 161 181 ?   ?   ?   A . n 
A 1 162 HIS 162 182 ?   ?   ?   A . n 
A 1 163 HIS 163 183 ?   ?   ?   A . n 
A 1 164 HIS 164 184 ?   ?   ?   A . n 
# 
loop_
_pdbx_nonpoly_scheme.asym_id 
_pdbx_nonpoly_scheme.entity_id 
_pdbx_nonpoly_scheme.mon_id 
_pdbx_nonpoly_scheme.ndb_seq_num 
_pdbx_nonpoly_scheme.pdb_seq_num 
_pdbx_nonpoly_scheme.auth_seq_num 
_pdbx_nonpoly_scheme.pdb_mon_id 
_pdbx_nonpoly_scheme.auth_mon_id 
_pdbx_nonpoly_scheme.pdb_strand_id 
_pdbx_nonpoly_scheme.pdb_ins_code 
B 2 SGM 1  1171 1171 SGM SGM A . 
C 3 SO4 1  1172 1172 SO4 SO4 A . 
D 4 HOH 1  2001 2001 HOH HOH A . 
D 4 HOH 2  2002 2002 HOH HOH A . 
D 4 HOH 3  2003 2003 HOH HOH A . 
D 4 HOH 4  2004 2004 HOH HOH A . 
D 4 HOH 5  2005 2005 HOH HOH A . 
D 4 HOH 6  2006 2006 HOH HOH A . 
D 4 HOH 7  2007 2007 HOH HOH A . 
D 4 HOH 8  2008 2008 HOH HOH A . 
D 4 HOH 9  2009 2009 HOH HOH A . 
D 4 HOH 10 2010 2010 HOH HOH A . 
D 4 HOH 11 2011 2011 HOH HOH A . 
D 4 HOH 12 2012 2012 HOH HOH A . 
D 4 HOH 13 2013 2013 HOH HOH A . 
D 4 HOH 14 2014 2014 HOH HOH A . 
D 4 HOH 15 2015 2015 HOH HOH A . 
D 4 HOH 16 2016 2016 HOH HOH A . 
D 4 HOH 17 2017 2017 HOH HOH A . 
D 4 HOH 18 2018 2018 HOH HOH A . 
D 4 HOH 19 2019 2019 HOH HOH A . 
D 4 HOH 20 2020 2020 HOH HOH A . 
D 4 HOH 21 2021 2021 HOH HOH A . 
D 4 HOH 22 2022 2022 HOH HOH A . 
D 4 HOH 23 2023 2023 HOH HOH A . 
D 4 HOH 24 2024 2024 HOH HOH A . 
D 4 HOH 25 2025 2025 HOH HOH A . 
D 4 HOH 26 2026 2026 HOH HOH A . 
D 4 HOH 27 2027 2027 HOH HOH A . 
D 4 HOH 28 2028 2028 HOH HOH A . 
D 4 HOH 29 2029 2029 HOH HOH A . 
D 4 HOH 30 2030 2030 HOH HOH A . 
D 4 HOH 31 2031 2031 HOH HOH A . 
D 4 HOH 32 2032 2032 HOH HOH A . 
D 4 HOH 33 2033 2033 HOH HOH A . 
D 4 HOH 34 2034 2034 HOH HOH A . 
D 4 HOH 35 2035 2035 HOH HOH A . 
D 4 HOH 36 2036 2036 HOH HOH A . 
D 4 HOH 37 2037 2037 HOH HOH A . 
D 4 HOH 38 2038 2038 HOH HOH A . 
D 4 HOH 39 2039 2039 HOH HOH A . 
D 4 HOH 40 2040 2040 HOH HOH A . 
D 4 HOH 41 2041 2041 HOH HOH A . 
D 4 HOH 42 2042 2042 HOH HOH A . 
D 4 HOH 43 2043 2043 HOH HOH A . 
D 4 HOH 44 2044 2044 HOH HOH A . 
D 4 HOH 45 2045 2045 HOH HOH A . 
D 4 HOH 46 2046 2046 HOH HOH A . 
D 4 HOH 47 2047 2047 HOH HOH A . 
D 4 HOH 48 2048 2048 HOH HOH A . 
D 4 HOH 49 2049 2049 HOH HOH A . 
D 4 HOH 50 2050 2050 HOH HOH A . 
D 4 HOH 51 2051 2051 HOH HOH A . 
D 4 HOH 52 2052 2052 HOH HOH A . 
D 4 HOH 53 2053 2053 HOH HOH A . 
D 4 HOH 54 2054 2054 HOH HOH A . 
D 4 HOH 55 2055 2055 HOH HOH A . 
D 4 HOH 56 2056 2056 HOH HOH A . 
D 4 HOH 57 2057 2057 HOH HOH A . 
D 4 HOH 58 2058 2058 HOH HOH A . 
D 4 HOH 59 2059 2059 HOH HOH A . 
D 4 HOH 60 2060 2060 HOH HOH A . 
D 4 HOH 61 2061 2061 HOH HOH A . 
D 4 HOH 62 2062 2062 HOH HOH A . 
D 4 HOH 63 2063 2063 HOH HOH A . 
D 4 HOH 64 2064 2064 HOH HOH A . 
D 4 HOH 65 2065 2065 HOH HOH A . 
D 4 HOH 66 2066 2066 HOH HOH A . 
D 4 HOH 67 2067 2067 HOH HOH A . 
D 4 HOH 68 2068 2068 HOH HOH A . 
D 4 HOH 69 2069 2069 HOH HOH A . 
D 4 HOH 70 2070 2070 HOH HOH A . 
D 4 HOH 71 2071 2071 HOH HOH A . 
D 4 HOH 72 2072 2072 HOH HOH A . 
D 4 HOH 73 2073 2073 HOH HOH A . 
D 4 HOH 74 2074 2074 HOH HOH A . 
D 4 HOH 75 2075 2075 HOH HOH A . 
D 4 HOH 76 2076 2076 HOH HOH A . 
D 4 HOH 77 2077 2077 HOH HOH A . 
D 4 HOH 78 2078 2078 HOH HOH A . 
D 4 HOH 79 2079 2079 HOH HOH A . 
D 4 HOH 80 2080 2080 HOH HOH A . 
D 4 HOH 81 2081 2081 HOH HOH A . 
D 4 HOH 82 2082 2082 HOH HOH A . 
D 4 HOH 83 2083 2083 HOH HOH A . 
D 4 HOH 84 2084 2084 HOH HOH A . 
D 4 HOH 85 2085 2085 HOH HOH A . 
D 4 HOH 86 2086 2086 HOH HOH A . 
D 4 HOH 87 2087 2087 HOH HOH A . 
D 4 HOH 88 2088 2088 HOH HOH A . 
# 
loop_
_software.name 
_software.classification 
_software.version 
_software.citation_id 
_software.pdbx_ordinal 
_software.date 
_software.type 
_software.location 
_software.language 
REFMAC  refinement       5.7.0029 ? 1 ? ? ? ? 
iMOSFLM 'data reduction' .        ? 2 ? ? ? ? 
SCALA   'data scaling'   .        ? 3 ? ? ? ? 
MOLREP  phasing          .        ? 4 ? ? ? ? 
# 
_cell.entry_id           3ZFU 
_cell.length_a           43.150 
_cell.length_b           41.070 
_cell.length_c           46.030 
_cell.angle_alpha        90.00 
_cell.angle_beta         98.95 
_cell.angle_gamma        90.00 
_cell.Z_PDB              2 
_cell.pdbx_unique_axis   ? 
# 
_symmetry.entry_id                         3ZFU 
_symmetry.space_group_name_H-M             'P 1 21 1' 
_symmetry.pdbx_full_space_group_name_H-M   ? 
_symmetry.cell_setting                     ? 
_symmetry.Int_Tables_number                4 
# 
_exptl.entry_id          3ZFU 
_exptl.method            'X-RAY DIFFRACTION' 
_exptl.crystals_number   1 
# 
_exptl_crystal.id                    1 
_exptl_crystal.density_meas          ? 
_exptl_crystal.density_Matthews      2.2 
_exptl_crystal.density_percent_sol   44 
_exptl_crystal.description           NONE 
_exptl_crystal.preparation           ? 
# 
_exptl_crystal_grow.crystal_id      1 
_exptl_crystal_grow.method          ? 
_exptl_crystal_grow.temp            ? 
_exptl_crystal_grow.temp_details    ? 
_exptl_crystal_grow.pH              8.5 
_exptl_crystal_grow.pdbx_pH_range   ? 
_exptl_crystal_grow.pdbx_details    '100MM NAACETATE, PH 8.5 25% PEG6000' 
# 
_diffrn.id                     1 
_diffrn.ambient_temp           100 
_diffrn.ambient_temp_details   ? 
_diffrn.crystal_id             1 
# 
_diffrn_detector.diffrn_id              1 
_diffrn_detector.detector               ? 
_diffrn_detector.type                   ? 
_diffrn_detector.pdbx_collection_date   2012-07-24 
_diffrn_detector.details                ? 
# 
_diffrn_radiation.diffrn_id                        1 
_diffrn_radiation.wavelength_id                    1 
_diffrn_radiation.pdbx_monochromatic_or_laue_m_l   M 
_diffrn_radiation.monochromator                    ? 
_diffrn_radiation.pdbx_diffrn_protocol             'SINGLE WAVELENGTH' 
_diffrn_radiation.pdbx_scattering_type             x-ray 
# 
_diffrn_radiation_wavelength.id           1 
_diffrn_radiation_wavelength.wavelength   0.97625 
_diffrn_radiation_wavelength.wt           1.0 
# 
_diffrn_source.diffrn_id                   1 
_diffrn_source.source                      SYNCHROTRON 
_diffrn_source.type                        'ESRF BEAMLINE ID29' 
_diffrn_source.pdbx_synchrotron_site       ESRF 
_diffrn_source.pdbx_synchrotron_beamline   ID29 
_diffrn_source.pdbx_wavelength             0.97625 
_diffrn_source.pdbx_wavelength_list        ? 
# 
_reflns.pdbx_diffrn_id               1 
_reflns.pdbx_ordinal                 1 
_reflns.entry_id                     3ZFU 
_reflns.observed_criterion_sigma_I   -3.0 
_reflns.observed_criterion_sigma_F   ? 
_reflns.d_resolution_low             45.46 
_reflns.d_resolution_high            1.76 
_reflns.number_obs                   14102 
_reflns.number_all                   ? 
_reflns.percent_possible_obs         89.6 
_reflns.pdbx_Rmerge_I_obs            0.07 
_reflns.pdbx_Rsym_value              ? 
_reflns.pdbx_netI_over_sigmaI        6.90 
_reflns.B_iso_Wilson_estimate        ? 
_reflns.pdbx_redundancy              2.2 
# 
_reflns_shell.pdbx_diffrn_id         1 
_reflns_shell.pdbx_ordinal           1 
_reflns_shell.d_res_high             1.76 
_reflns_shell.d_res_low              1.80 
_reflns_shell.percent_possible_all   93.7 
_reflns_shell.Rmerge_I_obs           0.37 
_reflns_shell.pdbx_Rsym_value        ? 
_reflns_shell.meanI_over_sigI_obs    2.10 
_reflns_shell.pdbx_redundancy        2.2 
# 
_refine.pdbx_refine_id                           'X-RAY DIFFRACTION' 
_refine.entry_id                                 3ZFU 
_refine.pdbx_diffrn_id                           1 
_refine.pdbx_TLS_residual_ADP_flag               ? 
_refine.ls_number_reflns_obs                     13380 
_refine.ls_number_reflns_all                     ? 
_refine.pdbx_ls_sigma_I                          ? 
_refine.pdbx_ls_sigma_F                          . 
_refine.pdbx_data_cutoff_high_absF               ? 
_refine.pdbx_data_cutoff_low_absF                ? 
_refine.pdbx_data_cutoff_high_rms_absF           ? 
_refine.ls_d_res_low                             30.50 
_refine.ls_d_res_high                            1.76 
_refine.ls_percent_reflns_obs                    88.11 
_refine.ls_R_factor_obs                          0.19776 
_refine.ls_R_factor_all                          ? 
_refine.ls_R_factor_R_work                       0.19541 
_refine.ls_R_factor_R_free                       0.24395 
_refine.ls_R_factor_R_free_error                 ? 
_refine.ls_R_factor_R_free_error_details         ? 
_refine.ls_percent_reflns_R_free                 5.0 
_refine.ls_number_reflns_R_free                  698 
_refine.ls_number_parameters                     ? 
_refine.ls_number_restraints                     ? 
_refine.occupancy_min                            ? 
_refine.occupancy_max                            ? 
_refine.correlation_coeff_Fo_to_Fc               0.959 
_refine.correlation_coeff_Fo_to_Fc_free          0.929 
_refine.B_iso_mean                               28.725 
_refine.aniso_B[1][1]                            3.29 
_refine.aniso_B[2][2]                            -2.35 
_refine.aniso_B[3][3]                            -1.07 
_refine.aniso_B[1][2]                            0.00 
_refine.aniso_B[1][3]                            1.20 
_refine.aniso_B[2][3]                            0.00 
_refine.solvent_model_details                    MASK 
_refine.solvent_model_param_ksol                 ? 
_refine.solvent_model_param_bsol                 ? 
_refine.pdbx_solvent_vdw_probe_radii             1.20 
_refine.pdbx_solvent_ion_probe_radii             0.80 
_refine.pdbx_solvent_shrinkage_radii             0.80 
_refine.pdbx_ls_cross_valid_method               THROUGHOUT 
_refine.details                                  
;HYDROGENS HAVE BEEN ADDED IN THE RIDING POSITIONS. RESIDUES 145-150 LARGELY DISORDERED, RESIDUES 171-184 ARE NOT VISIBLE IN THE DENSITY AND ARE NOT INCLUDED IN THE MODEL.
;
_refine.pdbx_starting_model                      'PDB ENTRY 3ZFN' 
_refine.pdbx_method_to_determine_struct          'MOLECULAR REPLACEMENT' 
_refine.pdbx_isotropic_thermal_model             ? 
_refine.pdbx_stereochemistry_target_values       'MAXIMUM LIKELIHOOD' 
_refine.pdbx_stereochem_target_val_spec_case     ? 
_refine.pdbx_R_Free_selection_details            RANDOM 
_refine.pdbx_overall_ESU_R                       0.145 
_refine.pdbx_overall_ESU_R_Free                  0.142 
_refine.overall_SU_ML                            ? 
_refine.pdbx_overall_phase_error                 ? 
_refine.overall_SU_B                             ? 
_refine.overall_SU_R_Cruickshank_DPI             ? 
_refine.pdbx_overall_SU_R_free_Cruickshank_DPI   ? 
_refine.pdbx_overall_SU_R_Blow_DPI               ? 
_refine.pdbx_overall_SU_R_free_Blow_DPI          ? 
# 
_refine_hist.pdbx_refine_id                   'X-RAY DIFFRACTION' 
_refine_hist.cycle_id                         LAST 
_refine_hist.pdbx_number_atoms_protein        1175 
_refine_hist.pdbx_number_atoms_nucleic_acid   0 
_refine_hist.pdbx_number_atoms_ligand         11 
_refine_hist.number_atoms_solvent             88 
_refine_hist.number_atoms_total               1274 
_refine_hist.d_res_high                       1.76 
_refine_hist.d_res_low                        30.50 
# 
loop_
_refine_ls_restr.type 
_refine_ls_restr.dev_ideal 
_refine_ls_restr.dev_ideal_target 
_refine_ls_restr.weight 
_refine_ls_restr.number 
_refine_ls_restr.pdbx_refine_id 
_refine_ls_restr.pdbx_restraint_function 
r_bond_refined_d             0.019  0.019  ? 1243 'X-RAY DIFFRACTION' ? 
r_bond_other_d               0.000  0.020  ? 1195 'X-RAY DIFFRACTION' ? 
r_angle_refined_deg          2.057  1.986  ? 1698 'X-RAY DIFFRACTION' ? 
r_angle_other_deg            3.644  3.004  ? 2765 'X-RAY DIFFRACTION' ? 
r_dihedral_angle_1_deg       7.559  5.000  ? 159  'X-RAY DIFFRACTION' ? 
r_dihedral_angle_2_deg       37.296 23.137 ? 51   'X-RAY DIFFRACTION' ? 
r_dihedral_angle_3_deg       16.699 15.000 ? 207  'X-RAY DIFFRACTION' ? 
r_dihedral_angle_4_deg       18.979 15.000 ? 9    'X-RAY DIFFRACTION' ? 
r_chiral_restr               0.125  0.200  ? 186  'X-RAY DIFFRACTION' ? 
r_gen_planes_refined         0.011  0.021  ? 1383 'X-RAY DIFFRACTION' ? 
r_gen_planes_other           0.018  0.020  ? 270  'X-RAY DIFFRACTION' ? 
r_nbd_refined                ?      ?      ? ?    'X-RAY DIFFRACTION' ? 
r_nbd_other                  ?      ?      ? ?    'X-RAY DIFFRACTION' ? 
r_nbtor_refined              ?      ?      ? ?    'X-RAY DIFFRACTION' ? 
r_nbtor_other                ?      ?      ? ?    'X-RAY DIFFRACTION' ? 
r_xyhbond_nbd_refined        ?      ?      ? ?    'X-RAY DIFFRACTION' ? 
r_xyhbond_nbd_other          ?      ?      ? ?    'X-RAY DIFFRACTION' ? 
r_metal_ion_refined          ?      ?      ? ?    'X-RAY DIFFRACTION' ? 
r_metal_ion_other            ?      ?      ? ?    'X-RAY DIFFRACTION' ? 
r_symmetry_vdw_refined       ?      ?      ? ?    'X-RAY DIFFRACTION' ? 
r_symmetry_vdw_other         ?      ?      ? ?    'X-RAY DIFFRACTION' ? 
r_symmetry_hbond_refined     ?      ?      ? ?    'X-RAY DIFFRACTION' ? 
r_symmetry_hbond_other       ?      ?      ? ?    'X-RAY DIFFRACTION' ? 
r_symmetry_metal_ion_refined ?      ?      ? ?    'X-RAY DIFFRACTION' ? 
r_symmetry_metal_ion_other   ?      ?      ? ?    'X-RAY DIFFRACTION' ? 
r_mcbond_it                  ?      ?      ? ?    'X-RAY DIFFRACTION' ? 
r_mcbond_other               ?      ?      ? ?    'X-RAY DIFFRACTION' ? 
r_mcangle_it                 ?      ?      ? ?    'X-RAY DIFFRACTION' ? 
r_mcangle_other              ?      ?      ? ?    'X-RAY DIFFRACTION' ? 
r_scbond_it                  ?      ?      ? ?    'X-RAY DIFFRACTION' ? 
r_scbond_other               ?      ?      ? ?    'X-RAY DIFFRACTION' ? 
r_scangle_it                 ?      ?      ? ?    'X-RAY DIFFRACTION' ? 
r_scangle_other              ?      ?      ? ?    'X-RAY DIFFRACTION' ? 
r_long_range_B_refined       ?      ?      ? ?    'X-RAY DIFFRACTION' ? 
r_long_range_B_other         ?      ?      ? ?    'X-RAY DIFFRACTION' ? 
r_rigid_bond_restr           ?      ?      ? ?    'X-RAY DIFFRACTION' ? 
r_sphericity_free            ?      ?      ? ?    'X-RAY DIFFRACTION' ? 
r_sphericity_bonded          ?      ?      ? ?    'X-RAY DIFFRACTION' ? 
# 
_refine_ls_shell.pdbx_refine_id                   'X-RAY DIFFRACTION' 
_refine_ls_shell.pdbx_total_number_of_bins_used   20 
_refine_ls_shell.d_res_high                       1.760 
_refine_ls_shell.d_res_low                        1.806 
_refine_ls_shell.number_reflns_R_work             1030 
_refine_ls_shell.R_factor_R_work                  0.351 
_refine_ls_shell.percent_reflns_obs               92.47 
_refine_ls_shell.R_factor_R_free                  0.391 
_refine_ls_shell.R_factor_R_free_error            ? 
_refine_ls_shell.percent_reflns_R_free            ? 
_refine_ls_shell.number_reflns_R_free             63 
_refine_ls_shell.number_reflns_all                ? 
_refine_ls_shell.R_factor_all                     ? 
# 
_struct.entry_id                  3ZFU 
_struct.title                     
'Crystal structure of substrate-like, unprocessed N-terminal protease Npro mutant S169P with sulphate' 
_struct.pdbx_model_details        ? 
_struct.pdbx_CASP_flag            ? 
_struct.pdbx_model_type_details   ? 
# 
_struct_keywords.entry_id        3ZFU 
_struct_keywords.pdbx_keywords   HYDROLASE 
_struct_keywords.text            
;HYDROLASE, AUTO-PROCESSING CYSTEINE PROTEASE, VIRAL PROTEASE, IN CIS- CLEAVAGE, HYDROXIDE-DEPENDENT CATALYSIS, AUTO-PROTEOLYSIS, IMMUNE MODULATION, HOST-PATHOGEN INTERACTION, CONVERGENT EVOLUTION
;
# 
loop_
_struct_asym.id 
_struct_asym.pdbx_blank_PDB_chainid_flag 
_struct_asym.pdbx_modified 
_struct_asym.entity_id 
_struct_asym.details 
A N N 1 ? 
B N N 2 ? 
C N N 3 ? 
D N N 4 ? 
# 
_struct_ref.id                         1 
_struct_ref.db_name                    UNP 
_struct_ref.db_code                    Q5L4B1_9FLAV 
_struct_ref.entity_id                  1 
_struct_ref.pdbx_seq_one_letter_code   ? 
_struct_ref.pdbx_align_begin           ? 
_struct_ref.pdbx_db_accession          Q5L4B1 
_struct_ref.pdbx_db_isoform            ? 
# 
_struct_ref_seq.align_id                      1 
_struct_ref_seq.ref_id                        1 
_struct_ref_seq.pdbx_PDB_id_code              3ZFU 
_struct_ref_seq.pdbx_strand_id                A 
_struct_ref_seq.seq_align_beg                 2 
_struct_ref_seq.pdbx_seq_align_beg_ins_code   ? 
_struct_ref_seq.seq_align_end                 148 
_struct_ref_seq.pdbx_seq_align_end_ins_code   ? 
_struct_ref_seq.pdbx_db_accession             Q5L4B1 
_struct_ref_seq.db_align_beg                  22 
_struct_ref_seq.pdbx_db_align_beg_ins_code    ? 
_struct_ref_seq.db_align_end                  168 
_struct_ref_seq.pdbx_db_align_end_ins_code    ? 
_struct_ref_seq.pdbx_auth_seq_align_beg       22 
_struct_ref_seq.pdbx_auth_seq_align_end       168 
# 
loop_
_struct_ref_seq_dif.align_id 
_struct_ref_seq_dif.pdbx_pdb_id_code 
_struct_ref_seq_dif.mon_id 
_struct_ref_seq_dif.pdbx_pdb_strand_id 
_struct_ref_seq_dif.seq_num 
_struct_ref_seq_dif.pdbx_pdb_ins_code 
_struct_ref_seq_dif.pdbx_seq_db_name 
_struct_ref_seq_dif.pdbx_seq_db_accession_code 
_struct_ref_seq_dif.db_mon_id 
_struct_ref_seq_dif.pdbx_seq_db_seq_num 
_struct_ref_seq_dif.details 
_struct_ref_seq_dif.pdbx_auth_seq_num 
_struct_ref_seq_dif.pdbx_ordinal 
1 3ZFU MET A 1   ? UNP Q5L4B1 ?   ?   'expression tag'      21  1  
1 3ZFU THR A 146 ? UNP Q5L4B1 ALA 166 'engineered mutation' 166 2  
1 3ZFU PRO A 149 ? UNP Q5L4B1 ?   ?   'expression tag'      169 3  
1 3ZFU VAL A 150 ? UNP Q5L4B1 ?   ?   'expression tag'      170 4  
1 3ZFU ASP A 151 ? UNP Q5L4B1 ?   ?   'expression tag'      171 5  
1 3ZFU LYS A 152 ? UNP Q5L4B1 ?   ?   'expression tag'      172 6  
1 3ZFU LEU A 153 ? UNP Q5L4B1 ?   ?   'expression tag'      173 7  
1 3ZFU ALA A 154 ? UNP Q5L4B1 ?   ?   'expression tag'      174 8  
1 3ZFU ALA A 155 ? UNP Q5L4B1 ?   ?   'expression tag'      175 9  
1 3ZFU ALA A 156 ? UNP Q5L4B1 ?   ?   'expression tag'      176 10 
1 3ZFU LEU A 157 ? UNP Q5L4B1 ?   ?   'expression tag'      177 11 
1 3ZFU GLU A 158 ? UNP Q5L4B1 ?   ?   'expression tag'      178 12 
1 3ZFU HIS A 159 ? UNP Q5L4B1 ?   ?   'expression tag'      179 13 
1 3ZFU HIS A 160 ? UNP Q5L4B1 ?   ?   'expression tag'      180 14 
1 3ZFU HIS A 161 ? UNP Q5L4B1 ?   ?   'expression tag'      181 15 
1 3ZFU HIS A 162 ? UNP Q5L4B1 ?   ?   'expression tag'      182 16 
1 3ZFU HIS A 163 ? UNP Q5L4B1 ?   ?   'expression tag'      183 17 
1 3ZFU HIS A 164 ? UNP Q5L4B1 ?   ?   'expression tag'      184 18 
# 
_pdbx_struct_assembly.id                   1 
_pdbx_struct_assembly.details              author_and_software_defined_assembly 
_pdbx_struct_assembly.method_details       PISA 
_pdbx_struct_assembly.oligomeric_details   monomeric 
_pdbx_struct_assembly.oligomeric_count     1 
# 
_pdbx_struct_assembly_gen.assembly_id       1 
_pdbx_struct_assembly_gen.oper_expression   1 
_pdbx_struct_assembly_gen.asym_id_list      A,B,C,D 
# 
_pdbx_struct_oper_list.id                   1 
_pdbx_struct_oper_list.type                 'identity operation' 
_pdbx_struct_oper_list.name                 1_555 
_pdbx_struct_oper_list.symmetry_operation   x,y,z 
_pdbx_struct_oper_list.matrix[1][1]         1.0000000000 
_pdbx_struct_oper_list.matrix[1][2]         0.0000000000 
_pdbx_struct_oper_list.matrix[1][3]         0.0000000000 
_pdbx_struct_oper_list.vector[1]            0.0000000000 
_pdbx_struct_oper_list.matrix[2][1]         0.0000000000 
_pdbx_struct_oper_list.matrix[2][2]         1.0000000000 
_pdbx_struct_oper_list.matrix[2][3]         0.0000000000 
_pdbx_struct_oper_list.vector[2]            0.0000000000 
_pdbx_struct_oper_list.matrix[3][1]         0.0000000000 
_pdbx_struct_oper_list.matrix[3][2]         0.0000000000 
_pdbx_struct_oper_list.matrix[3][3]         1.0000000000 
_pdbx_struct_oper_list.vector[3]            0.0000000000 
# 
loop_
_struct_conf.conf_type_id 
_struct_conf.id 
_struct_conf.pdbx_PDB_helix_id 
_struct_conf.beg_label_comp_id 
_struct_conf.beg_label_asym_id 
_struct_conf.beg_label_seq_id 
_struct_conf.pdbx_beg_PDB_ins_code 
_struct_conf.end_label_comp_id 
_struct_conf.end_label_asym_id 
_struct_conf.end_label_seq_id 
_struct_conf.pdbx_end_PDB_ins_code 
_struct_conf.beg_auth_comp_id 
_struct_conf.beg_auth_asym_id 
_struct_conf.beg_auth_seq_id 
_struct_conf.end_auth_comp_id 
_struct_conf.end_auth_asym_id 
_struct_conf.end_auth_seq_id 
_struct_conf.pdbx_PDB_helix_class 
_struct_conf.details 
_struct_conf.pdbx_PDB_helix_length 
HELX_P HELX_P1 1 GLY A 39 ? LEU A 43 ? GLY A 59  LEU A 63  5 ? 5 
HELX_P HELX_P2 2 GLY A 47 ? GLY A 52 ? GLY A 67  GLY A 72  1 ? 6 
HELX_P HELX_P3 3 PRO A 82 ? GLU A 84 ? PRO A 102 GLU A 104 5 ? 3 
# 
_struct_conf_type.id          HELX_P 
_struct_conf_type.criteria    ? 
_struct_conf_type.reference   ? 
# 
loop_
_struct_conn.id 
_struct_conn.conn_type_id 
_struct_conn.pdbx_leaving_atom_flag 
_struct_conn.pdbx_PDB_id 
_struct_conn.ptnr1_label_asym_id 
_struct_conn.ptnr1_label_comp_id 
_struct_conn.ptnr1_label_seq_id 
_struct_conn.ptnr1_label_atom_id 
_struct_conn.pdbx_ptnr1_label_alt_id 
_struct_conn.pdbx_ptnr1_PDB_ins_code 
_struct_conn.pdbx_ptnr1_standard_comp_id 
_struct_conn.ptnr1_symmetry 
_struct_conn.ptnr2_label_asym_id 
_struct_conn.ptnr2_label_comp_id 
_struct_conn.ptnr2_label_seq_id 
_struct_conn.ptnr2_label_atom_id 
_struct_conn.pdbx_ptnr2_label_alt_id 
_struct_conn.pdbx_ptnr2_PDB_ins_code 
_struct_conn.ptnr1_auth_asym_id 
_struct_conn.ptnr1_auth_comp_id 
_struct_conn.ptnr1_auth_seq_id 
_struct_conn.ptnr2_auth_asym_id 
_struct_conn.ptnr2_auth_comp_id 
_struct_conn.ptnr2_auth_seq_id 
_struct_conn.ptnr2_symmetry 
_struct_conn.pdbx_ptnr3_label_atom_id 
_struct_conn.pdbx_ptnr3_label_seq_id 
_struct_conn.pdbx_ptnr3_label_comp_id 
_struct_conn.pdbx_ptnr3_label_asym_id 
_struct_conn.pdbx_ptnr3_label_alt_id 
_struct_conn.pdbx_ptnr3_PDB_ins_code 
_struct_conn.details 
_struct_conn.pdbx_dist_value 
_struct_conn.pdbx_value_order 
_struct_conn.pdbx_role 
disulf1 disulf ? ? A CYS 49 SG ? ? ? 1_555 A CYS 148 SG ? ? A CYS 69  A CYS 168 1_555 ? ? ? ? ? ? ? 2.036 ? ? 
disulf2 disulf ? ? A CYS 92 SG ? ? ? 1_555 A CYS 114 SG ? ? A CYS 112 A CYS 134 1_555 ? ? ? ? ? ? ? 2.058 ? ? 
# 
_struct_conn_type.id          disulf 
_struct_conn_type.criteria    ? 
_struct_conn_type.reference   ? 
# 
loop_
_pdbx_modification_feature.ordinal 
_pdbx_modification_feature.label_comp_id 
_pdbx_modification_feature.label_asym_id 
_pdbx_modification_feature.label_seq_id 
_pdbx_modification_feature.label_alt_id 
_pdbx_modification_feature.modified_residue_label_comp_id 
_pdbx_modification_feature.modified_residue_label_asym_id 
_pdbx_modification_feature.modified_residue_label_seq_id 
_pdbx_modification_feature.modified_residue_label_alt_id 
_pdbx_modification_feature.auth_comp_id 
_pdbx_modification_feature.auth_asym_id 
_pdbx_modification_feature.auth_seq_id 
_pdbx_modification_feature.PDB_ins_code 
_pdbx_modification_feature.symmetry 
_pdbx_modification_feature.modified_residue_auth_comp_id 
_pdbx_modification_feature.modified_residue_auth_asym_id 
_pdbx_modification_feature.modified_residue_auth_seq_id 
_pdbx_modification_feature.modified_residue_PDB_ins_code 
_pdbx_modification_feature.modified_residue_symmetry 
_pdbx_modification_feature.comp_id_linking_atom 
_pdbx_modification_feature.modified_residue_id_linking_atom 
_pdbx_modification_feature.modified_residue_id 
_pdbx_modification_feature.ref_pcm_id 
_pdbx_modification_feature.ref_comp_id 
_pdbx_modification_feature.type 
_pdbx_modification_feature.category 
1 CYS A 49 ? CYS A 148 ? CYS A 69  ? 1_555 CYS A 168 ? 1_555 SG SG . . . None 'Disulfide bridge' 
2 CYS A 92 ? CYS A 114 ? CYS A 112 ? 1_555 CYS A 134 ? 1_555 SG SG . . . None 'Disulfide bridge' 
# 
loop_
_struct_mon_prot_cis.pdbx_id 
_struct_mon_prot_cis.label_comp_id 
_struct_mon_prot_cis.label_seq_id 
_struct_mon_prot_cis.label_asym_id 
_struct_mon_prot_cis.label_alt_id 
_struct_mon_prot_cis.pdbx_PDB_ins_code 
_struct_mon_prot_cis.auth_comp_id 
_struct_mon_prot_cis.auth_seq_id 
_struct_mon_prot_cis.auth_asym_id 
_struct_mon_prot_cis.pdbx_label_comp_id_2 
_struct_mon_prot_cis.pdbx_label_seq_id_2 
_struct_mon_prot_cis.pdbx_label_asym_id_2 
_struct_mon_prot_cis.pdbx_PDB_ins_code_2 
_struct_mon_prot_cis.pdbx_auth_comp_id_2 
_struct_mon_prot_cis.pdbx_auth_seq_id_2 
_struct_mon_prot_cis.pdbx_auth_asym_id_2 
_struct_mon_prot_cis.pdbx_PDB_model_num 
_struct_mon_prot_cis.pdbx_omega_angle 
1 LEU 27 A . ? LEU 47 A PRO 28 A ? PRO 48 A 1 3.25 
2 GLY 66 A . ? GLY 86 A PRO 67 A ? PRO 87 A 1 0.21 
# 
loop_
_struct_sheet.id 
_struct_sheet.type 
_struct_sheet.number_strands 
_struct_sheet.details 
AA ? 4 ? 
AB ? 5 ? 
# 
loop_
_struct_sheet_order.sheet_id 
_struct_sheet_order.range_id_1 
_struct_sheet_order.range_id_2 
_struct_sheet_order.offset 
_struct_sheet_order.sense 
AA 1 2 ? anti-parallel 
AA 2 3 ? anti-parallel 
AA 3 4 ? anti-parallel 
AB 1 2 ? anti-parallel 
AB 2 3 ? anti-parallel 
AB 3 4 ? anti-parallel 
AB 4 5 ? anti-parallel 
# 
loop_
_struct_sheet_range.sheet_id 
_struct_sheet_range.id 
_struct_sheet_range.beg_label_comp_id 
_struct_sheet_range.beg_label_asym_id 
_struct_sheet_range.beg_label_seq_id 
_struct_sheet_range.pdbx_beg_PDB_ins_code 
_struct_sheet_range.end_label_comp_id 
_struct_sheet_range.end_label_asym_id 
_struct_sheet_range.end_label_seq_id 
_struct_sheet_range.pdbx_end_PDB_ins_code 
_struct_sheet_range.beg_auth_comp_id 
_struct_sheet_range.beg_auth_asym_id 
_struct_sheet_range.beg_auth_seq_id 
_struct_sheet_range.end_auth_comp_id 
_struct_sheet_range.end_auth_asym_id 
_struct_sheet_range.end_auth_seq_id 
AA 1 VAL A 36  ? VAL A 38  ? VAL A 56  VAL A 58  
AA 2 VAL A 68  ? ASP A 72  ? VAL A 88  ASP A 92  
AA 3 GLY A 60  ? LYS A 64  ? GLY A 80  LYS A 84  
AA 4 ILE A 143 ? SER A 147 ? ILE A 163 SER A 167 
AB 1 PHE A 86  ? GLN A 88  ? PHE A 106 GLN A 108 
AB 2 VAL A 131 ? TRP A 134 ? VAL A 151 TRP A 154 
AB 3 ILE A 119 ? THR A 123 ? ILE A 139 THR A 143 
AB 4 LEU A 108 ? CYS A 114 ? LEU A 128 CYS A 134 
AB 5 VAL A 94  ? THR A 102 ? VAL A 114 THR A 122 
# 
loop_
_pdbx_struct_sheet_hbond.sheet_id 
_pdbx_struct_sheet_hbond.range_id_1 
_pdbx_struct_sheet_hbond.range_id_2 
_pdbx_struct_sheet_hbond.range_1_label_atom_id 
_pdbx_struct_sheet_hbond.range_1_label_comp_id 
_pdbx_struct_sheet_hbond.range_1_label_asym_id 
_pdbx_struct_sheet_hbond.range_1_label_seq_id 
_pdbx_struct_sheet_hbond.range_1_PDB_ins_code 
_pdbx_struct_sheet_hbond.range_1_auth_atom_id 
_pdbx_struct_sheet_hbond.range_1_auth_comp_id 
_pdbx_struct_sheet_hbond.range_1_auth_asym_id 
_pdbx_struct_sheet_hbond.range_1_auth_seq_id 
_pdbx_struct_sheet_hbond.range_2_label_atom_id 
_pdbx_struct_sheet_hbond.range_2_label_comp_id 
_pdbx_struct_sheet_hbond.range_2_label_asym_id 
_pdbx_struct_sheet_hbond.range_2_label_seq_id 
_pdbx_struct_sheet_hbond.range_2_PDB_ins_code 
_pdbx_struct_sheet_hbond.range_2_auth_atom_id 
_pdbx_struct_sheet_hbond.range_2_auth_comp_id 
_pdbx_struct_sheet_hbond.range_2_auth_asym_id 
_pdbx_struct_sheet_hbond.range_2_auth_seq_id 
AA 1 2 N VAL A 38  ? N VAL A 58  O PHE A 69  ? O PHE A 89  
AA 2 3 O GLN A 71  ? O GLN A 91  N GLY A 60  ? N GLY A 80  
AA 3 4 N VAL A 63  ? N VAL A 83  O ILE A 143 ? O ILE A 163 
AB 1 2 N LYS A 87  ? N LYS A 107 O LYS A 133 ? O LYS A 153 
AB 2 3 N TRP A 134 ? N TRP A 154 O ILE A 119 ? O ILE A 139 
AB 3 4 N LYS A 122 ? N LYS A 142 O HIS A 110 ? O HIS A 130 
AB 4 5 O VAL A 113 ? O VAL A 133 N THR A 95  ? N THR A 115 
# 
loop_
_struct_site.id 
_struct_site.pdbx_evidence_code 
_struct_site.pdbx_auth_asym_id 
_struct_site.pdbx_auth_comp_id 
_struct_site.pdbx_auth_seq_id 
_struct_site.pdbx_auth_ins_code 
_struct_site.pdbx_num_residues 
_struct_site.details 
AC1 Software A SGM 1171 ? 2 'BINDING SITE FOR RESIDUE SGM A 1171' 
AC2 Software A SO4 1172 ? 5 'BINDING SITE FOR RESIDUE SO4 A 1172' 
# 
loop_
_struct_site_gen.id 
_struct_site_gen.site_id 
_struct_site_gen.pdbx_num_res 
_struct_site_gen.label_comp_id 
_struct_site_gen.label_asym_id 
_struct_site_gen.label_seq_id 
_struct_site_gen.pdbx_auth_ins_code 
_struct_site_gen.auth_comp_id 
_struct_site_gen.auth_asym_id 
_struct_site_gen.auth_seq_id 
_struct_site_gen.label_atom_id 
_struct_site_gen.label_alt_id 
_struct_site_gen.symmetry 
_struct_site_gen.details 
1 AC1 2 CYS A 118 ? CYS A 138  . ? 1_555 ? 
2 AC1 2 HOH D .   ? HOH A 2087 . ? 1_555 ? 
3 AC2 5 LYS A 96  ? LYS A 116  . ? 1_555 ? 
4 AC2 5 ARG A 97  ? ARG A 117  . ? 1_555 ? 
5 AC2 5 HOH D .   ? HOH A 2070 . ? 1_555 ? 
6 AC2 5 HOH D .   ? HOH A 2071 . ? 1_555 ? 
7 AC2 5 HOH D .   ? HOH A 2088 . ? 1_555 ? 
# 
_pdbx_entry_details.entry_id                   3ZFU 
_pdbx_entry_details.compound_details           ? 
_pdbx_entry_details.source_details             ? 
_pdbx_entry_details.nonpolymer_details         ? 
_pdbx_entry_details.sequence_details           ? 
_pdbx_entry_details.has_ligand_of_interest     ? 
_pdbx_entry_details.has_protein_modification   Y 
# 
_pdbx_validate_close_contact.id               1 
_pdbx_validate_close_contact.PDB_model_num    1 
_pdbx_validate_close_contact.auth_atom_id_1   OE2 
_pdbx_validate_close_contact.auth_asym_id_1   A 
_pdbx_validate_close_contact.auth_comp_id_1   GLU 
_pdbx_validate_close_contact.auth_seq_id_1    104 
_pdbx_validate_close_contact.PDB_ins_code_1   ? 
_pdbx_validate_close_contact.label_alt_id_1   ? 
_pdbx_validate_close_contact.auth_atom_id_2   O 
_pdbx_validate_close_contact.auth_asym_id_2   A 
_pdbx_validate_close_contact.auth_comp_id_2   HOH 
_pdbx_validate_close_contact.auth_seq_id_2    2065 
_pdbx_validate_close_contact.PDB_ins_code_2   ? 
_pdbx_validate_close_contact.label_alt_id_2   ? 
_pdbx_validate_close_contact.dist             2.16 
# 
loop_
_pdbx_validate_rmsd_angle.id 
_pdbx_validate_rmsd_angle.PDB_model_num 
_pdbx_validate_rmsd_angle.auth_atom_id_1 
_pdbx_validate_rmsd_angle.auth_asym_id_1 
_pdbx_validate_rmsd_angle.auth_comp_id_1 
_pdbx_validate_rmsd_angle.auth_seq_id_1 
_pdbx_validate_rmsd_angle.PDB_ins_code_1 
_pdbx_validate_rmsd_angle.label_alt_id_1 
_pdbx_validate_rmsd_angle.auth_atom_id_2 
_pdbx_validate_rmsd_angle.auth_asym_id_2 
_pdbx_validate_rmsd_angle.auth_comp_id_2 
_pdbx_validate_rmsd_angle.auth_seq_id_2 
_pdbx_validate_rmsd_angle.PDB_ins_code_2 
_pdbx_validate_rmsd_angle.label_alt_id_2 
_pdbx_validate_rmsd_angle.auth_atom_id_3 
_pdbx_validate_rmsd_angle.auth_asym_id_3 
_pdbx_validate_rmsd_angle.auth_comp_id_3 
_pdbx_validate_rmsd_angle.auth_seq_id_3 
_pdbx_validate_rmsd_angle.PDB_ins_code_3 
_pdbx_validate_rmsd_angle.label_alt_id_3 
_pdbx_validate_rmsd_angle.angle_value 
_pdbx_validate_rmsd_angle.angle_target_value 
_pdbx_validate_rmsd_angle.angle_deviation 
_pdbx_validate_rmsd_angle.angle_standard_deviation 
_pdbx_validate_rmsd_angle.linker_flag 
1 1 NE A ARG 51  ? ? CZ A ARG 51  ? ? NH1 A ARG 51  ? ? 124.29 120.30 3.99  0.50 N 
2 1 NE A ARG 51  ? ? CZ A ARG 51  ? ? NH2 A ARG 51  ? ? 116.73 120.30 -3.57 0.50 N 
3 1 NE A ARG 117 ? ? CZ A ARG 117 ? ? NH2 A ARG 117 ? ? 116.09 120.30 -4.21 0.50 N 
# 
_pdbx_validate_torsion.id              1 
_pdbx_validate_torsion.PDB_model_num   1 
_pdbx_validate_torsion.auth_comp_id    LEU 
_pdbx_validate_torsion.auth_asym_id    A 
_pdbx_validate_torsion.auth_seq_id     75 
_pdbx_validate_torsion.PDB_ins_code    ? 
_pdbx_validate_torsion.label_alt_id    ? 
_pdbx_validate_torsion.phi             122.39 
_pdbx_validate_torsion.psi             -47.36 
# 
_pdbx_distant_solvent_atoms.id                                1 
_pdbx_distant_solvent_atoms.PDB_model_num                     1 
_pdbx_distant_solvent_atoms.auth_atom_id                      O 
_pdbx_distant_solvent_atoms.label_alt_id                      ? 
_pdbx_distant_solvent_atoms.auth_asym_id                      A 
_pdbx_distant_solvent_atoms.auth_comp_id                      HOH 
_pdbx_distant_solvent_atoms.auth_seq_id                       2002 
_pdbx_distant_solvent_atoms.PDB_ins_code                      ? 
_pdbx_distant_solvent_atoms.neighbor_macromolecule_distance   6.48 
_pdbx_distant_solvent_atoms.neighbor_ligand_distance          . 
# 
loop_
_pdbx_unobs_or_zero_occ_residues.id 
_pdbx_unobs_or_zero_occ_residues.PDB_model_num 
_pdbx_unobs_or_zero_occ_residues.polymer_flag 
_pdbx_unobs_or_zero_occ_residues.occupancy_flag 
_pdbx_unobs_or_zero_occ_residues.auth_asym_id 
_pdbx_unobs_or_zero_occ_residues.auth_comp_id 
_pdbx_unobs_or_zero_occ_residues.auth_seq_id 
_pdbx_unobs_or_zero_occ_residues.PDB_ins_code 
_pdbx_unobs_or_zero_occ_residues.label_asym_id 
_pdbx_unobs_or_zero_occ_residues.label_comp_id 
_pdbx_unobs_or_zero_occ_residues.label_seq_id 
1  1 Y 1 A ASP 171 ? A ASP 151 
2  1 Y 1 A LYS 172 ? A LYS 152 
3  1 Y 1 A LEU 173 ? A LEU 153 
4  1 Y 1 A ALA 174 ? A ALA 154 
5  1 Y 1 A ALA 175 ? A ALA 155 
6  1 Y 1 A ALA 176 ? A ALA 156 
7  1 Y 1 A LEU 177 ? A LEU 157 
8  1 Y 1 A GLU 178 ? A GLU 158 
9  1 Y 1 A HIS 179 ? A HIS 159 
10 1 Y 1 A HIS 180 ? A HIS 160 
11 1 Y 1 A HIS 181 ? A HIS 161 
12 1 Y 1 A HIS 182 ? A HIS 162 
13 1 Y 1 A HIS 183 ? A HIS 163 
14 1 Y 1 A HIS 184 ? A HIS 164 
# 
loop_
_chem_comp_atom.comp_id 
_chem_comp_atom.atom_id 
_chem_comp_atom.type_symbol 
_chem_comp_atom.pdbx_aromatic_flag 
_chem_comp_atom.pdbx_stereo_config 
_chem_comp_atom.pdbx_ordinal 
ALA N    N N N 1   
ALA CA   C N S 2   
ALA C    C N N 3   
ALA O    O N N 4   
ALA CB   C N N 5   
ALA OXT  O N N 6   
ALA H    H N N 7   
ALA H2   H N N 8   
ALA HA   H N N 9   
ALA HB1  H N N 10  
ALA HB2  H N N 11  
ALA HB3  H N N 12  
ALA HXT  H N N 13  
ARG N    N N N 14  
ARG CA   C N S 15  
ARG C    C N N 16  
ARG O    O N N 17  
ARG CB   C N N 18  
ARG CG   C N N 19  
ARG CD   C N N 20  
ARG NE   N N N 21  
ARG CZ   C N N 22  
ARG NH1  N N N 23  
ARG NH2  N N N 24  
ARG OXT  O N N 25  
ARG H    H N N 26  
ARG H2   H N N 27  
ARG HA   H N N 28  
ARG HB2  H N N 29  
ARG HB3  H N N 30  
ARG HG2  H N N 31  
ARG HG3  H N N 32  
ARG HD2  H N N 33  
ARG HD3  H N N 34  
ARG HE   H N N 35  
ARG HH11 H N N 36  
ARG HH12 H N N 37  
ARG HH21 H N N 38  
ARG HH22 H N N 39  
ARG HXT  H N N 40  
ASN N    N N N 41  
ASN CA   C N S 42  
ASN C    C N N 43  
ASN O    O N N 44  
ASN CB   C N N 45  
ASN CG   C N N 46  
ASN OD1  O N N 47  
ASN ND2  N N N 48  
ASN OXT  O N N 49  
ASN H    H N N 50  
ASN H2   H N N 51  
ASN HA   H N N 52  
ASN HB2  H N N 53  
ASN HB3  H N N 54  
ASN HD21 H N N 55  
ASN HD22 H N N 56  
ASN HXT  H N N 57  
ASP N    N N N 58  
ASP CA   C N S 59  
ASP C    C N N 60  
ASP O    O N N 61  
ASP CB   C N N 62  
ASP CG   C N N 63  
ASP OD1  O N N 64  
ASP OD2  O N N 65  
ASP OXT  O N N 66  
ASP H    H N N 67  
ASP H2   H N N 68  
ASP HA   H N N 69  
ASP HB2  H N N 70  
ASP HB3  H N N 71  
ASP HD2  H N N 72  
ASP HXT  H N N 73  
CYS N    N N N 74  
CYS CA   C N R 75  
CYS C    C N N 76  
CYS O    O N N 77  
CYS CB   C N N 78  
CYS SG   S N N 79  
CYS OXT  O N N 80  
CYS H    H N N 81  
CYS H2   H N N 82  
CYS HA   H N N 83  
CYS HB2  H N N 84  
CYS HB3  H N N 85  
CYS HG   H N N 86  
CYS HXT  H N N 87  
GLN N    N N N 88  
GLN CA   C N S 89  
GLN C    C N N 90  
GLN O    O N N 91  
GLN CB   C N N 92  
GLN CG   C N N 93  
GLN CD   C N N 94  
GLN OE1  O N N 95  
GLN NE2  N N N 96  
GLN OXT  O N N 97  
GLN H    H N N 98  
GLN H2   H N N 99  
GLN HA   H N N 100 
GLN HB2  H N N 101 
GLN HB3  H N N 102 
GLN HG2  H N N 103 
GLN HG3  H N N 104 
GLN HE21 H N N 105 
GLN HE22 H N N 106 
GLN HXT  H N N 107 
GLU N    N N N 108 
GLU CA   C N S 109 
GLU C    C N N 110 
GLU O    O N N 111 
GLU CB   C N N 112 
GLU CG   C N N 113 
GLU CD   C N N 114 
GLU OE1  O N N 115 
GLU OE2  O N N 116 
GLU OXT  O N N 117 
GLU H    H N N 118 
GLU H2   H N N 119 
GLU HA   H N N 120 
GLU HB2  H N N 121 
GLU HB3  H N N 122 
GLU HG2  H N N 123 
GLU HG3  H N N 124 
GLU HE2  H N N 125 
GLU HXT  H N N 126 
GLY N    N N N 127 
GLY CA   C N N 128 
GLY C    C N N 129 
GLY O    O N N 130 
GLY OXT  O N N 131 
GLY H    H N N 132 
GLY H2   H N N 133 
GLY HA2  H N N 134 
GLY HA3  H N N 135 
GLY HXT  H N N 136 
HIS N    N N N 137 
HIS CA   C N S 138 
HIS C    C N N 139 
HIS O    O N N 140 
HIS CB   C N N 141 
HIS CG   C Y N 142 
HIS ND1  N Y N 143 
HIS CD2  C Y N 144 
HIS CE1  C Y N 145 
HIS NE2  N Y N 146 
HIS OXT  O N N 147 
HIS H    H N N 148 
HIS H2   H N N 149 
HIS HA   H N N 150 
HIS HB2  H N N 151 
HIS HB3  H N N 152 
HIS HD1  H N N 153 
HIS HD2  H N N 154 
HIS HE1  H N N 155 
HIS HE2  H N N 156 
HIS HXT  H N N 157 
HOH O    O N N 158 
HOH H1   H N N 159 
HOH H2   H N N 160 
ILE N    N N N 161 
ILE CA   C N S 162 
ILE C    C N N 163 
ILE O    O N N 164 
ILE CB   C N S 165 
ILE CG1  C N N 166 
ILE CG2  C N N 167 
ILE CD1  C N N 168 
ILE OXT  O N N 169 
ILE H    H N N 170 
ILE H2   H N N 171 
ILE HA   H N N 172 
ILE HB   H N N 173 
ILE HG12 H N N 174 
ILE HG13 H N N 175 
ILE HG21 H N N 176 
ILE HG22 H N N 177 
ILE HG23 H N N 178 
ILE HD11 H N N 179 
ILE HD12 H N N 180 
ILE HD13 H N N 181 
ILE HXT  H N N 182 
LEU N    N N N 183 
LEU CA   C N S 184 
LEU C    C N N 185 
LEU O    O N N 186 
LEU CB   C N N 187 
LEU CG   C N N 188 
LEU CD1  C N N 189 
LEU CD2  C N N 190 
LEU OXT  O N N 191 
LEU H    H N N 192 
LEU H2   H N N 193 
LEU HA   H N N 194 
LEU HB2  H N N 195 
LEU HB3  H N N 196 
LEU HG   H N N 197 
LEU HD11 H N N 198 
LEU HD12 H N N 199 
LEU HD13 H N N 200 
LEU HD21 H N N 201 
LEU HD22 H N N 202 
LEU HD23 H N N 203 
LEU HXT  H N N 204 
LYS N    N N N 205 
LYS CA   C N S 206 
LYS C    C N N 207 
LYS O    O N N 208 
LYS CB   C N N 209 
LYS CG   C N N 210 
LYS CD   C N N 211 
LYS CE   C N N 212 
LYS NZ   N N N 213 
LYS OXT  O N N 214 
LYS H    H N N 215 
LYS H2   H N N 216 
LYS HA   H N N 217 
LYS HB2  H N N 218 
LYS HB3  H N N 219 
LYS HG2  H N N 220 
LYS HG3  H N N 221 
LYS HD2  H N N 222 
LYS HD3  H N N 223 
LYS HE2  H N N 224 
LYS HE3  H N N 225 
LYS HZ1  H N N 226 
LYS HZ2  H N N 227 
LYS HZ3  H N N 228 
LYS HXT  H N N 229 
MET N    N N N 230 
MET CA   C N S 231 
MET C    C N N 232 
MET O    O N N 233 
MET CB   C N N 234 
MET CG   C N N 235 
MET SD   S N N 236 
MET CE   C N N 237 
MET OXT  O N N 238 
MET H    H N N 239 
MET H2   H N N 240 
MET HA   H N N 241 
MET HB2  H N N 242 
MET HB3  H N N 243 
MET HG2  H N N 244 
MET HG3  H N N 245 
MET HE1  H N N 246 
MET HE2  H N N 247 
MET HE3  H N N 248 
MET HXT  H N N 249 
PHE N    N N N 250 
PHE CA   C N S 251 
PHE C    C N N 252 
PHE O    O N N 253 
PHE CB   C N N 254 
PHE CG   C Y N 255 
PHE CD1  C Y N 256 
PHE CD2  C Y N 257 
PHE CE1  C Y N 258 
PHE CE2  C Y N 259 
PHE CZ   C Y N 260 
PHE OXT  O N N 261 
PHE H    H N N 262 
PHE H2   H N N 263 
PHE HA   H N N 264 
PHE HB2  H N N 265 
PHE HB3  H N N 266 
PHE HD1  H N N 267 
PHE HD2  H N N 268 
PHE HE1  H N N 269 
PHE HE2  H N N 270 
PHE HZ   H N N 271 
PHE HXT  H N N 272 
PRO N    N N N 273 
PRO CA   C N S 274 
PRO C    C N N 275 
PRO O    O N N 276 
PRO CB   C N N 277 
PRO CG   C N N 278 
PRO CD   C N N 279 
PRO OXT  O N N 280 
PRO H    H N N 281 
PRO HA   H N N 282 
PRO HB2  H N N 283 
PRO HB3  H N N 284 
PRO HG2  H N N 285 
PRO HG3  H N N 286 
PRO HD2  H N N 287 
PRO HD3  H N N 288 
PRO HXT  H N N 289 
SER N    N N N 290 
SER CA   C N S 291 
SER C    C N N 292 
SER O    O N N 293 
SER CB   C N N 294 
SER OG   O N N 295 
SER OXT  O N N 296 
SER H    H N N 297 
SER H2   H N N 298 
SER HA   H N N 299 
SER HB2  H N N 300 
SER HB3  H N N 301 
SER HG   H N N 302 
SER HXT  H N N 303 
SGM C1   C N N 304 
SGM C2   C N R 305 
SGM O2   O N N 306 
SGM C3   C N N 307 
SGM O3   O N N 308 
SGM S1   S N N 309 
SGM H11  H N N 310 
SGM H12  H N N 311 
SGM H2   H N N 312 
SGM HO2  H N N 313 
SGM H31  H N N 314 
SGM H32  H N N 315 
SGM HO3  H N N 316 
SGM HS1  H N N 317 
SO4 S    S N N 318 
SO4 O1   O N N 319 
SO4 O2   O N N 320 
SO4 O3   O N N 321 
SO4 O4   O N N 322 
THR N    N N N 323 
THR CA   C N S 324 
THR C    C N N 325 
THR O    O N N 326 
THR CB   C N R 327 
THR OG1  O N N 328 
THR CG2  C N N 329 
THR OXT  O N N 330 
THR H    H N N 331 
THR H2   H N N 332 
THR HA   H N N 333 
THR HB   H N N 334 
THR HG1  H N N 335 
THR HG21 H N N 336 
THR HG22 H N N 337 
THR HG23 H N N 338 
THR HXT  H N N 339 
TRP N    N N N 340 
TRP CA   C N S 341 
TRP C    C N N 342 
TRP O    O N N 343 
TRP CB   C N N 344 
TRP CG   C Y N 345 
TRP CD1  C Y N 346 
TRP CD2  C Y N 347 
TRP NE1  N Y N 348 
TRP CE2  C Y N 349 
TRP CE3  C Y N 350 
TRP CZ2  C Y N 351 
TRP CZ3  C Y N 352 
TRP CH2  C Y N 353 
TRP OXT  O N N 354 
TRP H    H N N 355 
TRP H2   H N N 356 
TRP HA   H N N 357 
TRP HB2  H N N 358 
TRP HB3  H N N 359 
TRP HD1  H N N 360 
TRP HE1  H N N 361 
TRP HE3  H N N 362 
TRP HZ2  H N N 363 
TRP HZ3  H N N 364 
TRP HH2  H N N 365 
TRP HXT  H N N 366 
TYR N    N N N 367 
TYR CA   C N S 368 
TYR C    C N N 369 
TYR O    O N N 370 
TYR CB   C N N 371 
TYR CG   C Y N 372 
TYR CD1  C Y N 373 
TYR CD2  C Y N 374 
TYR CE1  C Y N 375 
TYR CE2  C Y N 376 
TYR CZ   C Y N 377 
TYR OH   O N N 378 
TYR OXT  O N N 379 
TYR H    H N N 380 
TYR H2   H N N 381 
TYR HA   H N N 382 
TYR HB2  H N N 383 
TYR HB3  H N N 384 
TYR HD1  H N N 385 
TYR HD2  H N N 386 
TYR HE1  H N N 387 
TYR HE2  H N N 388 
TYR HH   H N N 389 
TYR HXT  H N N 390 
VAL N    N N N 391 
VAL CA   C N S 392 
VAL C    C N N 393 
VAL O    O N N 394 
VAL CB   C N N 395 
VAL CG1  C N N 396 
VAL CG2  C N N 397 
VAL OXT  O N N 398 
VAL H    H N N 399 
VAL H2   H N N 400 
VAL HA   H N N 401 
VAL HB   H N N 402 
VAL HG11 H N N 403 
VAL HG12 H N N 404 
VAL HG13 H N N 405 
VAL HG21 H N N 406 
VAL HG22 H N N 407 
VAL HG23 H N N 408 
VAL HXT  H N N 409 
# 
loop_
_chem_comp_bond.comp_id 
_chem_comp_bond.atom_id_1 
_chem_comp_bond.atom_id_2 
_chem_comp_bond.value_order 
_chem_comp_bond.pdbx_aromatic_flag 
_chem_comp_bond.pdbx_stereo_config 
_chem_comp_bond.pdbx_ordinal 
ALA N   CA   sing N N 1   
ALA N   H    sing N N 2   
ALA N   H2   sing N N 3   
ALA CA  C    sing N N 4   
ALA CA  CB   sing N N 5   
ALA CA  HA   sing N N 6   
ALA C   O    doub N N 7   
ALA C   OXT  sing N N 8   
ALA CB  HB1  sing N N 9   
ALA CB  HB2  sing N N 10  
ALA CB  HB3  sing N N 11  
ALA OXT HXT  sing N N 12  
ARG N   CA   sing N N 13  
ARG N   H    sing N N 14  
ARG N   H2   sing N N 15  
ARG CA  C    sing N N 16  
ARG CA  CB   sing N N 17  
ARG CA  HA   sing N N 18  
ARG C   O    doub N N 19  
ARG C   OXT  sing N N 20  
ARG CB  CG   sing N N 21  
ARG CB  HB2  sing N N 22  
ARG CB  HB3  sing N N 23  
ARG CG  CD   sing N N 24  
ARG CG  HG2  sing N N 25  
ARG CG  HG3  sing N N 26  
ARG CD  NE   sing N N 27  
ARG CD  HD2  sing N N 28  
ARG CD  HD3  sing N N 29  
ARG NE  CZ   sing N N 30  
ARG NE  HE   sing N N 31  
ARG CZ  NH1  sing N N 32  
ARG CZ  NH2  doub N N 33  
ARG NH1 HH11 sing N N 34  
ARG NH1 HH12 sing N N 35  
ARG NH2 HH21 sing N N 36  
ARG NH2 HH22 sing N N 37  
ARG OXT HXT  sing N N 38  
ASN N   CA   sing N N 39  
ASN N   H    sing N N 40  
ASN N   H2   sing N N 41  
ASN CA  C    sing N N 42  
ASN CA  CB   sing N N 43  
ASN CA  HA   sing N N 44  
ASN C   O    doub N N 45  
ASN C   OXT  sing N N 46  
ASN CB  CG   sing N N 47  
ASN CB  HB2  sing N N 48  
ASN CB  HB3  sing N N 49  
ASN CG  OD1  doub N N 50  
ASN CG  ND2  sing N N 51  
ASN ND2 HD21 sing N N 52  
ASN ND2 HD22 sing N N 53  
ASN OXT HXT  sing N N 54  
ASP N   CA   sing N N 55  
ASP N   H    sing N N 56  
ASP N   H2   sing N N 57  
ASP CA  C    sing N N 58  
ASP CA  CB   sing N N 59  
ASP CA  HA   sing N N 60  
ASP C   O    doub N N 61  
ASP C   OXT  sing N N 62  
ASP CB  CG   sing N N 63  
ASP CB  HB2  sing N N 64  
ASP CB  HB3  sing N N 65  
ASP CG  OD1  doub N N 66  
ASP CG  OD2  sing N N 67  
ASP OD2 HD2  sing N N 68  
ASP OXT HXT  sing N N 69  
CYS N   CA   sing N N 70  
CYS N   H    sing N N 71  
CYS N   H2   sing N N 72  
CYS CA  C    sing N N 73  
CYS CA  CB   sing N N 74  
CYS CA  HA   sing N N 75  
CYS C   O    doub N N 76  
CYS C   OXT  sing N N 77  
CYS CB  SG   sing N N 78  
CYS CB  HB2  sing N N 79  
CYS CB  HB3  sing N N 80  
CYS SG  HG   sing N N 81  
CYS OXT HXT  sing N N 82  
GLN N   CA   sing N N 83  
GLN N   H    sing N N 84  
GLN N   H2   sing N N 85  
GLN CA  C    sing N N 86  
GLN CA  CB   sing N N 87  
GLN CA  HA   sing N N 88  
GLN C   O    doub N N 89  
GLN C   OXT  sing N N 90  
GLN CB  CG   sing N N 91  
GLN CB  HB2  sing N N 92  
GLN CB  HB3  sing N N 93  
GLN CG  CD   sing N N 94  
GLN CG  HG2  sing N N 95  
GLN CG  HG3  sing N N 96  
GLN CD  OE1  doub N N 97  
GLN CD  NE2  sing N N 98  
GLN NE2 HE21 sing N N 99  
GLN NE2 HE22 sing N N 100 
GLN OXT HXT  sing N N 101 
GLU N   CA   sing N N 102 
GLU N   H    sing N N 103 
GLU N   H2   sing N N 104 
GLU CA  C    sing N N 105 
GLU CA  CB   sing N N 106 
GLU CA  HA   sing N N 107 
GLU C   O    doub N N 108 
GLU C   OXT  sing N N 109 
GLU CB  CG   sing N N 110 
GLU CB  HB2  sing N N 111 
GLU CB  HB3  sing N N 112 
GLU CG  CD   sing N N 113 
GLU CG  HG2  sing N N 114 
GLU CG  HG3  sing N N 115 
GLU CD  OE1  doub N N 116 
GLU CD  OE2  sing N N 117 
GLU OE2 HE2  sing N N 118 
GLU OXT HXT  sing N N 119 
GLY N   CA   sing N N 120 
GLY N   H    sing N N 121 
GLY N   H2   sing N N 122 
GLY CA  C    sing N N 123 
GLY CA  HA2  sing N N 124 
GLY CA  HA3  sing N N 125 
GLY C   O    doub N N 126 
GLY C   OXT  sing N N 127 
GLY OXT HXT  sing N N 128 
HIS N   CA   sing N N 129 
HIS N   H    sing N N 130 
HIS N   H2   sing N N 131 
HIS CA  C    sing N N 132 
HIS CA  CB   sing N N 133 
HIS CA  HA   sing N N 134 
HIS C   O    doub N N 135 
HIS C   OXT  sing N N 136 
HIS CB  CG   sing N N 137 
HIS CB  HB2  sing N N 138 
HIS CB  HB3  sing N N 139 
HIS CG  ND1  sing Y N 140 
HIS CG  CD2  doub Y N 141 
HIS ND1 CE1  doub Y N 142 
HIS ND1 HD1  sing N N 143 
HIS CD2 NE2  sing Y N 144 
HIS CD2 HD2  sing N N 145 
HIS CE1 NE2  sing Y N 146 
HIS CE1 HE1  sing N N 147 
HIS NE2 HE2  sing N N 148 
HIS OXT HXT  sing N N 149 
HOH O   H1   sing N N 150 
HOH O   H2   sing N N 151 
ILE N   CA   sing N N 152 
ILE N   H    sing N N 153 
ILE N   H2   sing N N 154 
ILE CA  C    sing N N 155 
ILE CA  CB   sing N N 156 
ILE CA  HA   sing N N 157 
ILE C   O    doub N N 158 
ILE C   OXT  sing N N 159 
ILE CB  CG1  sing N N 160 
ILE CB  CG2  sing N N 161 
ILE CB  HB   sing N N 162 
ILE CG1 CD1  sing N N 163 
ILE CG1 HG12 sing N N 164 
ILE CG1 HG13 sing N N 165 
ILE CG2 HG21 sing N N 166 
ILE CG2 HG22 sing N N 167 
ILE CG2 HG23 sing N N 168 
ILE CD1 HD11 sing N N 169 
ILE CD1 HD12 sing N N 170 
ILE CD1 HD13 sing N N 171 
ILE OXT HXT  sing N N 172 
LEU N   CA   sing N N 173 
LEU N   H    sing N N 174 
LEU N   H2   sing N N 175 
LEU CA  C    sing N N 176 
LEU CA  CB   sing N N 177 
LEU CA  HA   sing N N 178 
LEU C   O    doub N N 179 
LEU C   OXT  sing N N 180 
LEU CB  CG   sing N N 181 
LEU CB  HB2  sing N N 182 
LEU CB  HB3  sing N N 183 
LEU CG  CD1  sing N N 184 
LEU CG  CD2  sing N N 185 
LEU CG  HG   sing N N 186 
LEU CD1 HD11 sing N N 187 
LEU CD1 HD12 sing N N 188 
LEU CD1 HD13 sing N N 189 
LEU CD2 HD21 sing N N 190 
LEU CD2 HD22 sing N N 191 
LEU CD2 HD23 sing N N 192 
LEU OXT HXT  sing N N 193 
LYS N   CA   sing N N 194 
LYS N   H    sing N N 195 
LYS N   H2   sing N N 196 
LYS CA  C    sing N N 197 
LYS CA  CB   sing N N 198 
LYS CA  HA   sing N N 199 
LYS C   O    doub N N 200 
LYS C   OXT  sing N N 201 
LYS CB  CG   sing N N 202 
LYS CB  HB2  sing N N 203 
LYS CB  HB3  sing N N 204 
LYS CG  CD   sing N N 205 
LYS CG  HG2  sing N N 206 
LYS CG  HG3  sing N N 207 
LYS CD  CE   sing N N 208 
LYS CD  HD2  sing N N 209 
LYS CD  HD3  sing N N 210 
LYS CE  NZ   sing N N 211 
LYS CE  HE2  sing N N 212 
LYS CE  HE3  sing N N 213 
LYS NZ  HZ1  sing N N 214 
LYS NZ  HZ2  sing N N 215 
LYS NZ  HZ3  sing N N 216 
LYS OXT HXT  sing N N 217 
MET N   CA   sing N N 218 
MET N   H    sing N N 219 
MET N   H2   sing N N 220 
MET CA  C    sing N N 221 
MET CA  CB   sing N N 222 
MET CA  HA   sing N N 223 
MET C   O    doub N N 224 
MET C   OXT  sing N N 225 
MET CB  CG   sing N N 226 
MET CB  HB2  sing N N 227 
MET CB  HB3  sing N N 228 
MET CG  SD   sing N N 229 
MET CG  HG2  sing N N 230 
MET CG  HG3  sing N N 231 
MET SD  CE   sing N N 232 
MET CE  HE1  sing N N 233 
MET CE  HE2  sing N N 234 
MET CE  HE3  sing N N 235 
MET OXT HXT  sing N N 236 
PHE N   CA   sing N N 237 
PHE N   H    sing N N 238 
PHE N   H2   sing N N 239 
PHE CA  C    sing N N 240 
PHE CA  CB   sing N N 241 
PHE CA  HA   sing N N 242 
PHE C   O    doub N N 243 
PHE C   OXT  sing N N 244 
PHE CB  CG   sing N N 245 
PHE CB  HB2  sing N N 246 
PHE CB  HB3  sing N N 247 
PHE CG  CD1  doub Y N 248 
PHE CG  CD2  sing Y N 249 
PHE CD1 CE1  sing Y N 250 
PHE CD1 HD1  sing N N 251 
PHE CD2 CE2  doub Y N 252 
PHE CD2 HD2  sing N N 253 
PHE CE1 CZ   doub Y N 254 
PHE CE1 HE1  sing N N 255 
PHE CE2 CZ   sing Y N 256 
PHE CE2 HE2  sing N N 257 
PHE CZ  HZ   sing N N 258 
PHE OXT HXT  sing N N 259 
PRO N   CA   sing N N 260 
PRO N   CD   sing N N 261 
PRO N   H    sing N N 262 
PRO CA  C    sing N N 263 
PRO CA  CB   sing N N 264 
PRO CA  HA   sing N N 265 
PRO C   O    doub N N 266 
PRO C   OXT  sing N N 267 
PRO CB  CG   sing N N 268 
PRO CB  HB2  sing N N 269 
PRO CB  HB3  sing N N 270 
PRO CG  CD   sing N N 271 
PRO CG  HG2  sing N N 272 
PRO CG  HG3  sing N N 273 
PRO CD  HD2  sing N N 274 
PRO CD  HD3  sing N N 275 
PRO OXT HXT  sing N N 276 
SER N   CA   sing N N 277 
SER N   H    sing N N 278 
SER N   H2   sing N N 279 
SER CA  C    sing N N 280 
SER CA  CB   sing N N 281 
SER CA  HA   sing N N 282 
SER C   O    doub N N 283 
SER C   OXT  sing N N 284 
SER CB  OG   sing N N 285 
SER CB  HB2  sing N N 286 
SER CB  HB3  sing N N 287 
SER OG  HG   sing N N 288 
SER OXT HXT  sing N N 289 
SGM C1  C2   sing N N 290 
SGM C1  S1   sing N N 291 
SGM C1  H11  sing N N 292 
SGM C1  H12  sing N N 293 
SGM C2  O2   sing N N 294 
SGM C2  C3   sing N N 295 
SGM C2  H2   sing N N 296 
SGM O2  HO2  sing N N 297 
SGM C3  O3   sing N N 298 
SGM C3  H31  sing N N 299 
SGM C3  H32  sing N N 300 
SGM O3  HO3  sing N N 301 
SGM S1  HS1  sing N N 302 
SO4 S   O1   doub N N 303 
SO4 S   O2   doub N N 304 
SO4 S   O3   sing N N 305 
SO4 S   O4   sing N N 306 
THR N   CA   sing N N 307 
THR N   H    sing N N 308 
THR N   H2   sing N N 309 
THR CA  C    sing N N 310 
THR CA  CB   sing N N 311 
THR CA  HA   sing N N 312 
THR C   O    doub N N 313 
THR C   OXT  sing N N 314 
THR CB  OG1  sing N N 315 
THR CB  CG2  sing N N 316 
THR CB  HB   sing N N 317 
THR OG1 HG1  sing N N 318 
THR CG2 HG21 sing N N 319 
THR CG2 HG22 sing N N 320 
THR CG2 HG23 sing N N 321 
THR OXT HXT  sing N N 322 
TRP N   CA   sing N N 323 
TRP N   H    sing N N 324 
TRP N   H2   sing N N 325 
TRP CA  C    sing N N 326 
TRP CA  CB   sing N N 327 
TRP CA  HA   sing N N 328 
TRP C   O    doub N N 329 
TRP C   OXT  sing N N 330 
TRP CB  CG   sing N N 331 
TRP CB  HB2  sing N N 332 
TRP CB  HB3  sing N N 333 
TRP CG  CD1  doub Y N 334 
TRP CG  CD2  sing Y N 335 
TRP CD1 NE1  sing Y N 336 
TRP CD1 HD1  sing N N 337 
TRP CD2 CE2  doub Y N 338 
TRP CD2 CE3  sing Y N 339 
TRP NE1 CE2  sing Y N 340 
TRP NE1 HE1  sing N N 341 
TRP CE2 CZ2  sing Y N 342 
TRP CE3 CZ3  doub Y N 343 
TRP CE3 HE3  sing N N 344 
TRP CZ2 CH2  doub Y N 345 
TRP CZ2 HZ2  sing N N 346 
TRP CZ3 CH2  sing Y N 347 
TRP CZ3 HZ3  sing N N 348 
TRP CH2 HH2  sing N N 349 
TRP OXT HXT  sing N N 350 
TYR N   CA   sing N N 351 
TYR N   H    sing N N 352 
TYR N   H2   sing N N 353 
TYR CA  C    sing N N 354 
TYR CA  CB   sing N N 355 
TYR CA  HA   sing N N 356 
TYR C   O    doub N N 357 
TYR C   OXT  sing N N 358 
TYR CB  CG   sing N N 359 
TYR CB  HB2  sing N N 360 
TYR CB  HB3  sing N N 361 
TYR CG  CD1  doub Y N 362 
TYR CG  CD2  sing Y N 363 
TYR CD1 CE1  sing Y N 364 
TYR CD1 HD1  sing N N 365 
TYR CD2 CE2  doub Y N 366 
TYR CD2 HD2  sing N N 367 
TYR CE1 CZ   doub Y N 368 
TYR CE1 HE1  sing N N 369 
TYR CE2 CZ   sing Y N 370 
TYR CE2 HE2  sing N N 371 
TYR CZ  OH   sing N N 372 
TYR OH  HH   sing N N 373 
TYR OXT HXT  sing N N 374 
VAL N   CA   sing N N 375 
VAL N   H    sing N N 376 
VAL N   H2   sing N N 377 
VAL CA  C    sing N N 378 
VAL CA  CB   sing N N 379 
VAL CA  HA   sing N N 380 
VAL C   O    doub N N 381 
VAL C   OXT  sing N N 382 
VAL CB  CG1  sing N N 383 
VAL CB  CG2  sing N N 384 
VAL CB  HB   sing N N 385 
VAL CG1 HG11 sing N N 386 
VAL CG1 HG12 sing N N 387 
VAL CG1 HG13 sing N N 388 
VAL CG2 HG21 sing N N 389 
VAL CG2 HG22 sing N N 390 
VAL CG2 HG23 sing N N 391 
VAL OXT HXT  sing N N 392 
# 
_pdbx_initial_refinement_model.id               1 
_pdbx_initial_refinement_model.entity_id_list   ? 
_pdbx_initial_refinement_model.type             'experimental model' 
_pdbx_initial_refinement_model.source_name      PDB 
_pdbx_initial_refinement_model.accession_code   3ZFN 
_pdbx_initial_refinement_model.details          'PDB ENTRY 3ZFN' 
# 
_atom_sites.entry_id                    3ZFU 
_atom_sites.fract_transf_matrix[1][1]   -0.00552310 
_atom_sites.fract_transf_matrix[1][2]   -0.01974361 
_atom_sites.fract_transf_matrix[1][3]   -0.01140562 
_atom_sites.fract_transf_matrix[2][1]   -0.01302976 
_atom_sites.fract_transf_matrix[2][2]   0.01290026 
_atom_sites.fract_transf_matrix[2][3]   -0.01602132 
_atom_sites.fract_transf_matrix[3][1]   0.01682028 
_atom_sites.fract_transf_matrix[3][2]   -0.00059290 
_atom_sites.fract_transf_matrix[3][3]   -0.01415693 
_atom_sites.fract_transf_vector[1]      0.460790 
_atom_sites.fract_transf_vector[2]      -0.009547 
_atom_sites.fract_transf_vector[3]      0.248395 
# 
loop_
_atom_type.symbol 
C 
N 
O 
S 
# 
loop_
_atom_site.group_PDB 
_atom_site.id 
_atom_site.type_symbol 
_atom_site.label_atom_id 
_atom_site.label_alt_id 
_atom_site.label_comp_id 
_atom_site.label_asym_id 
_atom_site.label_entity_id 
_atom_site.label_seq_id 
_atom_site.pdbx_PDB_ins_code 
_atom_site.Cartn_x 
_atom_site.Cartn_y 
_atom_site.Cartn_z 
_atom_site.occupancy 
_atom_site.B_iso_or_equiv 
_atom_site.pdbx_formal_charge 
_atom_site.auth_seq_id 
_atom_site.auth_comp_id 
_atom_site.auth_asym_id 
_atom_site.auth_atom_id 
_atom_site.pdbx_PDB_model_num 
ATOM   1    N N   . MET A 1 1   ? -6.922  -1.341  -16.522 1.00 40.29  ? 21   MET A N   1 
ATOM   2    C CA  . MET A 1 1   ? -6.219  -1.738  -15.292 1.00 35.73  ? 21   MET A CA  1 
ATOM   3    C C   . MET A 1 1   ? -6.404  -0.674  -14.230 1.00 27.83  ? 21   MET A C   1 
ATOM   4    O O   . MET A 1 1   ? -6.796  0.471   -14.514 1.00 32.08  ? 21   MET A O   1 
ATOM   5    C CB  . MET A 1 1   ? -4.735  -1.905  -15.579 1.00 36.24  ? 21   MET A CB  1 
ATOM   6    C CG  . MET A 1 1   ? -4.119  -0.724  -16.271 1.00 38.02  ? 21   MET A CG  1 
ATOM   7    S SD  . MET A 1 1   ? -3.028  -1.329  -17.535 1.00 39.10  ? 21   MET A SD  1 
ATOM   8    C CE  . MET A 1 1   ? -1.557  -1.444  -16.561 1.00 35.30  ? 21   MET A CE  1 
ATOM   9    N N   . GLU A 1 2   ? -6.073  -1.033  -12.994 1.00 21.41  ? 22   GLU A N   1 
ATOM   10   C CA  . GLU A 1 2   ? -6.154  -0.017  -11.914 1.00 18.75  ? 22   GLU A CA  1 
ATOM   11   C C   . GLU A 1 2   ? -5.216  1.139   -12.209 1.00 18.53  ? 22   GLU A C   1 
ATOM   12   O O   . GLU A 1 2   ? -4.026  0.959   -12.477 1.00 19.78  ? 22   GLU A O   1 
ATOM   13   C CB  . GLU A 1 2   ? -5.806  -0.735  -10.604 1.00 20.75  ? 22   GLU A CB  1 
ATOM   14   C CG  . GLU A 1 2   ? -5.740  0.146   -9.357  1.00 18.86  ? 22   GLU A CG  1 
ATOM   15   C CD  . GLU A 1 2   ? -7.062  0.758   -8.942  1.00 18.69  ? 22   GLU A CD  1 
ATOM   16   O OE1 . GLU A 1 2   ? -8.104  0.265   -9.292  1.00 16.10  ? 22   GLU A OE1 1 
ATOM   17   O OE2 . GLU A 1 2   ? -7.113  1.785   -8.172  1.00 16.88  ? 22   GLU A OE2 1 
ATOM   18   N N   . PRO A 1 3   ? -5.706  2.381   -12.046 1.00 19.99  ? 23   PRO A N   1 
ATOM   19   C CA  . PRO A 1 3   ? -4.900  3.563   -12.286 1.00 22.07  ? 23   PRO A CA  1 
ATOM   20   C C   . PRO A 1 3   ? -3.780  3.745   -11.267 1.00 21.03  ? 23   PRO A C   1 
ATOM   21   O O   . PRO A 1 3   ? -3.829  3.094   -10.227 1.00 21.03  ? 23   PRO A O   1 
ATOM   22   C CB  . PRO A 1 3   ? -5.931  4.700   -12.158 1.00 21.80  ? 23   PRO A CB  1 
ATOM   23   C CG  . PRO A 1 3   ? -7.229  3.990   -12.563 1.00 23.83  ? 23   PRO A CG  1 
ATOM   24   C CD  . PRO A 1 3   ? -7.106  2.742   -11.804 1.00 19.12  ? 23   PRO A CD  1 
ATOM   25   N N   . LEU A 1 4   ? -2.795  4.599   -11.630 1.00 19.04  ? 24   LEU A N   1 
ATOM   26   C CA  . LEU A 1 4   ? -1.744  5.069   -10.805 1.00 15.88  ? 24   LEU A CA  1 
ATOM   27   C C   . LEU A 1 4   ? -2.066  6.529   -10.653 1.00 14.84  ? 24   LEU A C   1 
ATOM   28   O O   . LEU A 1 4   ? -2.765  7.178   -11.487 1.00 18.46  ? 24   LEU A O   1 
ATOM   29   C CB  . LEU A 1 4   ? -0.350  4.917   -11.431 1.00 16.18  ? 24   LEU A CB  1 
ATOM   30   C CG  . LEU A 1 4   ? 0.176   3.483   -11.667 1.00 15.50  ? 24   LEU A CG  1 
ATOM   31   C CD1 . LEU A 1 4   ? 1.398   3.562   -12.592 1.00 15.94  ? 24   LEU A CD1 1 
ATOM   32   C CD2 . LEU A 1 4   ? 0.497   2.866   -10.312 1.00 16.06  ? 24   LEU A CD2 1 
ATOM   33   N N   . TYR A 1 5   ? -1.590  7.051   -9.560  1.00 17.49  ? 25   TYR A N   1 
ATOM   34   C CA  . TYR A 1 5   ? -1.768  8.458   -9.218  1.00 16.34  ? 25   TYR A CA  1 
ATOM   35   C C   . TYR A 1 5   ? -0.437  9.131   -9.019  1.00 18.26  ? 25   TYR A C   1 
ATOM   36   O O   . TYR A 1 5   ? 0.497   8.529   -8.567  1.00 17.00  ? 25   TYR A O   1 
ATOM   37   C CB  . TYR A 1 5   ? -2.592  8.628   -7.910  1.00 17.39  ? 25   TYR A CB  1 
ATOM   38   C CG  . TYR A 1 5   ? -4.003  8.082   -7.982  1.00 19.21  ? 25   TYR A CG  1 
ATOM   39   C CD1 . TYR A 1 5   ? -4.247  6.684   -8.026  1.00 16.39  ? 25   TYR A CD1 1 
ATOM   40   C CD2 . TYR A 1 5   ? -5.102  8.954   -8.082  1.00 18.72  ? 25   TYR A CD2 1 
ATOM   41   C CE1 . TYR A 1 5   ? -5.552  6.174   -8.138  1.00 18.62  ? 25   TYR A CE1 1 
ATOM   42   C CE2 . TYR A 1 5   ? -6.401  8.455   -8.227  1.00 21.44  ? 25   TYR A CE2 1 
ATOM   43   C CZ  . TYR A 1 5   ? -6.625  7.067   -8.282  1.00 19.98  ? 25   TYR A CZ  1 
ATOM   44   O OH  . TYR A 1 5   ? -7.907  6.670   -8.335  1.00 19.74  ? 25   TYR A OH  1 
ATOM   45   N N   . ASP A 1 6   ? -0.382  10.419  -9.355  1.00 19.99  ? 26   ASP A N   1 
ATOM   46   C CA  . ASP A 1 6   ? 0.827   11.246  -9.192  1.00 21.52  ? 26   ASP A CA  1 
ATOM   47   C C   . ASP A 1 6   ? 0.793   11.903  -7.815  1.00 20.22  ? 26   ASP A C   1 
ATOM   48   O O   . ASP A 1 6   ? -0.173  11.782  -7.049  1.00 19.55  ? 26   ASP A O   1 
ATOM   49   C CB  . ASP A 1 6   ? 0.971   12.326  -10.329 1.00 25.62  ? 26   ASP A CB  1 
ATOM   50   C CG  . ASP A 1 6   ? 0.056   13.578  -10.129 1.00 28.95  ? 26   ASP A CG  1 
ATOM   51   O OD1 . ASP A 1 6   ? -0.444  13.867  -9.004  1.00 27.48  ? 26   ASP A OD1 1 
ATOM   52   O OD2 . ASP A 1 6   ? -0.129  14.304  -11.134 1.00 34.68  ? 26   ASP A OD2 1 
ATOM   53   N N   . LYS A 1 7   ? 1.875   12.572  -7.509  1.00 20.85  ? 27   LYS A N   1 
ATOM   54   C CA  . LYS A 1 7   ? 2.089   13.061  -6.131  1.00 24.49  ? 27   LYS A CA  1 
ATOM   55   C C   . LYS A 1 7   ? 1.121   14.160  -5.632  1.00 25.01  ? 27   LYS A C   1 
ATOM   56   O O   . LYS A 1 7   ? 1.075   14.433  -4.405  1.00 22.12  ? 27   LYS A O   1 
ATOM   57   C CB  . LYS A 1 7   ? 3.557   13.519  -5.940  1.00 24.76  ? 27   LYS A CB  1 
ATOM   58   C CG  . LYS A 1 7   ? 3.944   14.720  -6.772  1.00 29.20  ? 27   LYS A CG  1 
ATOM   59   C CD  . LYS A 1 7   ? 5.370   15.159  -6.435  1.00 32.50  ? 27   LYS A CD  1 
ATOM   60   C CE  . LYS A 1 7   ? 6.168   15.517  -7.690  1.00 36.01  ? 27   LYS A CE  1 
ATOM   61   N NZ  . LYS A 1 7   ? 7.577   14.998  -7.656  0.50 33.32  ? 27   LYS A NZ  1 
ATOM   62   N N   . ASN A 1 8   ? 0.388   14.762  -6.563  1.00 26.63  ? 28   ASN A N   1 
ATOM   63   C CA  . ASN A 1 8   ? -0.675  15.725  -6.252  1.00 29.13  ? 28   ASN A CA  1 
ATOM   64   C C   . ASN A 1 8   ? -2.056  15.107  -6.267  1.00 29.03  ? 28   ASN A C   1 
ATOM   65   O O   . ASN A 1 8   ? -3.026  15.831  -6.194  1.00 27.97  ? 28   ASN A O   1 
ATOM   66   C CB  . ASN A 1 8   ? -0.685  16.814  -7.307  1.00 30.86  ? 28   ASN A CB  1 
ATOM   67   C CG  . ASN A 1 8   ? 0.628   17.490  -7.419  1.00 30.06  ? 28   ASN A CG  1 
ATOM   68   O OD1 . ASN A 1 8   ? 1.172   17.953  -6.425  1.00 33.92  ? 28   ASN A OD1 1 
ATOM   69   N ND2 . ASN A 1 8   ? 1.180   17.522  -8.606  1.00 33.51  ? 28   ASN A ND2 1 
ATOM   70   N N   . GLY A 1 9   ? -2.130  13.779  -6.459  1.00 26.46  ? 29   GLY A N   1 
ATOM   71   C CA  . GLY A 1 9   ? -3.393  13.043  -6.435  1.00 27.52  ? 29   GLY A CA  1 
ATOM   72   C C   . GLY A 1 9   ? -4.205  12.927  -7.726  1.00 25.39  ? 29   GLY A C   1 
ATOM   73   O O   . GLY A 1 9   ? -5.308  12.369  -7.705  1.00 25.33  ? 29   GLY A O   1 
ATOM   74   N N   . ALA A 1 10  ? -3.642  13.451  -8.824  1.00 24.63  ? 30   ALA A N   1 
ATOM   75   C CA  . ALA A 1 10  ? -4.163  13.284  -10.179 1.00 22.04  ? 30   ALA A CA  1 
ATOM   76   C C   . ALA A 1 10  ? -3.927  11.885  -10.706 1.00 20.37  ? 30   ALA A C   1 
ATOM   77   O O   . ALA A 1 10  ? -2.832  11.365  -10.640 1.00 18.97  ? 30   ALA A O   1 
ATOM   78   C CB  . ALA A 1 10  ? -3.531  14.290  -11.156 1.00 20.36  ? 30   ALA A CB  1 
ATOM   79   N N   . VAL A 1 11  ? -4.996  11.313  -11.234 1.00 21.68  ? 31   VAL A N   1 
ATOM   80   C CA  . VAL A 1 11  ? -4.983  9.982   -11.881 1.00 22.03  ? 31   VAL A CA  1 
ATOM   81   C C   . VAL A 1 11  ? -4.176  10.099  -13.184 1.00 22.33  ? 31   VAL A C   1 
ATOM   82   O O   . VAL A 1 11  ? -4.320  11.069  -13.945 1.00 22.56  ? 31   VAL A O   1 
ATOM   83   C CB  . VAL A 1 11  ? -6.435  9.469   -12.038 1.00 22.15  ? 31   VAL A CB  1 
ATOM   84   C CG1 . VAL A 1 11  ? -7.120  10.048  -13.263 1.00 23.28  ? 31   VAL A CG1 1 
ATOM   85   C CG2 . VAL A 1 11  ? -6.524  7.952   -12.029 1.00 23.92  ? 31   VAL A CG2 1 
ATOM   86   N N   . LEU A 1 12  ? -3.345  9.103   -13.499 1.00 23.99  ? 32   LEU A N   1 
ATOM   87   C CA  . LEU A 1 12  ? -2.436  9.200   -14.659 1.00 22.54  ? 32   LEU A CA  1 
ATOM   88   C C   . LEU A 1 12  ? -3.016  8.551   -15.921 1.00 21.66  ? 32   LEU A C   1 
ATOM   89   O O   . LEU A 1 12  ? -2.546  8.774   -17.011 1.00 22.76  ? 32   LEU A O   1 
ATOM   90   C CB  . LEU A 1 12  ? -1.063  8.585   -14.309 1.00 21.26  ? 32   LEU A CB  1 
ATOM   91   C CG  . LEU A 1 12  ? -0.373  9.536   -13.320 1.00 21.36  ? 32   LEU A CG  1 
ATOM   92   C CD1 . LEU A 1 12  ? 0.669   8.865   -12.525 1.00 21.74  ? 32   LEU A CD1 1 
ATOM   93   C CD2 . LEU A 1 12  ? 0.246   10.701  -14.066 1.00 24.12  ? 32   LEU A CD2 1 
ATOM   94   N N   . PHE A 1 13  ? -3.991  7.711   -15.692 1.00 18.27  ? 33   PHE A N   1 
ATOM   95   C CA  . PHE A 1 13  ? -4.795  7.169   -16.712 1.00 21.15  ? 33   PHE A CA  1 
ATOM   96   C C   . PHE A 1 13  ? -6.052  6.663   -16.041 1.00 24.14  ? 33   PHE A C   1 
ATOM   97   O O   . PHE A 1 13  ? -6.131  6.662   -14.811 1.00 22.16  ? 33   PHE A O   1 
ATOM   98   C CB  . PHE A 1 13  ? -4.005  6.102   -17.398 1.00 17.86  ? 33   PHE A CB  1 
ATOM   99   C CG  . PHE A 1 13  ? -3.463  5.062   -16.494 1.00 16.38  ? 33   PHE A CG  1 
ATOM   100  C CD1 . PHE A 1 13  ? -4.249  3.940   -16.167 1.00 17.42  ? 33   PHE A CD1 1 
ATOM   101  C CD2 . PHE A 1 13  ? -2.123  5.044   -16.137 1.00 16.32  ? 33   PHE A CD2 1 
ATOM   102  C CE1 . PHE A 1 13  ? -3.758  2.922   -15.361 1.00 17.75  ? 33   PHE A CE1 1 
ATOM   103  C CE2 . PHE A 1 13  ? -1.642  4.038   -15.315 1.00 17.25  ? 33   PHE A CE2 1 
ATOM   104  C CZ  . PHE A 1 13  ? -2.448  2.946   -14.957 1.00 18.16  ? 33   PHE A CZ  1 
ATOM   105  N N   . GLY A 1 14  ? -7.021  6.241   -16.855 1.00 25.26  ? 34   GLY A N   1 
ATOM   106  C CA  . GLY A 1 14  ? -8.258  5.665   -16.370 1.00 25.05  ? 34   GLY A CA  1 
ATOM   107  C C   . GLY A 1 14  ? -9.084  6.719   -15.672 1.00 24.89  ? 34   GLY A C   1 
ATOM   108  O O   . GLY A 1 14  ? -8.922  7.904   -15.953 1.00 27.56  ? 34   GLY A O   1 
ATOM   109  N N   . GLU A 1 15  ? -9.922  6.289   -14.726 1.00 24.42  ? 35   GLU A N   1 
ATOM   110  C CA  . GLU A 1 15  ? -10.759 7.215   -13.973 0.50 27.98  ? 35   GLU A CA  1 
ATOM   111  C C   . GLU A 1 15  ? -10.384 7.243   -12.480 1.00 23.92  ? 35   GLU A C   1 
ATOM   112  O O   . GLU A 1 15  ? -10.037 6.214   -11.913 1.00 28.56  ? 35   GLU A O   1 
ATOM   113  C CB  . GLU A 1 15  ? -12.221 6.773   -14.174 1.00 33.11  ? 35   GLU A CB  1 
ATOM   114  C CG  . GLU A 1 15  ? -12.706 6.900   -15.639 1.00 38.09  ? 35   GLU A CG  1 
ATOM   115  C CD  . GLU A 1 15  ? -12.471 8.311   -16.190 1.00 38.09  ? 35   GLU A CD  1 
ATOM   116  O OE1 . GLU A 1 15  ? -12.676 9.264   -15.411 1.00 44.49  ? 35   GLU A OE1 1 
ATOM   117  O OE2 . GLU A 1 15  ? -12.035 8.496   -17.376 1.00 42.77  ? 35   GLU A OE2 1 
ATOM   118  N N   . PRO A 1 16  ? -10.472 8.409   -11.817 1.00 24.17  ? 36   PRO A N   1 
ATOM   119  C CA  . PRO A 1 16  ? -10.185 8.317   -10.403 1.00 23.47  ? 36   PRO A CA  1 
ATOM   120  C C   . PRO A 1 16  ? -11.226 7.580   -9.535  1.00 23.84  ? 36   PRO A C   1 
ATOM   121  O O   . PRO A 1 16  ? -12.398 7.517   -9.872  1.00 24.06  ? 36   PRO A O   1 
ATOM   122  C CB  . PRO A 1 16  ? -10.096 9.777   -9.967  1.00 25.91  ? 36   PRO A CB  1 
ATOM   123  C CG  . PRO A 1 16  ? -10.958 10.537  -10.926 1.00 25.30  ? 36   PRO A CG  1 
ATOM   124  C CD  . PRO A 1 16  ? -11.200 9.634   -12.153 1.00 26.02  ? 36   PRO A CD  1 
ATOM   125  N N   . SER A 1 17  ? -10.736 6.944   -8.471  1.00 24.58  ? 37   SER A N   1 
ATOM   126  C CA  . SER A 1 17  ? -11.553 6.333   -7.416  1.00 25.49  ? 37   SER A CA  1 
ATOM   127  C C   . SER A 1 17  ? -11.141 6.886   -6.035  1.00 27.15  ? 37   SER A C   1 
ATOM   128  O O   . SER A 1 17  ? -10.001 7.318   -5.802  1.00 27.25  ? 37   SER A O   1 
ATOM   129  C CB  . SER A 1 17  ? -11.476 4.813   -7.453  1.00 26.18  ? 37   SER A CB  1 
ATOM   130  O OG  . SER A 1 17  ? -12.276 4.338   -8.498  1.00 26.46  ? 37   SER A OG  1 
ATOM   131  N N   . ASP A 1 18  ? -12.096 6.903   -5.138  1.00 27.58  ? 38   ASP A N   1 
ATOM   132  C CA  . ASP A 1 18  ? -11.827 7.182   -3.748  1.00 28.55  ? 38   ASP A CA  1 
ATOM   133  C C   . ASP A 1 18  ? -11.389 5.873   -3.044  1.00 25.54  ? 38   ASP A C   1 
ATOM   134  O O   . ASP A 1 18  ? -11.597 4.727   -3.543  1.00 22.95  ? 38   ASP A O   1 
ATOM   135  C CB  . ASP A 1 18  ? -13.075 7.815   -3.132  1.00 31.85  ? 38   ASP A CB  1 
ATOM   136  C CG  . ASP A 1 18  ? -13.550 9.068   -3.936  1.00 40.58  ? 38   ASP A CG  1 
ATOM   137  O OD1 . ASP A 1 18  ? -14.136 8.923   -5.052  1.00 45.94  ? 38   ASP A OD1 1 
ATOM   138  O OD2 . ASP A 1 18  ? -13.324 10.210  -3.461  1.00 50.60  ? 38   ASP A OD2 1 
ATOM   139  N N   . THR A 1 19  ? -10.702 6.032   -1.941  1.00 26.53  ? 39   THR A N   1 
ATOM   140  C CA  . THR A 1 19  ? -10.311 4.882   -1.114  1.00 25.02  ? 39   THR A CA  1 
ATOM   141  C C   . THR A 1 19  ? -11.497 4.556   -0.159  1.00 24.87  ? 39   THR A C   1 
ATOM   142  O O   . THR A 1 19  ? -12.383 5.387   0.063   1.00 20.43  ? 39   THR A O   1 
ATOM   143  C CB  . THR A 1 19  ? -9.089  5.219   -0.246  1.00 28.15  ? 39   THR A CB  1 
ATOM   144  O OG1 . THR A 1 19  ? -9.392  6.386   0.522   1.00 29.94  ? 39   THR A OG1 1 
ATOM   145  C CG2 . THR A 1 19  ? -7.787  5.463   -1.093  1.00 26.01  ? 39   THR A CG2 1 
ATOM   146  N N   . HIS A 1 20  ? -11.494 3.345   0.390   1.00 23.19  ? 40   HIS A N   1 
ATOM   147  C CA  . HIS A 1 20  ? -12.501 2.904   1.345   1.00 21.75  ? 40   HIS A CA  1 
ATOM   148  C C   . HIS A 1 20  ? -12.364 3.772   2.595   1.00 20.18  ? 40   HIS A C   1 
ATOM   149  O O   . HIS A 1 20  ? -11.235 4.070   3.005   1.00 22.50  ? 40   HIS A O   1 
ATOM   150  C CB  . HIS A 1 20  ? -12.229 1.470   1.770   1.00 20.54  ? 40   HIS A CB  1 
ATOM   151  C CG  . HIS A 1 20  ? -13.340 0.864   2.555   1.00 22.55  ? 40   HIS A CG  1 
ATOM   152  N ND1 . HIS A 1 20  ? -13.649 1.252   3.850   1.00 23.44  ? 40   HIS A ND1 1 
ATOM   153  C CD2 . HIS A 1 20  ? -14.199 -0.130  2.242   1.00 22.12  ? 40   HIS A CD2 1 
ATOM   154  C CE1 . HIS A 1 20  ? -14.665 0.536   4.291   1.00 22.29  ? 40   HIS A CE1 1 
ATOM   155  N NE2 . HIS A 1 20  ? -14.985 -0.347  3.348   1.00 24.30  ? 40   HIS A NE2 1 
ATOM   156  N N   . PRO A 1 21  ? -13.501 4.162   3.215   1.00 20.95  ? 41   PRO A N   1 
ATOM   157  C CA  . PRO A 1 21  ? -13.313 5.158   4.313   1.00 21.04  ? 41   PRO A CA  1 
ATOM   158  C C   . PRO A 1 21  ? -12.539 4.666   5.542   1.00 20.75  ? 41   PRO A C   1 
ATOM   159  O O   . PRO A 1 21  ? -12.034 5.513   6.323   1.00 23.79  ? 41   PRO A O   1 
ATOM   160  C CB  . PRO A 1 21  ? -14.772 5.574   4.692   1.00 19.85  ? 41   PRO A CB  1 
ATOM   161  C CG  . PRO A 1 21  ? -15.657 4.521   4.028   1.00 22.41  ? 41   PRO A CG  1 
ATOM   162  C CD  . PRO A 1 21  ? -14.907 4.136   2.786   1.00 21.90  ? 41   PRO A CD  1 
ATOM   163  N N   . GLN A 1 22  ? -12.516 3.358   5.767   1.00 20.89  ? 42   GLN A N   1 
ATOM   164  C CA  . GLN A 1 22  ? -11.786 2.722   6.862   1.00 20.15  ? 42   GLN A CA  1 
ATOM   165  C C   . GLN A 1 22  ? -10.386 2.232   6.456   1.00 15.97  ? 42   GLN A C   1 
ATOM   166  O O   . GLN A 1 22  ? -9.671  1.583   7.250   1.00 14.39  ? 42   GLN A O   1 
ATOM   167  C CB  . GLN A 1 22  ? -12.621 1.557   7.427   1.00 22.61  ? 42   GLN A CB  1 
ATOM   168  C CG  . GLN A 1 22  ? -14.053 1.939   7.852   1.00 23.52  ? 42   GLN A CG  1 
ATOM   169  C CD  . GLN A 1 22  ? -14.024 3.166   8.751   1.00 23.50  ? 42   GLN A CD  1 
ATOM   170  O OE1 . GLN A 1 22  ? -14.533 4.213   8.397   1.00 21.16  ? 42   GLN A OE1 1 
ATOM   171  N NE2 . GLN A 1 22  ? -13.299 3.053   9.856   1.00 25.47  ? 42   GLN A NE2 1 
ATOM   172  N N   . SER A 1 23  ? -9.922  2.634   5.272   1.00 15.34  ? 43   SER A N   1 
ATOM   173  C CA  . SER A 1 23  ? -8.550  2.299   4.867   0.60 14.95  ? 43   SER A CA  1 
ATOM   174  C C   . SER A 1 23  ? -7.630  3.230   5.674   1.00 19.31  ? 43   SER A C   1 
ATOM   175  O O   . SER A 1 23  ? -8.040  4.312   6.110   1.00 21.22  ? 43   SER A O   1 
ATOM   176  C CB  . SER A 1 23  ? -8.369  2.402   3.311   0.60 13.56  ? 43   SER A CB  1 
ATOM   177  O OG  . SER A 1 23  ? -7.020  2.565   2.879   0.60 11.83  ? 43   SER A OG  1 
ATOM   178  N N   . THR A 1 24  ? -6.388  2.771   5.870   1.00 22.99  ? 44   THR A N   1 
ATOM   179  C CA  . THR A 1 24  ? -5.327  3.552   6.560   1.00 24.20  ? 44   THR A CA  1 
ATOM   180  C C   . THR A 1 24  ? -4.753  4.652   5.643   1.00 22.43  ? 44   THR A C   1 
ATOM   181  O O   . THR A 1 24  ? -4.000  5.567   6.092   1.00 22.63  ? 44   THR A O   1 
ATOM   182  C CB  . THR A 1 24  ? -4.251  2.545   7.114   1.00 25.35  ? 44   THR A CB  1 
ATOM   183  O OG1 . THR A 1 24  ? -3.908  1.582   6.121   1.00 23.22  ? 44   THR A OG1 1 
ATOM   184  C CG2 . THR A 1 24  ? -4.811  1.663   8.274   1.00 26.49  ? 44   THR A CG2 1 
ATOM   185  N N   . LEU A 1 25  ? -5.109  4.606   4.353   1.00 23.51  ? 45   LEU A N   1 
ATOM   186  C CA  . LEU A 1 25  ? -4.877  5.720   3.384   1.00 21.79  ? 45   LEU A CA  1 
ATOM   187  C C   . LEU A 1 25  ? -6.048  6.750   3.389   1.00 23.89  ? 45   LEU A C   1 
ATOM   188  O O   . LEU A 1 25  ? -7.185  6.460   3.057   1.00 23.08  ? 45   LEU A O   1 
ATOM   189  C CB  . LEU A 1 25  ? -4.627  5.198   1.952   1.00 20.10  ? 45   LEU A CB  1 
ATOM   190  C CG  . LEU A 1 25  ? -4.464  6.253   0.879   1.00 19.33  ? 45   LEU A CG  1 
ATOM   191  C CD1 . LEU A 1 25  ? -3.370  7.265   1.285   1.00 18.80  ? 45   LEU A CD1 1 
ATOM   192  C CD2 . LEU A 1 25  ? -4.152  5.682   -0.489  1.00 21.38  ? 45   LEU A CD2 1 
ATOM   193  N N   . LYS A 1 26  ? -5.740  7.961   3.850   1.00 23.63  ? 46   LYS A N   1 
ATOM   194  C CA  . LYS A 1 26  ? -6.680  9.094   3.859   1.00 24.22  ? 46   LYS A CA  1 
ATOM   195  C C   . LYS A 1 26  ? -6.195  10.130  2.868   1.00 23.05  ? 46   LYS A C   1 
ATOM   196  O O   . LYS A 1 26  ? -5.056  10.525  2.917   1.00 30.39  ? 46   LYS A O   1 
ATOM   197  C CB  . LYS A 1 26  ? -6.684  9.726   5.262   1.00 25.69  ? 46   LYS A CB  1 
ATOM   198  C CG  . LYS A 1 26  ? -6.706  8.719   6.407   1.00 29.07  ? 46   LYS A CG  1 
ATOM   199  C CD  . LYS A 1 26  ? -7.930  7.807   6.265   1.00 28.88  ? 46   LYS A CD  1 
ATOM   200  C CE  . LYS A 1 26  ? -8.079  6.869   7.439   1.00 29.16  ? 46   LYS A CE  1 
ATOM   201  N NZ  . LYS A 1 26  ? -9.460  6.314   7.463   1.00 29.15  ? 46   LYS A NZ  1 
ATOM   202  N N   . LEU A 1 27  ? -7.060  10.555  1.956   1.00 23.17  ? 47   LEU A N   1 
ATOM   203  C CA  . LEU A 1 27  ? -6.735  11.525  0.915   1.00 24.34  ? 47   LEU A CA  1 
ATOM   204  C C   . LEU A 1 27  ? -7.716  12.720  0.948   1.00 28.78  ? 47   LEU A C   1 
ATOM   205  O O   . LEU A 1 27  ? -8.880  12.513  1.323   1.00 31.12  ? 47   LEU A O   1 
ATOM   206  C CB  . LEU A 1 27  ? -6.838  10.834  -0.426  1.00 25.18  ? 47   LEU A CB  1 
ATOM   207  C CG  . LEU A 1 27  ? -5.739  9.810   -0.709  1.00 24.81  ? 47   LEU A CG  1 
ATOM   208  C CD1 . LEU A 1 27  ? -6.212  8.942   -1.889  1.00 26.84  ? 47   LEU A CD1 1 
ATOM   209  C CD2 . LEU A 1 27  ? -4.425  10.444  -1.050  1.00 24.37  ? 47   LEU A CD2 1 
ATOM   210  N N   . PRO A 1 28  ? -7.276  13.926  0.550   1.00 30.66  ? 48   PRO A N   1 
ATOM   211  C CA  . PRO A 1 28  ? -5.918  14.181  0.008   1.00 31.60  ? 48   PRO A CA  1 
ATOM   212  C C   . PRO A 1 28  ? -4.824  14.253  1.061   1.00 28.86  ? 48   PRO A C   1 
ATOM   213  O O   . PRO A 1 28  ? -5.118  14.418  2.250   1.00 29.43  ? 48   PRO A O   1 
ATOM   214  C CB  . PRO A 1 28  ? -6.064  15.517  -0.758  1.00 33.18  ? 48   PRO A CB  1 
ATOM   215  C CG  . PRO A 1 28  ? -7.225  16.207  -0.095  1.00 33.81  ? 48   PRO A CG  1 
ATOM   216  C CD  . PRO A 1 28  ? -8.152  15.112  0.394   1.00 32.99  ? 48   PRO A CD  1 
ATOM   217  N N   . HIS A 1 29  ? -3.573  14.091  0.623   1.00 25.01  ? 49   HIS A N   1 
ATOM   218  C CA  . HIS A 1 29  ? -2.453  14.118  1.521   1.00 28.14  ? 49   HIS A CA  1 
ATOM   219  C C   . HIS A 1 29  ? -1.215  14.370  0.724   1.00 29.12  ? 49   HIS A C   1 
ATOM   220  O O   . HIS A 1 29  ? -1.045  13.787  -0.318  1.00 22.70  ? 49   HIS A O   1 
ATOM   221  C CB  . HIS A 1 29  ? -2.303  12.802  2.281   1.00 27.79  ? 49   HIS A CB  1 
ATOM   222  C CG  . HIS A 1 29  ? -1.415  12.911  3.491   1.00 33.07  ? 49   HIS A CG  1 
ATOM   223  N ND1 . HIS A 1 29  ? -0.029  12.953  3.415   1.00 33.49  ? 49   HIS A ND1 1 
ATOM   224  C CD2 . HIS A 1 29  ? -1.716  12.988  4.807   1.00 33.19  ? 49   HIS A CD2 1 
ATOM   225  C CE1 . HIS A 1 29  ? 0.478   13.047  4.627   1.00 33.24  ? 49   HIS A CE1 1 
ATOM   226  N NE2 . HIS A 1 29  ? -0.523  13.055  5.490   1.00 38.15  ? 49   HIS A NE2 1 
ATOM   227  N N   . PRO A 1 30  ? -0.336  15.261  1.198   1.00 25.88  ? 50   PRO A N   1 
ATOM   228  C CA  . PRO A 1 30  ? 0.915   15.438  0.463   1.00 28.17  ? 50   PRO A CA  1 
ATOM   229  C C   . PRO A 1 30  ? 1.915   14.262  0.537   1.00 27.15  ? 50   PRO A C   1 
ATOM   230  O O   . PRO A 1 30  ? 1.886   13.429  1.471   1.00 31.05  ? 50   PRO A O   1 
ATOM   231  C CB  . PRO A 1 30  ? 1.523   16.693  1.123   1.00 31.42  ? 50   PRO A CB  1 
ATOM   232  C CG  . PRO A 1 30  ? 0.971   16.678  2.503   1.00 31.03  ? 50   PRO A CG  1 
ATOM   233  C CD  . PRO A 1 30  ? -0.436  16.175  2.352   1.00 33.80  ? 50   PRO A CD  1 
ATOM   234  N N   . ARG A 1 31  ? 2.771   14.169  -0.473  1.00 27.43  ? 51   ARG A N   1 
ATOM   235  C CA  . ARG A 1 31  ? 3.843   13.160  -0.493  1.00 24.36  ? 51   ARG A CA  1 
ATOM   236  C C   . ARG A 1 31  ? 4.889   13.565  -1.535  1.00 24.52  ? 51   ARG A C   1 
ATOM   237  O O   . ARG A 1 31  ? 4.651   14.353  -2.430  1.00 21.93  ? 51   ARG A O   1 
ATOM   238  C CB  . ARG A 1 31  ? 3.289   11.696  -0.802  1.00 21.22  ? 51   ARG A CB  1 
ATOM   239  C CG  . ARG A 1 31  ? 2.803   11.479  -2.218  1.00 21.44  ? 51   ARG A CG  1 
ATOM   240  C CD  . ARG A 1 31  ? 2.485   10.005  -2.459  1.00 20.41  ? 51   ARG A CD  1 
ATOM   241  N NE  . ARG A 1 31  ? 1.961   9.807   -3.789  1.00 20.31  ? 51   ARG A NE  1 
ATOM   242  C CZ  . ARG A 1 31  ? 2.673   9.646   -4.903  1.00 21.19  ? 51   ARG A CZ  1 
ATOM   243  N NH1 . ARG A 1 31  ? 4.037   9.661   -4.953  1.00 20.84  ? 51   ARG A NH1 1 
ATOM   244  N NH2 . ARG A 1 31  ? 1.996   9.449   -6.017  1.00 20.94  ? 51   ARG A NH2 1 
ATOM   245  N N   . GLY A 1 32  ? 6.065   12.959  -1.445  1.00 26.74  ? 52   GLY A N   1 
ATOM   246  C CA  . GLY A 1 32  ? 7.001   12.979  -2.575  1.00 27.04  ? 52   GLY A CA  1 
ATOM   247  C C   . GLY A 1 32  ? 8.076   14.034  -2.469  1.00 28.79  ? 52   GLY A C   1 
ATOM   248  O O   . GLY A 1 32  ? 8.672   14.437  -3.465  1.00 28.18  ? 52   GLY A O   1 
ATOM   249  N N   . GLU A 1 33  ? 8.331   14.487  -1.250  1.00 29.97  ? 53   GLU A N   1 
ATOM   250  C CA  . GLU A 1 33  ? 9.520   15.270  -0.970  1.00 33.79  ? 53   GLU A CA  1 
ATOM   251  C C   . GLU A 1 33  ? 10.819  14.557  -1.412  1.00 35.20  ? 53   GLU A C   1 
ATOM   252  O O   . GLU A 1 33  ? 11.725  15.187  -1.977  1.00 34.10  ? 53   GLU A O   1 
ATOM   253  C CB  . GLU A 1 33  ? 9.572   15.624  0.510   1.00 37.22  ? 53   GLU A CB  1 
ATOM   254  C CG  . GLU A 1 33  ? 10.827  16.403  0.850   1.00 45.05  ? 53   GLU A CG  1 
ATOM   255  C CD  . GLU A 1 33  ? 10.587  17.385  1.961   1.00 54.81  ? 53   GLU A CD  1 
ATOM   256  O OE1 . GLU A 1 33  ? 9.642   18.216  1.837   1.00 63.78  ? 53   GLU A OE1 1 
ATOM   257  O OE2 . GLU A 1 33  ? 11.353  17.317  2.947   1.00 61.96  ? 53   GLU A OE2 1 
ATOM   258  N N   . LYS A 1 34  ? 10.904  13.246  -1.165  1.00 31.81  ? 54   LYS A N   1 
ATOM   259  C CA  . LYS A 1 34  ? 12.035  12.473  -1.594  1.00 33.81  ? 54   LYS A CA  1 
ATOM   260  C C   . LYS A 1 34  ? 11.578  11.001  -1.653  1.00 30.77  ? 54   LYS A C   1 
ATOM   261  O O   . LYS A 1 34  ? 10.688  10.613  -0.907  1.00 31.19  ? 54   LYS A O   1 
ATOM   262  C CB  . LYS A 1 34  ? 13.231  12.634  -0.641  1.00 38.80  ? 54   LYS A CB  1 
ATOM   263  C CG  . LYS A 1 34  ? 14.517  12.110  -1.290  1.00 46.55  ? 54   LYS A CG  1 
ATOM   264  C CD  . LYS A 1 34  ? 15.764  12.216  -0.417  1.00 55.82  ? 54   LYS A CD  1 
ATOM   265  C CE  . LYS A 1 34  ? 15.894  11.073  0.597   1.00 58.47  ? 54   LYS A CE  1 
ATOM   266  N NZ  . LYS A 1 34  ? 16.581  9.862   0.067   1.00 58.50  ? 54   LYS A NZ  1 
ATOM   267  N N   . GLU A 1 35  ? 12.130  10.203  -2.558  1.00 26.58  ? 55   GLU A N   1 
ATOM   268  C CA  . GLU A 1 35  ? 11.927  8.771   -2.443  1.00 21.92  ? 55   GLU A CA  1 
ATOM   269  C C   . GLU A 1 35  ? 12.824  8.244   -1.324  1.00 22.28  ? 55   GLU A C   1 
ATOM   270  O O   . GLU A 1 35  ? 14.030  8.462   -1.358  1.00 21.44  ? 55   GLU A O   1 
ATOM   271  C CB  . GLU A 1 35  ? 12.225  8.034   -3.751  1.00 21.19  ? 55   GLU A CB  1 
ATOM   272  C CG  . GLU A 1 35  ? 11.912  6.582   -3.644  1.00 22.33  ? 55   GLU A CG  1 
ATOM   273  C CD  . GLU A 1 35  ? 12.220  5.886   -4.925  1.00 21.38  ? 55   GLU A CD  1 
ATOM   274  O OE1 . GLU A 1 35  ? 11.562  6.226   -5.928  1.00 22.03  ? 55   GLU A OE1 1 
ATOM   275  O OE2 . GLU A 1 35  ? 13.182  5.077   -4.969  1.00 28.36  ? 55   GLU A OE2 1 
ATOM   276  N N   . VAL A 1 36  ? 12.235  7.578   -0.320  1.00 20.79  ? 56   VAL A N   1 
ATOM   277  C CA  . VAL A 1 36  ? 12.969  7.052   0.865   1.00 20.91  ? 56   VAL A CA  1 
ATOM   278  C C   . VAL A 1 36  ? 12.660  5.583   1.092   1.00 20.21  ? 56   VAL A C   1 
ATOM   279  O O   . VAL A 1 36  ? 11.628  5.220   1.655   1.00 20.03  ? 56   VAL A O   1 
ATOM   280  C CB  . VAL A 1 36  ? 12.656  7.866   2.161   1.00 22.51  ? 56   VAL A CB  1 
ATOM   281  C CG1 . VAL A 1 36  ? 13.448  7.371   3.352   1.00 26.91  ? 56   VAL A CG1 1 
ATOM   282  C CG2 . VAL A 1 36  ? 12.885  9.345   1.957   1.00 25.18  ? 56   VAL A CG2 1 
ATOM   283  N N   . ILE A 1 37  ? 13.563  4.735   0.633   1.00 22.53  ? 57   ILE A N   1 
ATOM   284  C CA  . ILE A 1 37  ? 13.459  3.258   0.849   1.00 19.85  ? 57   ILE A CA  1 
ATOM   285  C C   . ILE A 1 37  ? 13.792  2.907   2.311   1.00 22.79  ? 57   ILE A C   1 
ATOM   286  O O   . ILE A 1 37  ? 14.775  3.460   2.900   1.00 21.79  ? 57   ILE A O   1 
ATOM   287  C CB  . ILE A 1 37  ? 14.367  2.471   -0.079  1.00 22.41  ? 57   ILE A CB  1 
ATOM   288  C CG1 . ILE A 1 37  ? 13.796  2.441   -1.514  1.00 22.85  ? 57   ILE A CG1 1 
ATOM   289  C CG2 . ILE A 1 37  ? 14.399  1.000   0.329   1.00 22.03  ? 57   ILE A CG2 1 
ATOM   290  C CD1 . ILE A 1 37  ? 14.792  2.567   -2.618  1.00 25.38  ? 57   ILE A CD1 1 
ATOM   291  N N   . VAL A 1 38  ? 12.996  2.021   2.912   1.00 21.46  ? 58   VAL A N   1 
ATOM   292  C CA  . VAL A 1 38  ? 13.247  1.625   4.312   1.00 23.03  ? 58   VAL A CA  1 
ATOM   293  C C   . VAL A 1 38  ? 13.107  0.155   4.432   1.00 22.26  ? 58   VAL A C   1 
ATOM   294  O O   . VAL A 1 38  ? 12.361  -0.437  3.685   1.00 22.22  ? 58   VAL A O   1 
ATOM   295  C CB  . VAL A 1 38  ? 12.313  2.286   5.286   1.00 22.10  ? 58   VAL A CB  1 
ATOM   296  C CG1 . VAL A 1 38  ? 12.484  3.810   5.269   1.00 26.61  ? 58   VAL A CG1 1 
ATOM   297  C CG2 . VAL A 1 38  ? 10.864  1.898   5.029   1.00 25.77  ? 58   VAL A CG2 1 
ATOM   298  N N   . GLY A 1 39  ? 13.821  -0.467  5.379   1.00 23.47  ? 59   GLY A N   1 
ATOM   299  C CA  . GLY A 1 39  ? 13.726  -1.938  5.542   1.00 22.19  ? 59   GLY A CA  1 
ATOM   300  C C   . GLY A 1 39  ? 12.567  -2.278  6.464   1.00 22.73  ? 59   GLY A C   1 
ATOM   301  O O   . GLY A 1 39  ? 12.102  -1.428  7.229   1.00 22.12  ? 59   GLY A O   1 
ATOM   302  N N   . ILE A 1 40  ? 12.052  -3.507  6.376   1.00 21.54  ? 60   ILE A N   1 
ATOM   303  C CA  . ILE A 1 40  ? 10.849  -3.922  7.184   1.00 23.48  ? 60   ILE A CA  1 
ATOM   304  C C   . ILE A 1 40  ? 10.995  -3.809  8.732   1.00 27.59  ? 60   ILE A C   1 
ATOM   305  O O   . ILE A 1 40  ? 10.041  -3.525  9.482   1.00 24.46  ? 60   ILE A O   1 
ATOM   306  C CB  . ILE A 1 40  ? 10.344  -5.338  6.759   1.00 25.48  ? 60   ILE A CB  1 
ATOM   307  C CG1 . ILE A 1 40  ? 8.910   -5.623  7.301   1.00 26.34  ? 60   ILE A CG1 1 
ATOM   308  C CG2 . ILE A 1 40  ? 11.330  -6.430  7.113   1.00 24.83  ? 60   ILE A CG2 1 
ATOM   309  C CD1 . ILE A 1 40  ? 8.297   -6.921  6.818   1.00 27.35  ? 60   ILE A CD1 1 
ATOM   310  N N   . ARG A 1 41  ? 12.231  -3.956  9.180   1.00 34.51  ? 61   ARG A N   1 
ATOM   311  C CA  . ARG A 1 41  ? 12.565  -3.959  10.591  1.00 38.84  ? 61   ARG A CA  1 
ATOM   312  C C   . ARG A 1 41  ? 12.873  -2.550  10.990  1.00 37.72  ? 61   ARG A C   1 
ATOM   313  O O   . ARG A 1 41  ? 13.254  -2.281  12.111  1.00 41.33  ? 61   ARG A O   1 
ATOM   314  C CB  . ARG A 1 41  ? 13.734  -4.912  10.807  0.50 39.58  ? 61   ARG A CB  1 
ATOM   315  C CG  . ARG A 1 41  ? 13.399  -6.291  10.255  0.50 41.29  ? 61   ARG A CG  1 
ATOM   316  C CD  . ARG A 1 41  ? 14.594  -7.202  10.254  0.50 45.14  ? 61   ARG A CD  1 
ATOM   317  N NE  . ARG A 1 41  ? 15.127  -7.273  11.604  1.00 51.58  ? 61   ARG A NE  1 
ATOM   318  C CZ  . ARG A 1 41  ? 15.962  -8.205  12.038  1.00 56.60  ? 61   ARG A CZ  1 
ATOM   319  N NH1 . ARG A 1 41  ? 16.388  -9.191  11.239  1.00 65.79  ? 61   ARG A NH1 1 
ATOM   320  N NH2 . ARG A 1 41  ? 16.360  -8.160  13.305  1.00 56.66  ? 61   ARG A NH2 1 
ATOM   321  N N   . ASP A 1 42  ? 12.631  -1.638  10.059  1.00 39.14  ? 62   ASP A N   1 
ATOM   322  C CA  . ASP A 1 42  ? 12.890  -0.241  10.262  1.00 37.86  ? 62   ASP A CA  1 
ATOM   323  C C   . ASP A 1 42  ? 11.783  0.663   9.688   1.00 35.20  ? 62   ASP A C   1 
ATOM   324  O O   . ASP A 1 42  ? 12.080  1.791   9.232   1.00 36.64  ? 62   ASP A O   1 
ATOM   325  C CB  . ASP A 1 42  ? 14.249  0.074   9.605   1.00 43.90  ? 62   ASP A CB  1 
ATOM   326  C CG  . ASP A 1 42  ? 15.011  1.166   10.333  1.00 42.99  ? 62   ASP A CG  1 
ATOM   327  O OD1 . ASP A 1 42  ? 14.751  1.297   11.536  1.00 40.16  ? 62   ASP A OD1 1 
ATOM   328  O OD2 . ASP A 1 42  ? 15.844  1.858   9.679   1.00 44.09  ? 62   ASP A OD2 1 
ATOM   329  N N   . LEU A 1 43  ? 10.523  0.192   9.745   1.00 28.78  ? 63   LEU A N   1 
ATOM   330  C CA  . LEU A 1 43  ? 9.330   0.951   9.261   1.00 30.22  ? 63   LEU A CA  1 
ATOM   331  C C   . LEU A 1 43  ? 9.117   2.225   10.113  1.00 32.49  ? 63   LEU A C   1 
ATOM   332  O O   . LEU A 1 43  ? 9.588   2.292   11.258  1.00 39.50  ? 63   LEU A O   1 
ATOM   333  C CB  . LEU A 1 43  ? 8.059   0.071   9.263   1.00 28.17  ? 63   LEU A CB  1 
ATOM   334  C CG  . LEU A 1 43  ? 8.083   -1.078  8.273   1.00 26.67  ? 63   LEU A CG  1 
ATOM   335  C CD1 . LEU A 1 43  ? 6.698   -1.711  8.173   1.00 26.99  ? 63   LEU A CD1 1 
ATOM   336  C CD2 . LEU A 1 43  ? 8.631   -0.659  6.913   1.00 26.65  ? 63   LEU A CD2 1 
ATOM   337  N N   . PRO A 1 44  ? 8.476   3.260   9.540   1.00 33.06  ? 64   PRO A N   1 
ATOM   338  C CA  . PRO A 1 44  ? 8.386   4.552   10.255  1.00 36.06  ? 64   PRO A CA  1 
ATOM   339  C C   . PRO A 1 44  ? 7.367   4.493   11.399  1.00 39.01  ? 64   PRO A C   1 
ATOM   340  O O   . PRO A 1 44  ? 6.395   3.718   11.317  1.00 35.08  ? 64   PRO A O   1 
ATOM   341  C CB  . PRO A 1 44  ? 7.928   5.534   9.162   1.00 36.05  ? 64   PRO A CB  1 
ATOM   342  C CG  . PRO A 1 44  ? 7.290   4.681   8.098   1.00 36.68  ? 64   PRO A CG  1 
ATOM   343  C CD  . PRO A 1 44  ? 8.025   3.363   8.141   1.00 35.42  ? 64   PRO A CD  1 
ATOM   344  N N   . ARG A 1 45  ? 7.586   5.290   12.446  1.00 42.32  ? 65   ARG A N   1 
ATOM   345  C CA  . ARG A 1 45  ? 6.569   5.444   13.527  1.00 46.33  ? 65   ARG A CA  1 
ATOM   346  C C   . ARG A 1 45  ? 5.486   6.476   13.163  1.00 47.03  ? 65   ARG A C   1 
ATOM   347  O O   . ARG A 1 45  ? 5.675   7.294   12.265  1.00 43.69  ? 65   ARG A O   1 
ATOM   348  C CB  . ARG A 1 45  ? 7.214   5.919   14.829  1.00 49.20  ? 65   ARG A CB  1 
ATOM   349  C CG  . ARG A 1 45  ? 8.592   5.372   15.070  1.00 53.93  ? 65   ARG A CG  1 
ATOM   350  C CD  . ARG A 1 45  ? 9.261   6.111   16.204  1.00 58.59  ? 65   ARG A CD  1 
ATOM   351  N NE  . ARG A 1 45  ? 10.428  5.377   16.667  1.00 60.83  ? 65   ARG A NE  1 
ATOM   352  C CZ  . ARG A 1 45  ? 10.376  4.247   17.371  1.00 62.58  ? 65   ARG A CZ  1 
ATOM   353  N NH1 . ARG A 1 45  ? 9.211   3.691   17.701  1.00 60.21  ? 65   ARG A NH1 1 
ATOM   354  N NH2 . ARG A 1 45  ? 11.507  3.665   17.751  1.00 67.99  ? 65   ARG A NH2 1 
ATOM   355  N N   . LYS A 1 46  ? 4.378   6.492   13.895  1.00 48.90  ? 66   LYS A N   1 
ATOM   356  C CA  . LYS A 1 46  ? 3.437   7.602   13.733  1.00 51.99  ? 66   LYS A CA  1 
ATOM   357  C C   . LYS A 1 46  ? 4.098   8.954   14.103  1.00 52.11  ? 66   LYS A C   1 
ATOM   358  O O   . LYS A 1 46  ? 3.833   9.963   13.441  1.00 55.85  ? 66   LYS A O   1 
ATOM   359  C CB  . LYS A 1 46  ? 2.139   7.381   14.518  1.00 55.91  ? 66   LYS A CB  1 
ATOM   360  C CG  . LYS A 1 46  ? 1.065   8.437   14.236  1.00 60.35  ? 66   LYS A CG  1 
ATOM   361  C CD  . LYS A 1 46  ? -0.358  7.895   14.347  1.00 65.03  ? 66   LYS A CD  1 
ATOM   362  C CE  . LYS A 1 46  ? -0.755  7.520   15.772  1.00 69.34  ? 66   LYS A CE  1 
ATOM   363  N NZ  . LYS A 1 46  ? -1.584  8.575   16.427  1.00 66.87  ? 66   LYS A NZ  1 
ATOM   364  N N   . GLY A 1 47  ? 4.989   8.964   15.109  1.00 50.88  ? 67   GLY A N   1 
ATOM   365  C CA  . GLY A 1 47  ? 5.674   10.200  15.560  1.00 47.58  ? 67   GLY A CA  1 
ATOM   366  C C   . GLY A 1 47  ? 6.657   10.784  14.555  1.00 51.39  ? 67   GLY A C   1 
ATOM   367  O O   . GLY A 1 47  ? 7.047   11.974  14.639  1.00 55.71  ? 67   GLY A O   1 
ATOM   368  N N   . ASP A 1 48  ? 7.050   9.959   13.585  1.00 47.28  ? 68   ASP A N   1 
ATOM   369  C CA  . ASP A 1 48  ? 7.962   10.387  12.513  1.00 43.35  ? 68   ASP A CA  1 
ATOM   370  C C   . ASP A 1 48  ? 7.319   11.158  11.382  1.00 39.85  ? 68   ASP A C   1 
ATOM   371  O O   . ASP A 1 48  ? 8.028   11.715  10.539  1.00 37.83  ? 68   ASP A O   1 
ATOM   372  C CB  . ASP A 1 48  ? 8.643   9.167   11.944  1.00 43.32  ? 68   ASP A CB  1 
ATOM   373  C CG  . ASP A 1 48  ? 9.590   8.564   12.929  1.00 47.46  ? 68   ASP A CG  1 
ATOM   374  O OD1 . ASP A 1 48  ? 9.693   9.126   14.060  1.00 47.20  ? 68   ASP A OD1 1 
ATOM   375  O OD2 . ASP A 1 48  ? 10.227  7.551   12.564  1.00 47.20  ? 68   ASP A OD2 1 
ATOM   376  N N   . CYS A 1 49  ? 5.987   11.176  11.344  1.00 35.42  ? 69   CYS A N   1 
ATOM   377  C CA  . CYS A 1 49  ? 5.231   11.948  10.363  1.00 35.40  ? 69   CYS A CA  1 
ATOM   378  C C   . CYS A 1 49  ? 5.555   13.433  10.422  1.00 38.40  ? 69   CYS A C   1 
ATOM   379  O O   . CYS A 1 49  ? 5.956   14.052  9.426   1.00 35.25  ? 69   CYS A O   1 
ATOM   380  C CB  . CYS A 1 49  ? 3.737   11.731  10.605  1.00 35.92  ? 69   CYS A CB  1 
ATOM   381  S SG  . CYS A 1 49  ? 3.257   10.075  10.007  1.00 41.40  ? 69   CYS A SG  1 
ATOM   382  N N   . ARG A 1 50  ? 5.416   13.999  11.618  1.00 40.37  ? 70   ARG A N   1 
ATOM   383  C CA  . ARG A 1 50  ? 5.679   15.426  11.811  1.00 43.79  ? 70   ARG A CA  1 
ATOM   384  C C   . ARG A 1 50  ? 7.116   15.829  11.408  1.00 42.86  ? 70   ARG A C   1 
ATOM   385  O O   . ARG A 1 50  ? 7.329   16.790  10.658  1.00 40.51  ? 70   ARG A O   1 
ATOM   386  C CB  . ARG A 1 50  ? 5.440   15.776  13.282  1.00 45.24  ? 70   ARG A CB  1 
ATOM   387  C CG  . ARG A 1 50  ? 5.507   17.251  13.601  1.00 44.54  ? 70   ARG A CG  1 
ATOM   388  C CD  . ARG A 1 50  ? 5.158   17.534  15.060  1.00 46.48  ? 70   ARG A CD  1 
ATOM   389  N NE  . ARG A 1 50  ? 6.237   17.113  15.968  1.00 45.61  ? 70   ARG A NE  1 
ATOM   390  C CZ  . ARG A 1 50  ? 7.377   17.784  16.203  1.00 39.32  ? 70   ARG A CZ  1 
ATOM   391  N NH1 . ARG A 1 50  ? 7.640   18.943  15.616  1.00 37.83  ? 70   ARG A NH1 1 
ATOM   392  N NH2 . ARG A 1 50  ? 8.263   17.278  17.054  1.00 37.25  ? 70   ARG A NH2 1 
ATOM   393  N N   . THR A 1 51  ? 8.076   15.055  11.912  1.00 43.20  ? 71   THR A N   1 
ATOM   394  C CA  . THR A 1 51  ? 9.498   15.428  11.906  1.00 41.75  ? 71   THR A CA  1 
ATOM   395  C C   . THR A 1 51  ? 10.307  14.747  10.825  1.00 38.39  ? 71   THR A C   1 
ATOM   396  O O   . THR A 1 51  ? 11.448  15.100  10.609  1.00 40.47  ? 71   THR A O   1 
ATOM   397  C CB  . THR A 1 51  ? 10.180  15.065  13.267  1.00 39.16  ? 71   THR A CB  1 
ATOM   398  O OG1 . THR A 1 51  ? 10.065  13.661  13.523  1.00 41.83  ? 71   THR A OG1 1 
ATOM   399  C CG2 . THR A 1 51  ? 9.555   15.808  14.414  1.00 38.01  ? 71   THR A CG2 1 
ATOM   400  N N   . GLY A 1 52  ? 9.767   13.746  10.154  1.00 39.05  ? 72   GLY A N   1 
ATOM   401  C CA  . GLY A 1 52  ? 10.656  12.808  9.490   1.00 35.12  ? 72   GLY A CA  1 
ATOM   402  C C   . GLY A 1 52  ? 11.581  12.141  10.505  1.00 34.59  ? 72   GLY A C   1 
ATOM   403  O O   . GLY A 1 52  ? 11.369  12.188  11.729  1.00 33.97  ? 72   GLY A O   1 
ATOM   404  N N   . ASN A 1 53  ? 12.586  11.460  9.984   1.00 35.06  ? 73   ASN A N   1 
ATOM   405  C CA  . ASN A 1 53  ? 13.510  10.725  10.819  1.00 35.61  ? 73   ASN A CA  1 
ATOM   406  C C   . ASN A 1 53  ? 14.833  10.677  10.049  1.00 39.94  ? 73   ASN A C   1 
ATOM   407  O O   . ASN A 1 53  ? 14.926  11.242  8.954   1.00 39.70  ? 73   ASN A O   1 
ATOM   408  C CB  . ASN A 1 53  ? 12.941  9.312   11.113  1.00 35.89  ? 73   ASN A CB  1 
ATOM   409  C CG  . ASN A 1 53  ? 12.748  8.495   9.851   1.00 32.87  ? 73   ASN A CG  1 
ATOM   410  O OD1 . ASN A 1 53  ? 13.445  8.735   8.870   1.00 27.38  ? 73   ASN A OD1 1 
ATOM   411  N ND2 . ASN A 1 53  ? 11.815  7.517   9.871   1.00 34.17  ? 73   ASN A ND2 1 
ATOM   412  N N   . ARG A 1 54  ? 15.843  10.003  10.597  1.00 43.47  ? 74   ARG A N   1 
ATOM   413  C CA  . ARG A 1 54  ? 17.041  9.720   9.809   1.00 44.56  ? 74   ARG A CA  1 
ATOM   414  C C   . ARG A 1 54  ? 16.559  8.677   8.788   1.00 45.28  ? 74   ARG A C   1 
ATOM   415  O O   . ARG A 1 54  ? 15.853  7.740   9.136   1.00 49.06  ? 74   ARG A O   1 
ATOM   416  C CB  . ARG A 1 54  ? 18.222  9.237   10.678  1.00 46.48  ? 74   ARG A CB  1 
ATOM   417  C CG  . ARG A 1 54  ? 17.951  8.040   11.593  0.50 44.03  ? 74   ARG A CG  1 
ATOM   418  C CD  . ARG A 1 54  ? 19.178  7.149   11.754  0.50 42.85  ? 74   ARG A CD  1 
ATOM   419  N NE  . ARG A 1 54  ? 18.844  5.760   11.459  0.50 41.51  ? 74   ARG A NE  1 
ATOM   420  C CZ  . ARG A 1 54  ? 17.604  5.280   11.459  0.50 41.03  ? 74   ARG A CZ  1 
ATOM   421  N NH1 . ARG A 1 54  ? 16.579  6.070   11.746  0.50 39.27  ? 74   ARG A NH1 1 
ATOM   422  N NH2 . ARG A 1 54  ? 17.382  4.005   11.176  0.50 41.52  ? 74   ARG A NH2 1 
ATOM   423  N N   . LEU A 1 55  ? 16.901  8.902   7.538   1.00 44.69  ? 75   LEU A N   1 
ATOM   424  C CA  . LEU A 1 55  ? 16.443  8.153   6.344   1.00 39.93  ? 75   LEU A CA  1 
ATOM   425  C C   . LEU A 1 55  ? 15.824  9.255   5.512   1.00 36.99  ? 75   LEU A C   1 
ATOM   426  O O   . LEU A 1 55  ? 16.159  9.426   4.323   1.00 39.53  ? 75   LEU A O   1 
ATOM   427  C CB  . LEU A 1 55  ? 15.505  6.942   6.615   1.00 43.32  ? 75   LEU A CB  1 
ATOM   428  C CG  . LEU A 1 55  ? 16.039  5.772   7.500   1.00 45.18  ? 75   LEU A CG  1 
ATOM   429  C CD1 . LEU A 1 55  ? 15.185  4.523   7.396   1.00 47.19  ? 75   LEU A CD1 1 
ATOM   430  C CD2 . LEU A 1 55  ? 17.516  5.414   7.260   1.00 44.76  ? 75   LEU A CD2 1 
ATOM   431  N N   . GLY A 1 56  ? 14.999  10.065  6.169   1.00 33.22  ? 76   GLY A N   1 
ATOM   432  C CA  . GLY A 1 56  ? 14.479  11.290  5.581   1.00 35.87  ? 76   GLY A CA  1 
ATOM   433  C C   . GLY A 1 56  ? 13.024  11.635  5.900   1.00 34.42  ? 76   GLY A C   1 
ATOM   434  O O   . GLY A 1 56  ? 12.522  11.314  6.978   1.00 34.75  ? 76   GLY A O   1 
ATOM   435  N N   . PRO A 1 57  ? 12.332  12.309  4.951   1.00 35.24  ? 77   PRO A N   1 
ATOM   436  C CA  . PRO A 1 57  ? 10.935  12.745  5.217   1.00 34.09  ? 77   PRO A CA  1 
ATOM   437  C C   . PRO A 1 57  ? 10.016  11.550  5.276   1.00 32.28  ? 77   PRO A C   1 
ATOM   438  O O   . PRO A 1 57  ? 10.343  10.504  4.691   1.00 24.52  ? 77   PRO A O   1 
ATOM   439  C CB  . PRO A 1 57  ? 10.590  13.587  3.985   1.00 36.43  ? 77   PRO A CB  1 
ATOM   440  C CG  . PRO A 1 57  ? 11.461  13.047  2.899   1.00 36.60  ? 77   PRO A CG  1 
ATOM   441  C CD  . PRO A 1 57  ? 12.751  12.641  3.575   1.00 36.81  ? 77   PRO A CD  1 
ATOM   442  N N   . VAL A 1 58  ? 8.875   11.694  5.938   1.00 29.08  ? 78   VAL A N   1 
ATOM   443  C CA  . VAL A 1 58  ? 7.914   10.602  6.014   1.00 30.37  ? 78   VAL A CA  1 
ATOM   444  C C   . VAL A 1 58  ? 6.533   11.059  5.583   1.00 31.01  ? 78   VAL A C   1 
ATOM   445  O O   . VAL A 1 58  ? 5.988   11.957  6.193   1.00 27.71  ? 78   VAL A O   1 
ATOM   446  C CB  . VAL A 1 58  ? 7.783   10.041  7.443   1.00 29.85  ? 78   VAL A CB  1 
ATOM   447  C CG1 . VAL A 1 58  ? 6.733   8.916   7.482   1.00 28.30  ? 78   VAL A CG1 1 
ATOM   448  C CG2 . VAL A 1 58  ? 9.120   9.499   7.958   1.00 28.10  ? 78   VAL A CG2 1 
ATOM   449  N N   . SER A 1 59  ? 5.940   10.413  4.566   1.00 29.60  ? 79   SER A N   1 
ATOM   450  C CA  . SER A 1 59  ? 4.482   10.625  4.268   1.00 27.98  ? 79   SER A CA  1 
ATOM   451  C C   . SER A 1 59  ? 3.534   9.430   4.576   1.00 27.17  ? 79   SER A C   1 
ATOM   452  O O   . SER A 1 59  ? 2.333   9.509   4.355   1.00 27.98  ? 79   SER A O   1 
ATOM   453  C CB  . SER A 1 59  ? 4.307   11.013  2.813   1.00 26.36  ? 79   SER A CB  1 
ATOM   454  O OG  . SER A 1 59  ? 4.878   10.035  1.969   1.00 25.06  ? 79   SER A OG  1 
ATOM   455  N N   . GLY A 1 60  ? 4.072   8.348   5.106   1.00 24.21  ? 80   GLY A N   1 
ATOM   456  C CA  . GLY A 1 60  ? 3.299   7.149   5.446   1.00 23.66  ? 80   GLY A CA  1 
ATOM   457  C C   . GLY A 1 60  ? 4.096   5.937   5.022   1.00 24.09  ? 80   GLY A C   1 
ATOM   458  O O   . GLY A 1 60  ? 5.343   5.890   5.168   1.00 24.94  ? 80   GLY A O   1 
ATOM   459  N N   . LEU A 1 61  ? 3.402   4.923   4.509   1.00 22.47  ? 81   LEU A N   1 
ATOM   460  C CA  . LEU A 1 61  ? 4.042   3.654   4.167   1.00 19.21  ? 81   LEU A CA  1 
ATOM   461  C C   . LEU A 1 61  ? 3.540   3.262   2.789   1.00 17.05  ? 81   LEU A C   1 
ATOM   462  O O   . LEU A 1 61  ? 2.336   3.366   2.537   1.00 15.98  ? 81   LEU A O   1 
ATOM   463  C CB  . LEU A 1 61  ? 3.686   2.600   5.236   1.00 19.42  ? 81   LEU A CB  1 
ATOM   464  C CG  . LEU A 1 61  ? 4.318   1.251   4.940   1.00 19.47  ? 81   LEU A CG  1 
ATOM   465  C CD1 . LEU A 1 61  ? 5.831   1.394   5.127   1.00 19.04  ? 81   LEU A CD1 1 
ATOM   466  C CD2 . LEU A 1 61  ? 3.774   0.116   5.790   1.00 20.30  ? 81   LEU A CD2 1 
ATOM   467  N N   . PHE A 1 62  ? 4.507   2.899   1.928   1.00 15.96  ? 82   PHE A N   1 
ATOM   468  C CA  . PHE A 1 62  ? 4.307   2.390   0.551   1.00 16.00  ? 82   PHE A CA  1 
ATOM   469  C C   . PHE A 1 62  ? 4.964   1.029   0.446   1.00 13.27  ? 82   PHE A C   1 
ATOM   470  O O   . PHE A 1 62  ? 6.003   0.737   1.076   1.00 14.75  ? 82   PHE A O   1 
ATOM   471  C CB  . PHE A 1 62  ? 4.956   3.315   -0.462  1.00 15.66  ? 82   PHE A CB  1 
ATOM   472  C CG  . PHE A 1 62  ? 4.529   4.791   -0.308  1.00 15.95  ? 82   PHE A CG  1 
ATOM   473  C CD1 . PHE A 1 62  ? 5.014   5.574   0.730   1.00 18.06  ? 82   PHE A CD1 1 
ATOM   474  C CD2 . PHE A 1 62  ? 3.625   5.339   -1.198  1.00 15.39  ? 82   PHE A CD2 1 
ATOM   475  C CE1 . PHE A 1 62  ? 4.554   6.861   0.828   1.00 15.01  ? 82   PHE A CE1 1 
ATOM   476  C CE2 . PHE A 1 62  ? 3.168   6.608   -1.161  1.00 15.18  ? 82   PHE A CE2 1 
ATOM   477  C CZ  . PHE A 1 62  ? 3.657   7.391   -0.079  1.00 14.42  ? 82   PHE A CZ  1 
ATOM   478  N N   . VAL A 1 63  ? 4.438   0.176   -0.440  1.00 14.29  ? 83   VAL A N   1 
ATOM   479  C CA  . VAL A 1 63  ? 5.106   -1.041  -0.555  1.00 13.98  ? 83   VAL A CA  1 
ATOM   480  C C   . VAL A 1 63  ? 4.803   -1.520  -1.934  1.00 14.78  ? 83   VAL A C   1 
ATOM   481  O O   . VAL A 1 63  ? 3.775   -1.114  -2.477  1.00 13.06  ? 83   VAL A O   1 
ATOM   482  C CB  . VAL A 1 63  ? 4.589   -2.107  0.450   1.00 16.31  ? 83   VAL A CB  1 
ATOM   483  C CG1 . VAL A 1 63  ? 3.126   -2.384  0.272   1.00 17.33  ? 83   VAL A CG1 1 
ATOM   484  C CG2 . VAL A 1 63  ? 5.450   -3.373  0.434   1.00 16.31  ? 83   VAL A CG2 1 
ATOM   485  N N   . LYS A 1 64  ? 5.748   -2.314  -2.441  1.00 16.12  ? 84   LYS A N   1 
ATOM   486  C CA  . LYS A 1 64  ? 5.601   -3.114  -3.731  1.00 16.66  ? 84   LYS A CA  1 
ATOM   487  C C   . LYS A 1 64  ? 6.270   -4.484  -3.600  1.00 17.33  ? 84   LYS A C   1 
ATOM   488  O O   . LYS A 1 64  ? 7.034   -4.748  -2.691  1.00 16.76  ? 84   LYS A O   1 
ATOM   489  C CB  . LYS A 1 64  ? 6.170   -2.328  -4.912  1.00 17.17  ? 84   LYS A CB  1 
ATOM   490  C CG  . LYS A 1 64  ? 7.712   -2.252  -4.970  1.00 17.13  ? 84   LYS A CG  1 
ATOM   491  C CD  . LYS A 1 64  ? 8.214   -1.471  -6.172  1.00 17.12  ? 84   LYS A CD  1 
ATOM   492  C CE  . LYS A 1 64  ? 9.711   -1.373  -6.180  1.00 16.48  ? 84   LYS A CE  1 
ATOM   493  N NZ  . LYS A 1 64  ? 10.215  -0.810  -7.483  1.00 16.35  ? 84   LYS A NZ  1 
ATOM   494  N N   . PRO A 1 65  ? 5.907   -5.448  -4.491  1.00 19.55  ? 85   PRO A N   1 
ATOM   495  C CA  . PRO A 1 65  ? 6.591   -6.727  -4.471  1.00 20.63  ? 85   PRO A CA  1 
ATOM   496  C C   . PRO A 1 65  ? 8.119   -6.646  -4.515  1.00 18.72  ? 85   PRO A C   1 
ATOM   497  O O   . PRO A 1 65  ? 8.745   -5.721  -5.110  1.00 18.58  ? 85   PRO A O   1 
ATOM   498  C CB  . PRO A 1 65  ? 6.007   -7.477  -5.729  1.00 21.75  ? 85   PRO A CB  1 
ATOM   499  C CG  . PRO A 1 65  ? 4.723   -6.772  -6.030  1.00 19.95  ? 85   PRO A CG  1 
ATOM   500  C CD  . PRO A 1 65  ? 4.960   -5.335  -5.595  1.00 20.75  ? 85   PRO A CD  1 
ATOM   501  N N   . GLY A 1 66  ? 8.708   -7.588  -3.789  1.00 17.38  ? 86   GLY A N   1 
ATOM   502  C CA  . GLY A 1 66  ? 10.162  -7.600  -3.543  1.00 20.20  ? 86   GLY A CA  1 
ATOM   503  C C   . GLY A 1 66  ? 10.488  -8.316  -2.282  1.00 20.03  ? 86   GLY A C   1 
ATOM   504  O O   . GLY A 1 66  ? 11.131  -9.323  -2.327  1.00 17.61  ? 86   GLY A O   1 
ATOM   505  N N   . PRO A 1 67  ? 10.048  -7.798  -1.096  1.00 18.44  ? 87   PRO A N   1 
ATOM   506  C CA  . PRO A 1 67  ? 9.266   -6.592  -0.874  1.00 18.94  ? 87   PRO A CA  1 
ATOM   507  C C   . PRO A 1 67  ? 10.175  -5.349  -0.837  1.00 17.56  ? 87   PRO A C   1 
ATOM   508  O O   . PRO A 1 67  ? 11.325  -5.460  -0.395  1.00 19.47  ? 87   PRO A O   1 
ATOM   509  C CB  . PRO A 1 67  ? 8.637   -6.847  0.505   1.00 19.33  ? 87   PRO A CB  1 
ATOM   510  C CG  . PRO A 1 67  ? 9.616   -7.735  1.210   1.00 20.42  ? 87   PRO A CG  1 
ATOM   511  C CD  . PRO A 1 67  ? 10.134  -8.628  0.104   1.00 19.51  ? 87   PRO A CD  1 
ATOM   512  N N   . VAL A 1 68  ? 9.682   -4.218  -1.330  1.00 15.99  ? 88   VAL A N   1 
ATOM   513  C CA  . VAL A 1 68  ? 10.357  -2.900  -1.124  1.00 17.64  ? 88   VAL A CA  1 
ATOM   514  C C   . VAL A 1 68  ? 9.428   -2.042  -0.375  1.00 16.37  ? 88   VAL A C   1 
ATOM   515  O O   . VAL A 1 68  ? 8.244   -1.885  -0.797  1.00 15.74  ? 88   VAL A O   1 
ATOM   516  C CB  . VAL A 1 68  ? 10.772  -2.297  -2.489  1.00 18.11  ? 88   VAL A CB  1 
ATOM   517  C CG1 . VAL A 1 68  ? 11.620  -1.112  -2.302  1.00 20.48  ? 88   VAL A CG1 1 
ATOM   518  C CG2 . VAL A 1 68  ? 11.515  -3.313  -3.349  1.00 19.88  ? 88   VAL A CG2 1 
ATOM   519  N N   . PHE A 1 69  ? 9.918   -1.388  0.726   1.00 17.77  ? 89   PHE A N   1 
ATOM   520  C CA  . PHE A 1 69  ? 9.083   -0.541  1.497   1.00 19.94  ? 89   PHE A CA  1 
ATOM   521  C C   . PHE A 1 69  ? 9.633   0.893   1.406   1.00 17.72  ? 89   PHE A C   1 
ATOM   522  O O   . PHE A 1 69  ? 10.851  1.084   1.260   1.00 19.97  ? 89   PHE A O   1 
ATOM   523  C CB  . PHE A 1 69  ? 9.100   -0.925  2.969   1.00 19.32  ? 89   PHE A CB  1 
ATOM   524  C CG  . PHE A 1 69  ? 8.525   -2.249  3.255   1.00 22.88  ? 89   PHE A CG  1 
ATOM   525  C CD1 . PHE A 1 69  ? 7.159   -2.390  3.456   1.00 24.00  ? 89   PHE A CD1 1 
ATOM   526  C CD2 . PHE A 1 69  ? 9.354   -3.397  3.321   1.00 24.02  ? 89   PHE A CD2 1 
ATOM   527  C CE1 . PHE A 1 69  ? 6.594   -3.668  3.693   1.00 22.86  ? 89   PHE A CE1 1 
ATOM   528  C CE2 . PHE A 1 69  ? 8.796   -4.651  3.608   1.00 24.92  ? 89   PHE A CE2 1 
ATOM   529  C CZ  . PHE A 1 69  ? 7.417   -4.773  3.773   1.00 23.18  ? 89   PHE A CZ  1 
ATOM   530  N N   . TYR A 1 70  ? 8.726   1.859   1.485   1.00 16.09  ? 90   TYR A N   1 
ATOM   531  C CA  . TYR A 1 70  ? 9.123   3.301   1.511   1.00 16.61  ? 90   TYR A CA  1 
ATOM   532  C C   . TYR A 1 70  ? 8.403   4.075   2.568   1.00 18.77  ? 90   TYR A C   1 
ATOM   533  O O   . TYR A 1 70  ? 7.229   3.818   2.920   1.00 16.46  ? 90   TYR A O   1 
ATOM   534  C CB  . TYR A 1 70  ? 8.882   4.009   0.162   1.00 17.18  ? 90   TYR A CB  1 
ATOM   535  C CG  . TYR A 1 70  ? 9.292   3.236   -1.124  1.00 17.71  ? 90   TYR A CG  1 
ATOM   536  C CD1 . TYR A 1 70  ? 8.476   2.227   -1.636  1.00 19.03  ? 90   TYR A CD1 1 
ATOM   537  C CD2 . TYR A 1 70  ? 10.449  3.592   -1.843  1.00 16.89  ? 90   TYR A CD2 1 
ATOM   538  C CE1 . TYR A 1 70  ? 8.810   1.564   -2.803  1.00 19.23  ? 90   TYR A CE1 1 
ATOM   539  C CE2 . TYR A 1 70  ? 10.793  2.951   -3.034  1.00 16.28  ? 90   TYR A CE2 1 
ATOM   540  C CZ  . TYR A 1 70  ? 9.964   1.917   -3.474  1.00 19.78  ? 90   TYR A CZ  1 
ATOM   541  O OH  . TYR A 1 70  ? 10.353  1.332   -4.614  1.00 20.43  ? 90   TYR A OH  1 
ATOM   542  N N   . GLN A 1 71  ? 9.063   5.117   3.071   1.00 21.50  ? 91   GLN A N   1 
ATOM   543  C CA  . GLN A 1 71  ? 8.385   6.012   3.959   1.00 22.02  ? 91   GLN A CA  1 
ATOM   544  C C   . GLN A 1 71  ? 8.070   7.316   3.225   1.00 23.48  ? 91   GLN A C   1 
ATOM   545  O O   . GLN A 1 71  ? 7.363   8.164   3.765   1.00 23.34  ? 91   GLN A O   1 
ATOM   546  C CB  . GLN A 1 71  ? 9.199   6.293   5.197   1.00 23.55  ? 91   GLN A CB  1 
ATOM   547  C CG  . GLN A 1 71  ? 10.532  6.963   4.913   1.00 24.09  ? 91   GLN A CG  1 
ATOM   548  C CD  . GLN A 1 71  ? 11.291  7.107   6.172   1.00 26.31  ? 91   GLN A CD  1 
ATOM   549  O OE1 . GLN A 1 71  ? 11.420  6.138   6.901   1.00 23.80  ? 91   GLN A OE1 1 
ATOM   550  N NE2 . GLN A 1 71  ? 11.743  8.365   6.496   1.00 24.72  ? 91   GLN A NE2 1 
ATOM   551  N N   . ASP A 1 72  ? 8.580   7.482   2.000   1.00 20.98  ? 92   ASP A N   1 
ATOM   552  C CA  . ASP A 1 72  ? 8.135   8.561   1.120   1.00 22.24  ? 92   ASP A CA  1 
ATOM   553  C C   . ASP A 1 72  ? 8.436   8.125   -0.295  1.00 19.61  ? 92   ASP A C   1 
ATOM   554  O O   . ASP A 1 72  ? 9.338   7.311   -0.510  1.00 20.72  ? 92   ASP A O   1 
ATOM   555  C CB  . ASP A 1 72  ? 8.766   9.947   1.494   1.00 24.45  ? 92   ASP A CB  1 
ATOM   556  C CG  . ASP A 1 72  ? 8.000   11.148  0.920   1.00 28.49  ? 92   ASP A CG  1 
ATOM   557  O OD1 . ASP A 1 72  ? 6.908   10.960  0.314   1.00 27.10  ? 92   ASP A OD1 1 
ATOM   558  O OD2 . ASP A 1 72  ? 8.498   12.320  1.117   1.00 25.44  ? 92   ASP A OD2 1 
ATOM   559  N N   . TYR A 1 73  ? 7.676   8.683   -1.240  1.00 17.93  ? 93   TYR A N   1 
ATOM   560  C CA  . TYR A 1 73  ? 7.778   8.267   -2.622  1.00 20.77  ? 93   TYR A CA  1 
ATOM   561  C C   . TYR A 1 73  ? 7.183   9.382   -3.474  1.00 21.08  ? 93   TYR A C   1 
ATOM   562  O O   . TYR A 1 73  ? 6.138   9.947   -3.123  1.00 21.02  ? 93   TYR A O   1 
ATOM   563  C CB  . TYR A 1 73  ? 7.012   6.970   -2.718  1.00 20.04  ? 93   TYR A CB  1 
ATOM   564  C CG  . TYR A 1 73  ? 7.269   6.225   -4.014  1.00 20.11  ? 93   TYR A CG  1 
ATOM   565  C CD1 . TYR A 1 73  ? 8.352   5.356   -4.119  1.00 18.79  ? 93   TYR A CD1 1 
ATOM   566  C CD2 . TYR A 1 73  ? 6.506   6.464   -5.127  1.00 20.22  ? 93   TYR A CD2 1 
ATOM   567  C CE1 . TYR A 1 73  ? 8.602   4.677   -5.308  1.00 17.22  ? 93   TYR A CE1 1 
ATOM   568  C CE2 . TYR A 1 73  ? 6.761   5.820   -6.327  1.00 18.88  ? 93   TYR A CE2 1 
ATOM   569  C CZ  . TYR A 1 73  ? 7.818   4.940   -6.402  1.00 18.66  ? 93   TYR A CZ  1 
ATOM   570  O OH  . TYR A 1 73  ? 8.008   4.284   -7.614  1.00 17.01  ? 93   TYR A OH  1 
ATOM   571  N N   . SER A 1 74  ? 7.863   9.711   -4.567  1.00 22.86  ? 94   SER A N   1 
ATOM   572  C CA  . SER A 1 74  ? 7.462   10.831  -5.444  1.00 25.21  ? 94   SER A CA  1 
ATOM   573  C C   . SER A 1 74  ? 6.823   10.394  -6.740  1.00 20.72  ? 94   SER A C   1 
ATOM   574  O O   . SER A 1 74  ? 6.138   11.198  -7.375  1.00 23.20  ? 94   SER A O   1 
ATOM   575  C CB  . SER A 1 74  ? 8.675   11.703  -5.810  1.00 28.04  ? 94   SER A CB  1 
ATOM   576  O OG  . SER A 1 74  ? 9.318   12.108  -4.653  1.00 33.85  ? 94   SER A OG  1 
ATOM   577  N N   . GLY A 1 75  ? 7.062   9.151   -7.173  1.00 22.32  ? 95   GLY A N   1 
ATOM   578  C CA  . GLY A 1 75  ? 6.566   8.759   -8.451  1.00 23.09  ? 95   GLY A CA  1 
ATOM   579  C C   . GLY A 1 75  ? 5.102   8.366   -8.347  1.00 24.13  ? 95   GLY A C   1 
ATOM   580  O O   . GLY A 1 75  ? 4.440   8.597   -7.284  1.00 24.14  ? 95   GLY A O   1 
ATOM   581  N N   . PRO A 1 76  ? 4.599   7.756   -9.426  1.00 20.34  ? 96   PRO A N   1 
ATOM   582  C CA  . PRO A 1 76  ? 3.261   7.129   -9.528  1.00 22.24  ? 96   PRO A CA  1 
ATOM   583  C C   . PRO A 1 76  ? 3.075   5.955   -8.515  1.00 18.13  ? 96   PRO A C   1 
ATOM   584  O O   . PRO A 1 76  ? 4.014   5.208   -8.212  1.00 18.27  ? 96   PRO A O   1 
ATOM   585  C CB  . PRO A 1 76  ? 3.213   6.600   -10.969 1.00 20.87  ? 96   PRO A CB  1 
ATOM   586  C CG  . PRO A 1 76  ? 4.233   7.421   -11.709 1.00 22.12  ? 96   PRO A CG  1 
ATOM   587  C CD  . PRO A 1 76  ? 5.296   7.803   -10.714 1.00 20.66  ? 96   PRO A CD  1 
ATOM   588  N N   . VAL A 1 77  ? 1.865   5.854   -7.986  1.00 17.30  ? 97   VAL A N   1 
ATOM   589  C CA  . VAL A 1 77  ? 1.509   4.877   -6.949  1.00 15.51  ? 97   VAL A CA  1 
ATOM   590  C C   . VAL A 1 77  ? 0.093   4.457   -7.099  1.00 13.83  ? 97   VAL A C   1 
ATOM   591  O O   . VAL A 1 77  ? -0.709  5.173   -7.722  1.00 14.40  ? 97   VAL A O   1 
ATOM   592  C CB  . VAL A 1 77  ? 1.641   5.436   -5.478  1.00 15.96  ? 97   VAL A CB  1 
ATOM   593  C CG1 . VAL A 1 77  ? 3.041   5.936   -5.229  1.00 17.35  ? 97   VAL A CG1 1 
ATOM   594  C CG2 . VAL A 1 77  ? 0.538   6.456   -5.065  1.00 19.53  ? 97   VAL A CG2 1 
ATOM   595  N N   . TYR A 1 78  ? -0.214  3.278   -6.577  1.00 15.73  ? 98   TYR A N   1 
ATOM   596  C CA  . TYR A 1 78  ? -1.573  2.807   -6.476  1.00 16.12  ? 98   TYR A CA  1 
ATOM   597  C C   . TYR A 1 78  ? -2.232  3.272   -5.212  1.00 15.32  ? 98   TYR A C   1 
ATOM   598  O O   . TYR A 1 78  ? -1.633  3.165   -4.210  1.00 20.55  ? 98   TYR A O   1 
ATOM   599  C CB  . TYR A 1 78  ? -1.589  1.298   -6.420  1.00 15.03  ? 98   TYR A CB  1 
ATOM   600  C CG  . TYR A 1 78  ? -1.168  0.700   -7.731  1.00 13.86  ? 98   TYR A CG  1 
ATOM   601  C CD1 . TYR A 1 78  ? -1.998  0.802   -8.836  1.00 14.66  ? 98   TYR A CD1 1 
ATOM   602  C CD2 . TYR A 1 78  ? 0.076   0.052   -7.865  1.00 14.27  ? 98   TYR A CD2 1 
ATOM   603  C CE1 . TYR A 1 78  ? -1.619  0.209   -10.086 1.00 15.18  ? 98   TYR A CE1 1 
ATOM   604  C CE2 . TYR A 1 78  ? 0.459   -0.494  -9.065  1.00 14.67  ? 98   TYR A CE2 1 
ATOM   605  C CZ  . TYR A 1 78  ? -0.375  -0.366  -10.197 1.00 15.35  ? 98   TYR A CZ  1 
ATOM   606  O OH  . TYR A 1 78  ? 0.031   -0.945  -11.447 1.00 16.99  ? 98   TYR A OH  1 
ATOM   607  N N   . HIS A 1 79  ? -3.463  3.771   -5.288  1.00 16.22  ? 99   HIS A N   1 
ATOM   608  C CA  . HIS A 1 79  ? -4.306  4.048   -4.128  1.00 19.60  ? 99   HIS A CA  1 
ATOM   609  C C   . HIS A 1 79  ? -5.146  2.880   -3.713  1.00 17.47  ? 99   HIS A C   1 
ATOM   610  O O   . HIS A 1 79  ? -5.741  2.907   -2.658  1.00 18.96  ? 99   HIS A O   1 
ATOM   611  C CB  . HIS A 1 79  ? -5.233  5.284   -4.332  1.00 18.68  ? 99   HIS A CB  1 
ATOM   612  C CG  . HIS A 1 79  ? -4.472  6.576   -4.435  1.00 20.61  ? 99   HIS A CG  1 
ATOM   613  N ND1 . HIS A 1 79  ? -5.063  7.768   -4.789  1.00 20.96  ? 99   HIS A ND1 1 
ATOM   614  C CD2 . HIS A 1 79  ? -3.162  6.862   -4.217  1.00 23.70  ? 99   HIS A CD2 1 
ATOM   615  C CE1 . HIS A 1 79  ? -4.158  8.729   -4.783  1.00 19.86  ? 99   HIS A CE1 1 
ATOM   616  N NE2 . HIS A 1 79  ? -2.994  8.200   -4.459  1.00 20.79  ? 99   HIS A NE2 1 
ATOM   617  N N   . ARG A 1 80  ? -5.170  1.853   -4.539  1.00 19.36  ? 100  ARG A N   1 
ATOM   618  C CA  . ARG A 1 80  ? -5.917  0.667   -4.259  1.00 19.89  ? 100  ARG A CA  1 
ATOM   619  C C   . ARG A 1 80  ? -5.104  -0.470  -4.836  1.00 16.64  ? 100  ARG A C   1 
ATOM   620  O O   . ARG A 1 80  ? -4.387  -0.302  -5.831  1.00 16.68  ? 100  ARG A O   1 
ATOM   621  C CB  . ARG A 1 80  ? -7.341  0.675   -4.893  1.00 18.85  ? 100  ARG A CB  1 
ATOM   622  C CG  . ARG A 1 80  ? -8.142  1.985   -4.594  1.00 21.26  ? 100  ARG A CG  1 
ATOM   623  C CD  . ARG A 1 80  ? -9.609  1.914   -5.055  1.00 22.72  ? 100  ARG A CD  1 
ATOM   624  N NE  . ARG A 1 80  ? -9.690  1.584   -6.467  1.00 20.04  ? 100  ARG A NE  1 
ATOM   625  C CZ  . ARG A 1 80  ? -10.799 1.372   -7.151  1.00 23.44  ? 100  ARG A CZ  1 
ATOM   626  N NH1 . ARG A 1 80  ? -12.007 1.407   -6.535  1.00 21.95  ? 100  ARG A NH1 1 
ATOM   627  N NH2 . ARG A 1 80  ? -10.702 1.021   -8.450  1.00 20.92  ? 100  ARG A NH2 1 
ATOM   628  N N   . ALA A 1 81  ? -5.191  -1.592  -4.153  1.00 18.55  ? 101  ALA A N   1 
ATOM   629  C CA  . ALA A 1 81  ? -4.481  -2.815  -4.514  1.00 18.39  ? 101  ALA A CA  1 
ATOM   630  C C   . ALA A 1 81  ? -4.968  -3.232  -5.918  1.00 19.39  ? 101  ALA A C   1 
ATOM   631  O O   . ALA A 1 81  ? -6.188  -3.409  -6.102  1.00 21.16  ? 101  ALA A O   1 
ATOM   632  C CB  . ALA A 1 81  ? -4.726  -3.916  -3.494  1.00 19.76  ? 101  ALA A CB  1 
ATOM   633  N N   . PRO A 1 82  ? -4.022  -3.315  -6.906  1.00 21.59  ? 102  PRO A N   1 
ATOM   634  C CA  . PRO A 1 82  ? -4.397  -3.716  -8.256  1.00 21.89  ? 102  PRO A CA  1 
ATOM   635  C C   . PRO A 1 82  ? -4.673  -5.229  -8.342  1.00 22.30  ? 102  PRO A C   1 
ATOM   636  O O   . PRO A 1 82  ? -3.795  -6.055  -8.714  1.00 21.32  ? 102  PRO A O   1 
ATOM   637  C CB  . PRO A 1 82  ? -3.200  -3.247  -9.106  1.00 21.56  ? 102  PRO A CB  1 
ATOM   638  C CG  . PRO A 1 82  ? -2.057  -3.450  -8.249  1.00 22.28  ? 102  PRO A CG  1 
ATOM   639  C CD  . PRO A 1 82  ? -2.588  -2.921  -6.874  1.00 20.42  ? 102  PRO A CD  1 
ATOM   640  N N   . LEU A 1 83  ? -5.920  -5.595  -8.015  1.00 23.88  ? 103  LEU A N   1 
ATOM   641  C CA  . LEU A 1 83  ? -6.219  -7.010  -7.730  1.00 24.59  ? 103  LEU A CA  1 
ATOM   642  C C   . LEU A 1 83  ? -5.991  -7.872  -8.935  1.00 24.96  ? 103  LEU A C   1 
ATOM   643  O O   . LEU A 1 83  ? -5.706  -9.045  -8.821  1.00 26.30  ? 103  LEU A O   1 
ATOM   644  C CB  . LEU A 1 83  ? -7.623  -7.222  -7.128  1.00 24.56  ? 103  LEU A CB  1 
ATOM   645  C CG  . LEU A 1 83  ? -7.767  -6.642  -5.727  1.00 25.13  ? 103  LEU A CG  1 
ATOM   646  C CD1 . LEU A 1 83  ? -9.253  -6.652  -5.329  1.00 26.43  ? 103  LEU A CD1 1 
ATOM   647  C CD2 . LEU A 1 83  ? -6.891  -7.426  -4.743  1.00 25.42  ? 103  LEU A CD2 1 
ATOM   648  N N   . GLU A 1 84  ? -5.976  -7.239  -10.088 1.00 24.47  ? 104  GLU A N   1 
ATOM   649  C CA  . GLU A 1 84  ? -5.642  -7.945  -11.307 1.00 24.81  ? 104  GLU A CA  1 
ATOM   650  C C   . GLU A 1 84  ? -4.206  -8.541  -11.294 1.00 24.56  ? 104  GLU A C   1 
ATOM   651  O O   . GLU A 1 84  ? -3.920  -9.521  -11.992 1.00 23.84  ? 104  GLU A O   1 
ATOM   652  C CB  . GLU A 1 84  ? -5.932  -6.996  -12.496 1.00 25.55  ? 104  GLU A CB  1 
ATOM   653  C CG  . GLU A 1 84  ? -5.002  -5.813  -12.719 1.00 27.57  ? 104  GLU A CG  1 
ATOM   654  C CD  . GLU A 1 84  ? -5.365  -4.464  -12.066 1.00 30.38  ? 104  GLU A CD  1 
ATOM   655  O OE1 . GLU A 1 84  ? -6.192  -4.395  -11.116 1.00 24.69  ? 104  GLU A OE1 1 
ATOM   656  O OE2 . GLU A 1 84  ? -4.708  -3.469  -12.521 1.00 29.97  ? 104  GLU A OE2 1 
ATOM   657  N N   . GLN A 1 85  ? -3.315  -7.956  -10.488 1.00 25.08  ? 105  GLN A N   1 
ATOM   658  C CA  . GLN A 1 85  ? -1.907  -8.378  -10.378 1.00 23.38  ? 105  GLN A CA  1 
ATOM   659  C C   . GLN A 1 85  ? -1.687  -9.413  -9.208  1.00 23.51  ? 105  GLN A C   1 
ATOM   660  O O   . GLN A 1 85  ? -0.563  -9.883  -8.948  1.00 23.80  ? 105  GLN A O   1 
ATOM   661  C CB  . GLN A 1 85  ? -1.021  -7.162  -10.148 1.00 23.37  ? 105  GLN A CB  1 
ATOM   662  C CG  . GLN A 1 85  ? -0.942  -6.192  -11.341 1.00 25.96  ? 105  GLN A CG  1 
ATOM   663  C CD  . GLN A 1 85  ? -0.309  -4.830  -10.946 1.00 27.19  ? 105  GLN A CD  1 
ATOM   664  O OE1 . GLN A 1 85  ? 0.389   -4.702  -9.915  1.00 28.82  ? 105  GLN A OE1 1 
ATOM   665  N NE2 . GLN A 1 85  ? -0.536  -3.840  -11.746 1.00 24.01  ? 105  GLN A NE2 1 
ATOM   666  N N   . PHE A 1 86  ? -2.772  -9.704  -8.503  1.00 21.56  ? 106  PHE A N   1 
ATOM   667  C CA  . PHE A 1 86  ? -2.766  -10.611 -7.345  1.00 22.14  ? 106  PHE A CA  1 
ATOM   668  C C   . PHE A 1 86  ? -3.353  -11.957 -7.764  1.00 21.83  ? 106  PHE A C   1 
ATOM   669  O O   . PHE A 1 86  ? -4.137  -11.995 -8.658  1.00 25.38  ? 106  PHE A O   1 
ATOM   670  C CB  . PHE A 1 86  ? -3.651  -10.096 -6.246  1.00 20.26  ? 106  PHE A CB  1 
ATOM   671  C CG  . PHE A 1 86  ? -3.051  -8.942  -5.473  1.00 18.60  ? 106  PHE A CG  1 
ATOM   672  C CD1 . PHE A 1 86  ? -2.838  -7.729  -6.090  1.00 19.08  ? 106  PHE A CD1 1 
ATOM   673  C CD2 . PHE A 1 86  ? -2.696  -9.105  -4.128  1.00 19.28  ? 106  PHE A CD2 1 
ATOM   674  C CE1 . PHE A 1 86  ? -2.273  -6.663  -5.374  1.00 15.76  ? 106  PHE A CE1 1 
ATOM   675  C CE2 . PHE A 1 86  ? -2.169  -8.022  -3.392  1.00 17.90  ? 106  PHE A CE2 1 
ATOM   676  C CZ  . PHE A 1 86  ? -1.938  -6.840  -4.040  1.00 17.55  ? 106  PHE A CZ  1 
ATOM   677  N N   . LYS A 1 87  ? -2.990  -13.014 -7.064  1.00 26.60  ? 107  LYS A N   1 
ATOM   678  C CA  . LYS A 1 87  ? -3.513  -14.390 -7.265  1.00 26.49  ? 107  LYS A CA  1 
ATOM   679  C C   . LYS A 1 87  ? -3.978  -14.928 -5.902  1.00 28.56  ? 107  LYS A C   1 
ATOM   680  O O   . LYS A 1 87  ? -3.353  -14.709 -4.836  1.00 28.94  ? 107  LYS A O   1 
ATOM   681  C CB  . LYS A 1 87  ? -2.444  -15.380 -7.824  1.00 30.35  ? 107  LYS A CB  1 
ATOM   682  C CG  . LYS A 1 87  ? -2.272  -15.480 -9.348  1.00 34.30  ? 107  LYS A CG  1 
ATOM   683  C CD  . LYS A 1 87  ? -3.593  -15.510 -10.113 0.50 33.88  ? 107  LYS A CD  1 
ATOM   684  C CE  . LYS A 1 87  ? -3.387  -15.684 -11.608 0.50 34.32  ? 107  LYS A CE  1 
ATOM   685  N NZ  . LYS A 1 87  ? -4.683  -15.913 -12.323 0.50 33.32  ? 107  LYS A NZ  1 
ATOM   686  N N   . GLN A 1 88  ? -5.107  -15.598 -5.956  1.00 29.33  ? 108  GLN A N   1 
ATOM   687  C CA  . GLN A 1 88  ? -5.660  -16.304 -4.825  1.00 32.42  ? 108  GLN A CA  1 
ATOM   688  C C   . GLN A 1 88  ? -4.553  -17.241 -4.238  1.00 30.81  ? 108  GLN A C   1 
ATOM   689  O O   . GLN A 1 88  ? -3.814  -17.919 -4.981  1.00 29.32  ? 108  GLN A O   1 
ATOM   690  C CB  . GLN A 1 88  ? -6.930  -17.054 -5.331  1.00 31.56  ? 108  GLN A CB  1 
ATOM   691  C CG  . GLN A 1 88  ? -8.079  -17.223 -4.381  0.50 33.54  ? 108  GLN A CG  1 
ATOM   692  C CD  . GLN A 1 88  ? -8.746  -15.947 -3.910  0.50 33.12  ? 108  GLN A CD  1 
ATOM   693  O OE1 . GLN A 1 88  ? -9.042  -15.810 -2.723  0.50 33.48  ? 108  GLN A OE1 1 
ATOM   694  N NE2 . GLN A 1 88  ? -9.030  -15.037 -4.829  0.50 34.09  ? 108  GLN A NE2 1 
ATOM   695  N N   . ALA A 1 89  ? -4.396  -17.219 -2.906  1.00 31.14  ? 109  ALA A N   1 
ATOM   696  C CA  . ALA A 1 89  ? -3.382  -18.050 -2.223  1.00 29.79  ? 109  ALA A CA  1 
ATOM   697  C C   . ALA A 1 89  ? -3.822  -18.520 -0.848  1.00 30.37  ? 109  ALA A C   1 
ATOM   698  O O   . ALA A 1 89  ? -4.674  -17.877 -0.207  1.00 31.00  ? 109  ALA A O   1 
ATOM   699  C CB  . ALA A 1 89  ? -2.075  -17.284 -2.098  1.00 28.41  ? 109  ALA A CB  1 
ATOM   700  N N   . PRO A 1 90  ? -3.171  -19.584 -0.340  1.00 31.56  ? 110  PRO A N   1 
ATOM   701  C CA  . PRO A 1 90  ? -3.375  -19.932 1.065   1.00 31.50  ? 110  PRO A CA  1 
ATOM   702  C C   . PRO A 1 90  ? -2.809  -18.853 2.015   1.00 31.96  ? 110  PRO A C   1 
ATOM   703  O O   . PRO A 1 90  ? -1.780  -18.252 1.714   1.00 29.32  ? 110  PRO A O   1 
ATOM   704  C CB  . PRO A 1 90  ? -2.548  -21.216 1.257   1.00 32.93  ? 110  PRO A CB  1 
ATOM   705  C CG  . PRO A 1 90  ? -1.783  -21.452 -0.009  1.00 32.73  ? 110  PRO A CG  1 
ATOM   706  C CD  . PRO A 1 90  ? -2.032  -20.309 -0.945  1.00 32.60  ? 110  PRO A CD  1 
ATOM   707  N N   . MET A 1 91  ? -3.472  -18.658 3.153   1.00 28.39  ? 111  MET A N   1 
ATOM   708  C CA  A MET A 1 91  ? -2.949  -17.804 4.221   0.50 30.23  ? 111  MET A CA  1 
ATOM   709  C CA  B MET A 1 91  ? -2.945  -17.783 4.179   0.50 26.99  ? 111  MET A CA  1 
ATOM   710  C C   . MET A 1 91  ? -1.494  -18.161 4.509   1.00 26.55  ? 111  MET A C   1 
ATOM   711  O O   . MET A 1 91  ? -1.132  -19.317 4.584   1.00 25.41  ? 111  MET A O   1 
ATOM   712  C CB  A MET A 1 91  ? -3.777  -17.988 5.496   0.50 31.48  ? 111  MET A CB  1 
ATOM   713  C CB  B MET A 1 91  ? -3.818  -17.867 5.424   0.50 24.29  ? 111  MET A CB  1 
ATOM   714  C CG  A MET A 1 91  ? -3.247  -17.269 6.729   0.50 32.97  ? 111  MET A CG  1 
ATOM   715  C CG  B MET A 1 91  ? -3.567  -16.753 6.401   0.50 22.09  ? 111  MET A CG  1 
ATOM   716  S SD  A MET A 1 91  ? -2.969  -15.507 6.477   0.50 37.08  ? 111  MET A SD  1 
ATOM   717  S SD  B MET A 1 91  ? -3.351  -15.131 5.632   0.50 19.67  ? 111  MET A SD  1 
ATOM   718  C CE  A MET A 1 91  ? -4.493  -14.998 5.686   0.50 33.71  ? 111  MET A CE  1 
ATOM   719  C CE  B MET A 1 91  ? -2.568  -14.340 7.062   0.50 18.49  ? 111  MET A CE  1 
ATOM   720  N N   . CYS A 1 92  ? -0.661  -17.167 4.679   1.00 27.17  ? 112  CYS A N   1 
ATOM   721  C CA  . CYS A 1 92  ? 0.764   -17.381 4.974   1.00 26.89  ? 112  CYS A CA  1 
ATOM   722  C C   . CYS A 1 92  ? 1.062   -17.104 6.454   1.00 24.82  ? 112  CYS A C   1 
ATOM   723  O O   . CYS A 1 92  ? 0.201   -16.560 7.195   1.00 24.05  ? 112  CYS A O   1 
ATOM   724  C CB  . CYS A 1 92  ? 1.614   -16.444 4.107   1.00 24.60  ? 112  CYS A CB  1 
ATOM   725  S SG  . CYS A 1 92  ? 1.443   -14.683 4.596   1.00 24.95  ? 112  CYS A SG  1 
ATOM   726  N N   . GLU A 1 93  ? 2.246   -17.513 6.892   1.00 22.71  ? 113  GLU A N   1 
ATOM   727  C CA  . GLU A 1 93  ? 2.737   -17.096 8.184   1.00 28.87  ? 113  GLU A CA  1 
ATOM   728  C C   . GLU A 1 93  ? 3.144   -15.658 7.949   1.00 23.71  ? 113  GLU A C   1 
ATOM   729  O O   . GLU A 1 93  ? 3.850   -15.358 6.985   1.00 25.09  ? 113  GLU A O   1 
ATOM   730  C CB  . GLU A 1 93  ? 3.943   -17.932 8.604   1.00 32.41  ? 113  GLU A CB  1 
ATOM   731  C CG  . GLU A 1 93  ? 3.669   -19.425 8.675   1.00 37.12  ? 113  GLU A CG  1 
ATOM   732  C CD  . GLU A 1 93  ? 2.733   -19.792 9.809   1.00 46.57  ? 113  GLU A CD  1 
ATOM   733  O OE1 . GLU A 1 93  ? 2.734   -19.082 10.837  1.00 48.23  ? 113  GLU A OE1 1 
ATOM   734  O OE2 . GLU A 1 93  ? 1.996   -20.790 9.674   1.00 48.07  ? 113  GLU A OE2 1 
ATOM   735  N N   . VAL A 1 94  ? 2.700   -14.761 8.816   1.00 23.12  ? 114  VAL A N   1 
ATOM   736  C CA  . VAL A 1 94  ? 2.977   -13.363 8.615   1.00 20.00  ? 114  VAL A CA  1 
ATOM   737  C C   . VAL A 1 94  ? 4.001   -12.768 9.607   1.00 22.29  ? 114  VAL A C   1 
ATOM   738  O O   . VAL A 1 94  ? 4.003   -13.053 10.815  1.00 20.89  ? 114  VAL A O   1 
ATOM   739  C CB  . VAL A 1 94  ? 1.737   -12.462 8.435   1.00 20.09  ? 114  VAL A CB  1 
ATOM   740  C CG1 . VAL A 1 94  ? 0.443   -13.212 8.269   1.00 19.00  ? 114  VAL A CG1 1 
ATOM   741  C CG2 . VAL A 1 94  ? 1.581   -11.451 9.534   1.00 18.09  ? 114  VAL A CG2 1 
ATOM   742  N N   . THR A 1 95  ? 4.887   -11.983 9.008   1.00 20.02  ? 115  THR A N   1 
ATOM   743  C CA  . THR A 1 95  ? 6.020   -11.409 9.695   1.00 22.44  ? 115  THR A CA  1 
ATOM   744  C C   . THR A 1 95  ? 5.557   -10.075 10.178  1.00 22.87  ? 115  THR A C   1 
ATOM   745  O O   . THR A 1 95  ? 6.028   -9.591  11.228  1.00 25.37  ? 115  THR A O   1 
ATOM   746  C CB  . THR A 1 95  ? 7.248   -11.280 8.816   1.00 22.84  ? 115  THR A CB  1 
ATOM   747  O OG1 . THR A 1 95  ? 6.959   -10.335 7.826   1.00 22.57  ? 115  THR A OG1 1 
ATOM   748  C CG2 . THR A 1 95  ? 7.526   -12.573 8.092   1.00 27.74  ? 115  THR A CG2 1 
ATOM   749  N N   . LYS A 1 96  ? 4.639   -9.441  9.440   1.00 24.46  ? 116  LYS A N   1 
ATOM   750  C CA  . LYS A 1 96  ? 4.189   -8.117  9.842   1.00 24.44  ? 116  LYS A CA  1 
ATOM   751  C C   . LYS A 1 96  ? 2.846   -7.760  9.265   1.00 22.16  ? 116  LYS A C   1 
ATOM   752  O O   . LYS A 1 96  ? 2.631   -7.987  8.086   1.00 19.55  ? 116  LYS A O   1 
ATOM   753  C CB  . LYS A 1 96  ? 5.162   -7.048  9.399   1.00 25.80  ? 116  LYS A CB  1 
ATOM   754  C CG  . LYS A 1 96  ? 4.888   -5.722  10.124  1.00 28.54  ? 116  LYS A CG  1 
ATOM   755  C CD  . LYS A 1 96  ? 6.111   -4.884  10.324  1.00 34.17  ? 116  LYS A CD  1 
ATOM   756  C CE  . LYS A 1 96  ? 7.152   -5.614  11.161  1.00 34.76  ? 116  LYS A CE  1 
ATOM   757  N NZ  . LYS A 1 96  ? 8.484   -4.962  10.961  0.50 35.51  ? 116  LYS A NZ  1 
ATOM   758  N N   . ARG A 1 97  ? 2.002   -7.128  10.084  1.00 20.37  ? 117  ARG A N   1 
ATOM   759  C CA  . ARG A 1 97  ? 0.822   -6.407  9.555   1.00 24.02  ? 117  ARG A CA  1 
ATOM   760  C C   . ARG A 1 97  ? 1.149   -4.965  9.128   1.00 25.29  ? 117  ARG A C   1 
ATOM   761  O O   . ARG A 1 97  ? 1.671   -4.173  9.942   1.00 26.72  ? 117  ARG A O   1 
ATOM   762  C CB  . ARG A 1 97  ? -0.261  -6.300  10.613  1.00 25.71  ? 117  ARG A CB  1 
ATOM   763  C CG  . ARG A 1 97  ? -0.642  -7.637  11.229  1.00 26.18  ? 117  ARG A CG  1 
ATOM   764  C CD  . ARG A 1 97  ? -0.888  -7.461  12.697  1.00 29.95  ? 117  ARG A CD  1 
ATOM   765  N NE  . ARG A 1 97  ? -1.839  -6.435  12.905  1.00 30.09  ? 117  ARG A NE  1 
ATOM   766  C CZ  . ARG A 1 97  ? -1.771  -5.463  13.817  1.00 27.54  ? 117  ARG A CZ  1 
ATOM   767  N NH1 . ARG A 1 97  ? -0.775  -5.355  14.690  1.00 25.82  ? 117  ARG A NH1 1 
ATOM   768  N NH2 . ARG A 1 97  ? -2.777  -4.613  13.833  1.00 28.12  ? 117  ARG A NH2 1 
ATOM   769  N N   . ILE A 1 98  ? 0.749   -4.580  7.925   1.00 21.20  ? 118  ILE A N   1 
ATOM   770  C CA  . ILE A 1 98  ? 1.113   -3.248  7.394   1.00 21.82  ? 118  ILE A CA  1 
ATOM   771  C C   . ILE A 1 98  ? 0.043   -2.196  7.164   1.00 24.12  ? 118  ILE A C   1 
ATOM   772  O O   . ILE A 1 98  ? 0.366   -1.015  7.080   1.00 22.92  ? 118  ILE A O   1 
ATOM   773  C CB  . ILE A 1 98  ? 2.047   -3.283  6.140   1.00 21.83  ? 118  ILE A CB  1 
ATOM   774  C CG1 . ILE A 1 98  ? 1.522   -4.163  5.008   1.00 21.80  ? 118  ILE A CG1 1 
ATOM   775  C CG2 . ILE A 1 98  ? 3.462   -3.739  6.554   1.00 24.20  ? 118  ILE A CG2 1 
ATOM   776  C CD1 . ILE A 1 98  ? 2.396   -3.986  3.780   1.00 24.20  ? 118  ILE A CD1 1 
ATOM   777  N N   . GLY A 1 99  ? -1.199  -2.595  7.017   1.00 23.99  ? 119  GLY A N   1 
ATOM   778  C CA  . GLY A 1 99  ? -2.270  -1.608  6.936   1.00 25.53  ? 119  GLY A CA  1 
ATOM   779  C C   . GLY A 1 99  ? -3.574  -2.188  6.450   1.00 23.08  ? 119  GLY A C   1 
ATOM   780  O O   . GLY A 1 99  ? -3.716  -3.404  6.331   1.00 22.32  ? 119  GLY A O   1 
ATOM   781  N N   . ARG A 1 100 ? -4.534  -1.294  6.244   1.00 25.12  ? 120  ARG A N   1 
ATOM   782  C CA  . ARG A 1 100 ? -5.840  -1.618  5.700   1.00 24.52  ? 120  ARG A CA  1 
ATOM   783  C C   . ARG A 1 100 ? -5.979  -0.889  4.364   1.00 24.11  ? 120  ARG A C   1 
ATOM   784  O O   . ARG A 1 100 ? -6.015  0.315   4.257   1.00 18.91  ? 120  ARG A O   1 
ATOM   785  C CB  . ARG A 1 100 ? -6.956  -1.298  6.684   1.00 29.62  ? 120  ARG A CB  1 
ATOM   786  C CG  . ARG A 1 100 ? -6.684  -1.861  8.092   1.00 30.44  ? 120  ARG A CG  1 
ATOM   787  C CD  . ARG A 1 100 ? -7.915  -1.694  8.976   1.00 33.69  ? 120  ARG A CD  1 
ATOM   788  N NE  . ARG A 1 100 ? -8.300  -0.280  9.058   1.00 34.88  ? 120  ARG A NE  1 
ATOM   789  C CZ  . ARG A 1 100 ? -7.728  0.647   9.861   1.00 39.93  ? 120  ARG A CZ  1 
ATOM   790  N NH1 . ARG A 1 100 ? -6.721  0.346   10.705  1.00 37.32  ? 120  ARG A NH1 1 
ATOM   791  N NH2 . ARG A 1 100 ? -8.152  1.911   9.807   1.00 39.34  ? 120  ARG A NH2 1 
ATOM   792  N N   . VAL A 1 101 ? -5.970  -1.693  3.320   1.00 17.65  ? 121  VAL A N   1 
ATOM   793  C CA  A VAL A 1 101 ? -5.918  -1.220  1.955   0.70 18.49  ? 121  VAL A CA  1 
ATOM   794  C CA  B VAL A 1 101 ? -5.930  -1.176  1.969   0.30 17.43  ? 121  VAL A CA  1 
ATOM   795  C C   . VAL A 1 101 ? -7.239  -1.491  1.220   1.00 17.79  ? 121  VAL A C   1 
ATOM   796  O O   . VAL A 1 101 ? -7.884  -2.547  1.442   1.00 17.58  ? 121  VAL A O   1 
ATOM   797  C CB  A VAL A 1 101 ? -4.744  -1.876  1.188   0.70 19.26  ? 121  VAL A CB  1 
ATOM   798  C CB  B VAL A 1 101 ? -4.649  -1.678  1.260   0.30 16.41  ? 121  VAL A CB  1 
ATOM   799  C CG1 A VAL A 1 101 ? -3.466  -1.731  2.007   0.70 22.03  ? 121  VAL A CG1 1 
ATOM   800  C CG1 B VAL A 1 101 ? -4.604  -1.292  -0.208  0.30 15.15  ? 121  VAL A CG1 1 
ATOM   801  C CG2 A VAL A 1 101 ? -5.013  -3.346  0.858   0.70 18.98  ? 121  VAL A CG2 1 
ATOM   802  C CG2 B VAL A 1 101 ? -3.435  -1.093  1.976   0.30 16.52  ? 121  VAL A CG2 1 
ATOM   803  N N   . THR A 1 102 ? -7.606  -0.559  0.337   1.00 18.06  ? 122  THR A N   1 
ATOM   804  C CA  . THR A 1 102 ? -8.820  -0.577  -0.431  1.00 17.00  ? 122  THR A CA  1 
ATOM   805  C C   . THR A 1 102 ? -8.427  -1.529  -1.610  1.00 16.37  ? 122  THR A C   1 
ATOM   806  O O   . THR A 1 102 ? -7.378  -1.338  -2.208  1.00 15.68  ? 122  THR A O   1 
ATOM   807  C CB  . THR A 1 102 ? -9.156  0.780   -0.994  1.00 17.25  ? 122  THR A CB  1 
ATOM   808  O OG1 . THR A 1 102 ? -9.118  1.795   0.062   1.00 17.50  ? 122  THR A OG1 1 
ATOM   809  C CG2 . THR A 1 102 ? -10.493 0.749   -1.672  1.00 18.55  ? 122  THR A CG2 1 
ATOM   810  N N   . GLY A 1 103 ? -9.188  -2.562  -1.902  1.00 17.40  ? 123  GLY A N   1 
ATOM   811  C CA  . GLY A 1 103 ? -8.903  -3.264  -3.154  1.00 17.53  ? 123  GLY A CA  1 
ATOM   812  C C   . GLY A 1 103 ? -9.404  -2.501  -4.411  1.00 19.13  ? 123  GLY A C   1 
ATOM   813  O O   . GLY A 1 103 ? -10.150 -1.534  -4.326  1.00 20.97  ? 123  GLY A O   1 
ATOM   814  N N   . SER A 1 104 ? -9.057  -2.974  -5.601  1.00 17.00  ? 124  SER A N   1 
ATOM   815  C CA  A SER A 1 104 ? -9.515  -2.328  -6.822  0.50 18.68  ? 124  SER A CA  1 
ATOM   816  C CA  B SER A 1 104 ? -9.505  -2.323  -6.806  0.50 16.92  ? 124  SER A CA  1 
ATOM   817  C C   . SER A 1 104 ? -11.010 -2.620  -6.987  1.00 19.14  ? 124  SER A C   1 
ATOM   818  O O   . SER A 1 104 ? -11.700 -1.957  -7.778  1.00 21.15  ? 124  SER A O   1 
ATOM   819  C CB  A SER A 1 104 ? -8.765  -2.844  -8.037  0.50 19.74  ? 124  SER A CB  1 
ATOM   820  C CB  B SER A 1 104 ? -8.667  -2.801  -7.978  0.50 15.94  ? 124  SER A CB  1 
ATOM   821  O OG  A SER A 1 104 ? -7.430  -2.409  -8.105  0.50 21.35  ? 124  SER A OG  1 
ATOM   822  O OG  B SER A 1 104 ? -8.678  -4.237  -8.095  0.50 13.78  ? 124  SER A OG  1 
ATOM   823  N N   . ASP A 1 105 ? -11.500 -3.629  -6.231  1.00 20.41  ? 125  ASP A N   1 
ATOM   824  C CA  . ASP A 1 105 ? -12.905 -3.994  -6.166  1.00 20.11  ? 125  ASP A CA  1 
ATOM   825  C C   . ASP A 1 105 ? -13.734 -3.115  -5.231  1.00 23.00  ? 125  ASP A C   1 
ATOM   826  O O   . ASP A 1 105 ? -14.935 -3.367  -4.995  1.00 21.11  ? 125  ASP A O   1 
ATOM   827  C CB  . ASP A 1 105 ? -13.014 -5.436  -5.699  1.00 21.64  ? 125  ASP A CB  1 
ATOM   828  C CG  . ASP A 1 105 ? -12.433 -5.663  -4.327  1.00 20.44  ? 125  ASP A CG  1 
ATOM   829  O OD1 . ASP A 1 105 ? -11.890 -4.714  -3.638  1.00 19.37  ? 125  ASP A OD1 1 
ATOM   830  O OD2 . ASP A 1 105 ? -12.549 -6.768  -3.902  1.00 20.89  ? 125  ASP A OD2 1 
ATOM   831  N N   . GLY A 1 106 ? -13.102 -2.064  -4.703  1.00 22.33  ? 126  GLY A N   1 
ATOM   832  C CA  . GLY A 1 106 ? -13.753 -1.243  -3.671  1.00 22.28  ? 126  GLY A CA  1 
ATOM   833  C C   . GLY A 1 106 ? -13.744 -1.701  -2.202  1.00 24.01  ? 126  GLY A C   1 
ATOM   834  O O   . GLY A 1 106 ? -13.930 -0.896  -1.297  1.00 20.29  ? 126  GLY A O   1 
ATOM   835  N N   . ASN A 1 107 ? -13.495 -2.965  -1.954  1.00 22.86  ? 127  ASN A N   1 
ATOM   836  C CA  . ASN A 1 107 ? -13.490 -3.532  -0.616  1.00 21.37  ? 127  ASN A CA  1 
ATOM   837  C C   . ASN A 1 107 ? -12.283 -3.246  0.253   1.00 20.35  ? 127  ASN A C   1 
ATOM   838  O O   . ASN A 1 107 ? -11.225 -2.848  -0.211  1.00 20.38  ? 127  ASN A O   1 
ATOM   839  C CB  . ASN A 1 107 ? -13.638 -5.056  -0.777  1.00 21.95  ? 127  ASN A CB  1 
ATOM   840  C CG  . ASN A 1 107 ? -15.018 -5.426  -1.180  1.00 24.66  ? 127  ASN A CG  1 
ATOM   841  O OD1 . ASN A 1 107 ? -15.996 -4.974  -0.545  1.00 24.75  ? 127  ASN A OD1 1 
ATOM   842  N ND2 . ASN A 1 107 ? -15.144 -6.204  -2.274  1.00 22.93  ? 127  ASN A ND2 1 
ATOM   843  N N   . LEU A 1 108 ? -12.442 -3.512  1.532   1.00 19.66  ? 128  LEU A N   1 
ATOM   844  C CA  . LEU A 1 108 ? -11.341 -3.404  2.452   1.00 20.56  ? 128  LEU A CA  1 
ATOM   845  C C   . LEU A 1 108 ? -10.626 -4.729  2.679   1.00 18.78  ? 128  LEU A C   1 
ATOM   846  O O   . LEU A 1 108 ? -11.260 -5.729  2.927   1.00 23.69  ? 128  LEU A O   1 
ATOM   847  C CB  . LEU A 1 108 ? -11.815 -2.761  3.776   1.00 20.92  ? 128  LEU A CB  1 
ATOM   848  C CG  . LEU A 1 108 ? -10.710 -2.288  4.720   1.00 21.62  ? 128  LEU A CG  1 
ATOM   849  C CD1 . LEU A 1 108 ? -10.059 -1.033  4.162   1.00 22.23  ? 128  LEU A CD1 1 
ATOM   850  C CD2 . LEU A 1 108 ? -11.218 -2.144  6.138   1.00 21.29  ? 128  LEU A CD2 1 
ATOM   851  N N   . TYR A 1 109 ? -9.295  -4.686  2.580   1.00 18.34  ? 129  TYR A N   1 
ATOM   852  C CA  . TYR A 1 109 ? -8.372  -5.716  2.916   1.00 17.79  ? 129  TYR A CA  1 
ATOM   853  C C   . TYR A 1 109 ? -7.420  -5.384  4.009   1.00 22.52  ? 129  TYR A C   1 
ATOM   854  O O   . TYR A 1 109 ? -6.943  -4.278  4.094   1.00 20.06  ? 129  TYR A O   1 
ATOM   855  C CB  . TYR A 1 109 ? -7.553  -6.038  1.679   1.00 19.64  ? 129  TYR A CB  1 
ATOM   856  C CG  . TYR A 1 109 ? -8.457  -6.657  0.597   1.00 16.69  ? 129  TYR A CG  1 
ATOM   857  C CD1 . TYR A 1 109 ? -9.184  -5.818  -0.227  1.00 18.16  ? 129  TYR A CD1 1 
ATOM   858  C CD2 . TYR A 1 109 ? -8.575  -8.026  0.405   1.00 18.94  ? 129  TYR A CD2 1 
ATOM   859  C CE1 . TYR A 1 109 ? -9.987  -6.297  -1.222  1.00 19.10  ? 129  TYR A CE1 1 
ATOM   860  C CE2 . TYR A 1 109 ? -9.393  -8.514  -0.565  1.00 19.06  ? 129  TYR A CE2 1 
ATOM   861  C CZ  . TYR A 1 109 ? -10.098 -7.646  -1.365  1.00 19.43  ? 129  TYR A CZ  1 
ATOM   862  O OH  . TYR A 1 109 ? -10.942 -8.037  -2.313  1.00 19.83  ? 129  TYR A OH  1 
ATOM   863  N N   . HIS A 1 110 ? -7.179  -6.370  4.867   1.00 22.30  ? 130  HIS A N   1 
ATOM   864  C CA  . HIS A 1 110 ? -5.988  -6.378  5.716   1.00 21.94  ? 130  HIS A CA  1 
ATOM   865  C C   . HIS A 1 110 ? -4.739  -6.605  4.836   1.00 20.26  ? 130  HIS A C   1 
ATOM   866  O O   . HIS A 1 110 ? -4.764  -7.447  3.983   1.00 17.98  ? 130  HIS A O   1 
ATOM   867  C CB  . HIS A 1 110 ? -6.130  -7.507  6.754   1.00 23.79  ? 130  HIS A CB  1 
ATOM   868  C CG  . HIS A 1 110 ? -7.190  -7.228  7.768   1.00 30.30  ? 130  HIS A CG  1 
ATOM   869  N ND1 . HIS A 1 110 ? -7.148  -6.109  8.585   1.00 33.58  ? 130  HIS A ND1 1 
ATOM   870  C CD2 . HIS A 1 110 ? -8.350  -7.869  8.058   1.00 32.81  ? 130  HIS A CD2 1 
ATOM   871  C CE1 . HIS A 1 110 ? -8.223  -6.092  9.358   1.00 34.00  ? 130  HIS A CE1 1 
ATOM   872  N NE2 . HIS A 1 110 ? -8.957  -7.157  9.069   1.00 33.09  ? 130  HIS A NE2 1 
ATOM   873  N N   . MET A 1 111 ? -3.681  -5.829  5.023   1.00 15.21  ? 131  MET A N   1 
ATOM   874  C CA  . MET A 1 111 ? -2.436  -6.094  4.335   1.00 15.51  ? 131  MET A CA  1 
ATOM   875  C C   . MET A 1 111 ? -1.299  -6.562  5.270   1.00 15.38  ? 131  MET A C   1 
ATOM   876  O O   . MET A 1 111 ? -1.022  -5.949  6.336   1.00 18.66  ? 131  MET A O   1 
ATOM   877  C CB  . MET A 1 111 ? -2.049  -5.023  3.315   1.00 12.92  ? 131  MET A CB  1 
ATOM   878  C CG  . MET A 1 111 ? -0.687  -5.147  2.650   1.00 13.77  ? 131  MET A CG  1 
ATOM   879  S SD  . MET A 1 111 ? -0.245  -3.996  1.355   0.68 13.93  ? 131  MET A SD  1 
ATOM   880  C CE  . MET A 1 111 ? -1.199  -4.583  -0.033  1.00 18.69  ? 131  MET A CE  1 
ATOM   881  N N   . TYR A 1 112 ? -0.672  -7.648  4.815   1.00 17.94  ? 132  TYR A N   1 
ATOM   882  C CA  . TYR A 1 112 ? 0.350   -8.356  5.557   1.00 21.05  ? 132  TYR A CA  1 
ATOM   883  C C   . TYR A 1 112 ? 1.584   -8.614  4.700   1.00 20.77  ? 132  TYR A C   1 
ATOM   884  O O   . TYR A 1 112 ? 1.496   -8.743  3.468   1.00 20.46  ? 132  TYR A O   1 
ATOM   885  C CB  . TYR A 1 112 ? -0.160  -9.740  6.030   1.00 23.24  ? 132  TYR A CB  1 
ATOM   886  C CG  . TYR A 1 112 ? -1.449  -9.767  6.810   1.00 23.92  ? 132  TYR A CG  1 
ATOM   887  C CD1 . TYR A 1 112 ? -1.610  -9.020  7.960   1.00 23.03  ? 132  TYR A CD1 1 
ATOM   888  C CD2 . TYR A 1 112 ? -2.531  -10.590 6.398   1.00 25.22  ? 132  TYR A CD2 1 
ATOM   889  C CE1 . TYR A 1 112 ? -2.812  -9.048  8.678   1.00 22.92  ? 132  TYR A CE1 1 
ATOM   890  C CE2 . TYR A 1 112 ? -3.727  -10.649 7.130   1.00 25.78  ? 132  TYR A CE2 1 
ATOM   891  C CZ  . TYR A 1 112 ? -3.869  -9.870  8.279   1.00 27.26  ? 132  TYR A CZ  1 
ATOM   892  O OH  . TYR A 1 112 ? -5.074  -9.872  8.993   1.00 26.65  ? 132  TYR A OH  1 
ATOM   893  N N   . VAL A 1 113 ? 2.698   -8.781  5.390   1.00 20.56  ? 133  VAL A N   1 
ATOM   894  C CA  . VAL A 1 113 ? 3.932   -9.308  4.811   1.00 20.78  ? 133  VAL A CA  1 
ATOM   895  C C   . VAL A 1 113 ? 4.155   -10.685 5.332   1.00 20.33  ? 133  VAL A C   1 
ATOM   896  O O   . VAL A 1 113 ? 4.133   -10.923 6.532   1.00 16.98  ? 133  VAL A O   1 
ATOM   897  C CB  . VAL A 1 113 ? 5.182   -8.464  5.165   1.00 23.10  ? 133  VAL A CB  1 
ATOM   898  C CG1 . VAL A 1 113 ? 6.373   -8.940  4.345   1.00 24.91  ? 133  VAL A CG1 1 
ATOM   899  C CG2 . VAL A 1 113 ? 4.931   -6.993  4.881   1.00 26.22  ? 133  VAL A CG2 1 
ATOM   900  N N   . CYS A 1 114 ? 4.356   -11.624 4.392   1.00 18.44  ? 134  CYS A N   1 
ATOM   901  C CA  . CYS A 1 114 ? 4.615   -12.979 4.736   1.00 21.23  ? 134  CYS A CA  1 
ATOM   902  C C   . CYS A 1 114 ? 6.095   -13.267 4.974   1.00 21.90  ? 134  CYS A C   1 
ATOM   903  O O   . CYS A 1 114 ? 6.966   -12.568 4.458   1.00 21.58  ? 134  CYS A O   1 
ATOM   904  C CB  . CYS A 1 114 ? 4.159   -13.840 3.530   1.00 20.00  ? 134  CYS A CB  1 
ATOM   905  S SG  . CYS A 1 114 ? 2.424   -13.609 3.139   1.00 24.54  ? 134  CYS A SG  1 
ATOM   906  N N   . THR A 1 115 ? 6.364   -14.343 5.700   1.00 24.99  ? 135  THR A N   1 
ATOM   907  C CA  . THR A 1 115 ? 7.725   -14.792 5.902   1.00 27.04  ? 135  THR A CA  1 
ATOM   908  C C   . THR A 1 115 ? 8.452   -15.023 4.563   1.00 29.00  ? 135  THR A C   1 
ATOM   909  O O   . THR A 1 115 ? 9.648   -14.696 4.487   1.00 29.50  ? 135  THR A O   1 
ATOM   910  C CB  . THR A 1 115 ? 7.848   -16.067 6.822   1.00 26.93  ? 135  THR A CB  1 
ATOM   911  O OG1 . THR A 1 115 ? 7.215   -17.220 6.209   1.00 24.84  ? 135  THR A OG1 1 
ATOM   912  C CG2 . THR A 1 115 ? 7.320   -15.839 8.208   1.00 26.21  ? 135  THR A CG2 1 
ATOM   913  N N   . ASP A 1 116 ? 7.759   -15.596 3.555   1.00 31.75  ? 136  ASP A N   1 
ATOM   914  C CA  . ASP A 1 116 ? 8.314   -15.789 2.174   1.00 31.64  ? 136  ASP A CA  1 
ATOM   915  C C   . ASP A 1 116 ? 8.540   -14.463 1.435   1.00 34.59  ? 136  ASP A C   1 
ATOM   916  O O   . ASP A 1 116 ? 9.117   -14.422 0.342   1.00 32.89  ? 136  ASP A O   1 
ATOM   917  C CB  . ASP A 1 116 ? 7.486   -16.774 1.294   1.00 35.03  ? 136  ASP A CB  1 
ATOM   918  C CG  . ASP A 1 116 ? 6.062   -16.276 0.970   1.00 36.57  ? 136  ASP A CG  1 
ATOM   919  O OD1 . ASP A 1 116 ? 5.802   -15.083 1.158   1.00 32.44  ? 136  ASP A OD1 1 
ATOM   920  O OD2 . ASP A 1 116 ? 5.166   -17.077 0.544   1.00 33.45  ? 136  ASP A OD2 1 
ATOM   921  N N   . GLY A 1 117 ? 8.115   -13.366 2.026   1.00 28.11  ? 137  GLY A N   1 
ATOM   922  C CA  . GLY A 1 117 ? 8.382   -12.070 1.414   1.00 29.60  ? 137  GLY A CA  1 
ATOM   923  C C   . GLY A 1 117 ? 7.240   -11.584 0.525   1.00 24.47  ? 137  GLY A C   1 
ATOM   924  O O   . GLY A 1 117 ? 7.291   -10.493 0.020   1.00 22.26  ? 137  GLY A O   1 
ATOM   925  N N   . CYS A 1 118 ? 6.202   -12.413 0.317   1.00 24.72  ? 138  CYS A N   1 
ATOM   926  C CA  . CYS A 1 118 ? 5.037   -11.954 -0.384  1.00 24.98  ? 138  CYS A CA  1 
ATOM   927  C C   . CYS A 1 118 ? 4.274   -10.917 0.391   1.00 21.65  ? 138  CYS A C   1 
ATOM   928  O O   . CYS A 1 118 ? 4.264   -10.926 1.641   1.00 18.73  ? 138  CYS A O   1 
ATOM   929  C CB  . CYS A 1 118 ? 4.095   -13.086 -0.729  1.00 31.41  ? 138  CYS A CB  1 
ATOM   930  S SG  . CYS A 1 118 ? 4.996   -14.289 -1.682  1.00 39.71  ? 138  CYS A SG  1 
ATOM   931  N N   . ILE A 1 119 ? 3.632   -10.066 -0.397  1.00 17.98  ? 139  ILE A N   1 
ATOM   932  C CA  . ILE A 1 119 ? 2.548   -9.171  0.025   1.00 21.01  ? 139  ILE A CA  1 
ATOM   933  C C   . ILE A 1 119 ? 1.225   -9.895  -0.221  1.00 19.29  ? 139  ILE A C   1 
ATOM   934  O O   . ILE A 1 119 ? 0.986   -10.542 -1.303  1.00 23.06  ? 139  ILE A O   1 
ATOM   935  C CB  . ILE A 1 119 ? 2.622   -7.785  -0.663  1.00 20.67  ? 139  ILE A CB  1 
ATOM   936  C CG1 . ILE A 1 119 ? 4.046   -7.173  -0.571  1.00 23.55  ? 139  ILE A CG1 1 
ATOM   937  C CG2 . ILE A 1 119 ? 1.584   -6.838  -0.053  1.00 20.81  ? 139  ILE A CG2 1 
ATOM   938  C CD1 . ILE A 1 119 ? 4.689   -7.097  0.808   1.00 25.19  ? 139  ILE A CD1 1 
ATOM   939  N N   . LEU A 1 120 ? 0.497   -10.063 0.881   1.00 21.43  ? 140  LEU A N   1 
ATOM   940  C CA  . LEU A 1 120 ? -0.755  -10.820 0.832   1.00 21.54  ? 140  LEU A CA  1 
ATOM   941  C C   . LEU A 1 120 ? -1.878  -9.937  1.324   1.00 22.67  ? 140  LEU A C   1 
ATOM   942  O O   . LEU A 1 120 ? -1.673  -9.062  2.230   1.00 14.82  ? 140  LEU A O   1 
ATOM   943  C CB  . LEU A 1 120 ? -0.634  -12.092 1.668   1.00 24.12  ? 140  LEU A CB  1 
ATOM   944  C CG  . LEU A 1 120 ? -1.887  -12.961 1.872   1.00 23.19  ? 140  LEU A CG  1 
ATOM   945  C CD1 . LEU A 1 120 ? -1.398  -14.386 2.066   1.00 22.79  ? 140  LEU A CD1 1 
ATOM   946  C CD2 . LEU A 1 120 ? -2.662  -12.513 3.093   1.00 27.10  ? 140  LEU A CD2 1 
ATOM   947  N N   . VAL A 1 121 ? -3.059  -10.137 0.766   1.00 17.75  ? 141  VAL A N   1 
ATOM   948  C CA  . VAL A 1 121 ? -4.265  -9.429  1.250   1.00 20.06  ? 141  VAL A CA  1 
ATOM   949  C C   . VAL A 1 121 ? -5.359  -10.434 1.557   1.00 18.68  ? 141  VAL A C   1 
ATOM   950  O O   . VAL A 1 121 ? -5.467  -11.508 0.861   1.00 21.73  ? 141  VAL A O   1 
ATOM   951  C CB  . VAL A 1 121 ? -4.791  -8.292  0.305   1.00 18.58  ? 141  VAL A CB  1 
ATOM   952  C CG1 . VAL A 1 121 ? -3.789  -7.155  0.222   1.00 18.49  ? 141  VAL A CG1 1 
ATOM   953  C CG2 . VAL A 1 121 ? -5.113  -8.796  -1.092  1.00 18.27  ? 141  VAL A CG2 1 
ATOM   954  N N   . LYS A 1 122 ? -6.154  -10.056 2.554   1.00 20.15  ? 142  LYS A N   1 
ATOM   955  C CA  . LYS A 1 122 ? -7.241  -10.823 3.130   1.00 19.34  ? 142  LYS A CA  1 
ATOM   956  C C   . LYS A 1 122 ? -8.405  -9.944  3.382   1.00 21.47  ? 142  LYS A C   1 
ATOM   957  O O   . LYS A 1 122 ? -8.261  -8.915  4.042   1.00 17.56  ? 142  LYS A O   1 
ATOM   958  C CB  . LYS A 1 122 ? -6.828  -11.447 4.463   1.00 20.73  ? 142  LYS A CB  1 
ATOM   959  C CG  . LYS A 1 122 ? -7.986  -12.025 5.284   1.00 20.92  ? 142  LYS A CG  1 
ATOM   960  C CD  . LYS A 1 122 ? -7.513  -12.971 6.368   1.00 24.90  ? 142  LYS A CD  1 
ATOM   961  C CE  . LYS A 1 122 ? -8.554  -14.027 6.763   1.00 25.77  ? 142  LYS A CE  1 
ATOM   962  N NZ  . LYS A 1 122 ? -7.869  -15.034 7.633   0.50 24.89  ? 142  LYS A NZ  1 
ATOM   963  N N   . THR A 1 123 ? -9.562  -10.284 2.833   1.00 22.34  ? 143  THR A N   1 
ATOM   964  C CA  . THR A 1 123 ? -10.759 -9.429  3.016   1.00 26.03  ? 143  THR A CA  1 
ATOM   965  C C   . THR A 1 123 ? -10.999 -9.098  4.473   1.00 27.30  ? 143  THR A C   1 
ATOM   966  O O   . THR A 1 123 ? -10.901 -9.984  5.303   1.00 29.51  ? 143  THR A O   1 
ATOM   967  C CB  . THR A 1 123 ? -12.024 -10.107 2.525   1.00 27.82  ? 143  THR A CB  1 
ATOM   968  O OG1 . THR A 1 123 ? -11.725 -10.712 1.281   1.00 30.88  ? 143  THR A OG1 1 
ATOM   969  C CG2 . THR A 1 123 ? -13.118 -9.050  2.333   1.00 30.88  ? 143  THR A CG2 1 
ATOM   970  N N   . ALA A 1 124 ? -11.283 -7.831  4.790   1.00 30.92  ? 144  ALA A N   1 
ATOM   971  C CA  . ALA A 1 124 ? -11.494 -7.429  6.179   1.00 32.92  ? 144  ALA A CA  1 
ATOM   972  C C   . ALA A 1 124 ? -12.874 -7.909  6.724   1.00 43.98  ? 144  ALA A C   1 
ATOM   973  O O   . ALA A 1 124 ? -13.094 -7.907  7.939   1.00 51.81  ? 144  ALA A O   1 
ATOM   974  C CB  . ALA A 1 124 ? -11.317 -5.936  6.347   1.00 33.80  ? 144  ALA A CB  1 
ATOM   975  N N   . LYS A 1 125 ? -13.767 -8.352  5.827   1.00 53.99  ? 145  LYS A N   1 
ATOM   976  C CA  . LYS A 1 125 ? -15.067 -8.980  6.195   1.00 64.04  ? 145  LYS A CA  1 
ATOM   977  C C   . LYS A 1 125 ? -15.099 -10.521 6.024   1.00 65.00  ? 145  LYS A C   1 
ATOM   978  O O   . LYS A 1 125 ? -14.246 -11.096 5.335   1.00 64.92  ? 145  LYS A O   1 
ATOM   979  C CB  . LYS A 1 125 ? -16.201 -8.328  5.363   1.00 66.90  ? 145  LYS A CB  1 
ATOM   980  C CG  . LYS A 1 125 ? -16.458 -8.956  3.991   1.00 72.46  ? 145  LYS A CG  1 
ATOM   981  C CD  . LYS A 1 125 ? -17.264 -8.055  3.062   1.00 74.13  ? 145  LYS A CD  1 
ATOM   982  C CE  . LYS A 1 125 ? -16.371 -7.053  2.330   1.00 79.00  ? 145  LYS A CE  1 
ATOM   983  N NZ  . LYS A 1 125 ? -17.160 -5.959  1.687   1.00 77.60  ? 145  LYS A NZ  1 
ATOM   984  N N   . ARG A 1 126 ? -16.002 -11.164 6.761   1.00 67.38  ? 146  ARG A N   1 
ATOM   985  C CA  . ARG A 1 126 ? -16.204 -12.605 6.674   1.00 76.21  ? 146  ARG A CA  1 
ATOM   986  C C   . ARG A 1 126 ? -16.760 -13.053 5.326   1.00 87.46  ? 146  ARG A C   1 
ATOM   987  O O   . ARG A 1 126 ? -16.332 -14.065 4.771   1.00 80.24  ? 146  ARG A O   1 
ATOM   988  C CB  . ARG A 1 126 ? -17.122 -13.083 7.802   1.00 78.59  ? 146  ARG A CB  1 
ATOM   989  C CG  . ARG A 1 126 ? -16.557 -12.868 9.196   1.00 78.68  ? 146  ARG A CG  1 
ATOM   990  C CD  . ARG A 1 126 ? -17.476 -11.999 10.038  1.00 80.55  ? 146  ARG A CD  1 
ATOM   991  N NE  . ARG A 1 126 ? -17.218 -10.575 9.837   1.00 86.25  ? 146  ARG A NE  1 
ATOM   992  C CZ  . ARG A 1 126 ? -17.936 -9.791  9.041   1.00 81.91  ? 146  ARG A CZ  1 
ATOM   993  N NH1 . ARG A 1 126 ? -18.963 -10.289 8.367   1.00 76.60  ? 146  ARG A NH1 1 
ATOM   994  N NH2 . ARG A 1 126 ? -17.629 -8.506  8.920   1.00 76.23  ? 146  ARG A NH2 1 
ATOM   995  N N   . GLU A 1 127 ? -17.724 -12.295 4.810   1.00 101.75 ? 147  GLU A N   1 
ATOM   996  C CA  . GLU A 1 127 ? -18.415 -12.668 3.581   1.00 106.74 ? 147  GLU A CA  1 
ATOM   997  C C   . GLU A 1 127 ? -17.514 -12.555 2.359   1.00 105.04 ? 147  GLU A C   1 
ATOM   998  O O   . GLU A 1 127 ? -16.800 -11.567 2.190   1.00 96.35  ? 147  GLU A O   1 
ATOM   999  C CB  . GLU A 1 127 ? -19.667 -11.810 3.391   1.00 108.52 ? 147  GLU A CB  1 
ATOM   1000 C CG  . GLU A 1 127 ? -20.633 -11.851 4.563   1.00 113.76 ? 147  GLU A CG  1 
ATOM   1001 C CD  . GLU A 1 127 ? -21.636 -12.982 4.451   1.00 116.35 ? 147  GLU A CD  1 
ATOM   1002 O OE1 . GLU A 1 127 ? -21.230 -14.155 4.591   1.00 122.40 ? 147  GLU A OE1 1 
ATOM   1003 O OE2 . GLU A 1 127 ? -22.831 -12.698 4.225   1.00 110.92 ? 147  GLU A OE2 1 
ATOM   1004 N N   . GLY A 1 128 ? -17.558 -13.572 1.505   1.00 97.87  ? 148  GLY A N   1 
ATOM   1005 C CA  . GLY A 1 128 ? -16.800 -13.554 0.271   1.00 89.94  ? 148  GLY A CA  1 
ATOM   1006 C C   . GLY A 1 128 ? -15.335 -13.296 0.553   1.00 84.51  ? 148  GLY A C   1 
ATOM   1007 O O   . GLY A 1 128 ? -14.675 -12.561 -0.182  1.00 79.22  ? 148  GLY A O   1 
ATOM   1008 N N   . GLN A 1 129 ? -14.822 -13.893 1.623   1.00 77.79  ? 149  GLN A N   1 
ATOM   1009 C CA  . GLN A 1 129 ? -13.448 -13.636 2.028   1.00 69.57  ? 149  GLN A CA  1 
ATOM   1010 C C   . GLN A 1 129 ? -12.473 -14.119 0.965   1.00 61.07  ? 149  GLN A C   1 
ATOM   1011 O O   . GLN A 1 129 ? -12.604 -15.225 0.441   1.00 58.15  ? 149  GLN A O   1 
ATOM   1012 C CB  . GLN A 1 129 ? -13.148 -14.317 3.365   1.00 71.11  ? 149  GLN A CB  1 
ATOM   1013 C CG  . GLN A 1 129 ? -11.942 -13.748 4.096   1.00 72.34  ? 149  GLN A CG  1 
ATOM   1014 C CD  . GLN A 1 129 ? -12.141 -13.697 5.597   1.00 72.04  ? 149  GLN A CD  1 
ATOM   1015 O OE1 . GLN A 1 129 ? -12.250 -14.731 6.257   1.00 70.86  ? 149  GLN A OE1 1 
ATOM   1016 N NE2 . GLN A 1 129 ? -12.190 -12.489 6.148   1.00 73.56  ? 149  GLN A NE2 1 
ATOM   1017 N N   . ASP A 1 130 ? -11.493 -13.280 0.655   1.00 50.68  ? 150  ASP A N   1 
ATOM   1018 C CA  . ASP A 1 130 ? -10.465 -13.628 -0.315  1.00 43.70  ? 150  ASP A CA  1 
ATOM   1019 C C   . ASP A 1 130 ? -9.075  -13.378 0.253   1.00 34.08  ? 150  ASP A C   1 
ATOM   1020 O O   . ASP A 1 130 ? -8.811  -12.319 0.823   1.00 30.26  ? 150  ASP A O   1 
ATOM   1021 C CB  . ASP A 1 130 ? -10.656 -12.831 -1.607  1.00 45.78  ? 150  ASP A CB  1 
ATOM   1022 C CG  . ASP A 1 130 ? -11.898 -13.247 -2.370  1.00 48.31  ? 150  ASP A CG  1 
ATOM   1023 O OD1 . ASP A 1 130 ? -11.986 -14.427 -2.768  1.00 49.88  ? 150  ASP A OD1 1 
ATOM   1024 O OD2 . ASP A 1 130 ? -12.788 -12.393 -2.571  1.00 46.38  ? 150  ASP A OD2 1 
ATOM   1025 N N   . VAL A 1 131 ? -8.184  -14.348 0.087   1.00 30.93  ? 151  VAL A N   1 
ATOM   1026 C CA  . VAL A 1 131 ? -6.810  -14.162 0.466   1.00 27.43  ? 151  VAL A CA  1 
ATOM   1027 C C   . VAL A 1 131 ? -5.980  -14.263 -0.820  1.00 25.96  ? 151  VAL A C   1 
ATOM   1028 O O   . VAL A 1 131 ? -5.954  -15.299 -1.484  1.00 23.23  ? 151  VAL A O   1 
ATOM   1029 C CB  . VAL A 1 131 ? -6.399  -15.233 1.472   1.00 27.51  ? 151  VAL A CB  1 
ATOM   1030 C CG1 . VAL A 1 131 ? -4.880  -15.270 1.685   1.00 26.49  ? 151  VAL A CG1 1 
ATOM   1031 C CG2 . VAL A 1 131 ? -7.185  -15.042 2.761   1.00 27.60  ? 151  VAL A CG2 1 
ATOM   1032 N N   . LEU A 1 132 ? -5.258  -13.202 -1.128  1.00 19.68  ? 152  LEU A N   1 
ATOM   1033 C CA  . LEU A 1 132 ? -4.491  -13.087 -2.312  1.00 19.38  ? 152  LEU A CA  1 
ATOM   1034 C C   . LEU A 1 132 ? -3.058  -12.593 -2.116  1.00 22.22  ? 152  LEU A C   1 
ATOM   1035 O O   . LEU A 1 132 ? -2.802  -11.737 -1.231  1.00 19.86  ? 152  LEU A O   1 
ATOM   1036 C CB  . LEU A 1 132 ? -5.225  -12.170 -3.276  1.00 20.67  ? 152  LEU A CB  1 
ATOM   1037 C CG  . LEU A 1 132 ? -6.688  -12.453 -3.646  1.00 22.66  ? 152  LEU A CG  1 
ATOM   1038 C CD1 . LEU A 1 132 ? -7.552  -11.535 -2.764  1.00 25.19  ? 152  LEU A CD1 1 
ATOM   1039 C CD2 . LEU A 1 132 ? -6.881  -12.147 -5.133  1.00 24.33  ? 152  LEU A CD2 1 
ATOM   1040 N N   . LYS A 1 133 ? -2.135  -13.122 -2.922  1.00 21.74  ? 153  LYS A N   1 
ATOM   1041 C CA  . LYS A 1 133 ? -0.748  -12.597 -3.018  1.00 23.06  ? 153  LYS A CA  1 
ATOM   1042 C C   . LYS A 1 133 ? -0.455  -11.658 -4.206  1.00 20.79  ? 153  LYS A C   1 
ATOM   1043 O O   . LYS A 1 133 ? -0.973  -11.843 -5.269  1.00 21.25  ? 153  LYS A O   1 
ATOM   1044 C CB  . LYS A 1 133 ? 0.290   -13.725 -2.961  1.00 28.17  ? 153  LYS A CB  1 
ATOM   1045 C CG  . LYS A 1 133 ? 0.418   -14.309 -1.566  1.00 32.82  ? 153  LYS A CG  1 
ATOM   1046 C CD  . LYS A 1 133 ? 1.264   -15.574 -1.553  1.00 29.23  ? 153  LYS A CD  1 
ATOM   1047 C CE  . LYS A 1 133 ? 1.288   -16.181 -0.154  1.00 31.85  ? 153  LYS A CE  1 
ATOM   1048 N NZ  . LYS A 1 133 ? 2.402   -17.119 0.061   1.00 34.23  ? 153  LYS A NZ  1 
ATOM   1049 N N   . TRP A 1 134 ? 0.326   -10.581 -3.975  1.00 19.47  ? 154  TRP A N   1 
ATOM   1050 C CA  . TRP A 1 134 ? 0.767   -9.724  -5.081  1.00 18.69  ? 154  TRP A CA  1 
ATOM   1051 C C   . TRP A 1 134 ? 1.866   -10.438 -5.918  1.00 21.15  ? 154  TRP A C   1 
ATOM   1052 O O   . TRP A 1 134 ? 3.025   -10.496 -5.485  1.00 20.43  ? 154  TRP A O   1 
ATOM   1053 C CB  . TRP A 1 134 ? 1.220   -8.357  -4.494  1.00 16.18  ? 154  TRP A CB  1 
ATOM   1054 C CG  . TRP A 1 134 ? 1.221   -7.279  -5.449  1.00 15.13  ? 154  TRP A CG  1 
ATOM   1055 C CD1 . TRP A 1 134 ? 1.070   -7.379  -6.853  1.00 16.22  ? 154  TRP A CD1 1 
ATOM   1056 C CD2 . TRP A 1 134 ? 1.476   -5.897  -5.173  1.00 17.37  ? 154  TRP A CD2 1 
ATOM   1057 N NE1 . TRP A 1 134 ? 1.179   -6.168  -7.424  1.00 16.35  ? 154  TRP A NE1 1 
ATOM   1058 C CE2 . TRP A 1 134 ? 1.437   -5.220  -6.444  1.00 16.32  ? 154  TRP A CE2 1 
ATOM   1059 C CE3 . TRP A 1 134 ? 1.744   -5.183  -4.008  1.00 16.31  ? 154  TRP A CE3 1 
ATOM   1060 C CZ2 . TRP A 1 134 ? 1.603   -3.912  -6.581  1.00 16.37  ? 154  TRP A CZ2 1 
ATOM   1061 C CZ3 . TRP A 1 134 ? 1.908   -3.781  -4.115  1.00 17.04  ? 154  TRP A CZ3 1 
ATOM   1062 C CH2 . TRP A 1 134 ? 1.849   -3.142  -5.401  1.00 16.04  ? 154  TRP A CH2 1 
ATOM   1063 N N   . VAL A 1 135 ? 1.475   -11.095 -7.037  1.00 21.51  ? 155  VAL A N   1 
ATOM   1064 C CA  A VAL A 1 135 ? 2.368   -11.984 -7.808  0.50 24.94  ? 155  VAL A CA  1 
ATOM   1065 C CA  B VAL A 1 135 ? 2.385   -11.970 -7.803  0.50 24.55  ? 155  VAL A CA  1 
ATOM   1066 C C   . VAL A 1 135 ? 2.901   -11.352 -9.111  1.00 28.14  ? 155  VAL A C   1 
ATOM   1067 O O   . VAL A 1 135 ? 3.952   -11.754 -9.607  1.00 29.14  ? 155  VAL A O   1 
ATOM   1068 C CB  A VAL A 1 135 ? 1.731   -13.389 -8.099  0.50 24.83  ? 155  VAL A CB  1 
ATOM   1069 C CB  B VAL A 1 135 ? 1.759   -13.358 -8.095  0.50 23.90  ? 155  VAL A CB  1 
ATOM   1070 C CG1 A VAL A 1 135 ? 0.777   -13.823 -6.992  0.50 24.47  ? 155  VAL A CG1 1 
ATOM   1071 C CG1 B VAL A 1 135 ? 2.584   -14.134 -9.115  0.50 24.11  ? 155  VAL A CG1 1 
ATOM   1072 C CG2 A VAL A 1 135 ? 0.987   -13.436 -9.416  0.50 24.82  ? 155  VAL A CG2 1 
ATOM   1073 C CG2 B VAL A 1 135 ? 1.647   -14.168 -6.803  0.50 22.59  ? 155  VAL A CG2 1 
ATOM   1074 N N   . TYR A 1 136 ? 2.198   -10.374 -9.684  1.00 30.53  ? 156  TYR A N   1 
ATOM   1075 C CA  . TYR A 1 136 ? 2.742   -9.655  -10.874 1.00 33.31  ? 156  TYR A CA  1 
ATOM   1076 C C   . TYR A 1 136 ? 2.858   -8.161  -10.543 1.00 32.95  ? 156  TYR A C   1 
ATOM   1077 O O   . TYR A 1 136 ? 2.033   -7.653  -9.824  1.00 40.00  ? 156  TYR A O   1 
ATOM   1078 C CB  . TYR A 1 136 ? 1.829   -9.843  -12.096 1.00 34.17  ? 156  TYR A CB  1 
ATOM   1079 C CG  . TYR A 1 136 ? 1.226   -11.216 -12.217 1.00 39.32  ? 156  TYR A CG  1 
ATOM   1080 C CD1 . TYR A 1 136 ? 1.983   -12.307 -12.623 1.00 42.73  ? 156  TYR A CD1 1 
ATOM   1081 C CD2 . TYR A 1 136 ? -0.116  -11.422 -11.917 1.00 43.04  ? 156  TYR A CD2 1 
ATOM   1082 C CE1 . TYR A 1 136 ? 1.407   -13.579 -12.715 1.00 45.03  ? 156  TYR A CE1 1 
ATOM   1083 C CE2 . TYR A 1 136 ? -0.698  -12.671 -12.010 1.00 46.05  ? 156  TYR A CE2 1 
ATOM   1084 C CZ  . TYR A 1 136 ? 0.056   -13.745 -12.408 1.00 47.15  ? 156  TYR A CZ  1 
ATOM   1085 O OH  . TYR A 1 136 ? -0.575  -14.976 -12.476 1.00 53.65  ? 156  TYR A OH  1 
ATOM   1086 N N   . ASN A 1 137 ? 3.907   -7.454  -10.956 1.00 38.62  ? 157  ASN A N   1 
ATOM   1087 C CA  . ASN A 1 137 ? 3.758   -5.982  -11.047 1.00 38.47  ? 157  ASN A CA  1 
ATOM   1088 C C   . ASN A 1 137 ? 4.394   -5.328  -12.263 1.00 38.43  ? 157  ASN A C   1 
ATOM   1089 O O   . ASN A 1 137 ? 5.602   -4.875  -12.266 1.00 37.24  ? 157  ASN A O   1 
ATOM   1090 C CB  . ASN A 1 137 ? 4.059   -5.125  -9.787  1.00 42.37  ? 157  ASN A CB  1 
ATOM   1091 C CG  . ASN A 1 137 ? 3.506   -3.648  -9.932  1.00 37.63  ? 157  ASN A CG  1 
ATOM   1092 O OD1 . ASN A 1 137 ? 2.627   -3.332  -10.871 1.00 30.53  ? 157  ASN A OD1 1 
ATOM   1093 N ND2 . ASN A 1 137 ? 3.985   -2.736  -9.001  1.00 29.69  ? 157  ASN A ND2 1 
ATOM   1094 N N   . VAL A 1 138 ? 3.451   -5.123  -13.179 1.00 32.60  ? 158  VAL A N   1 
ATOM   1095 C CA  . VAL A 1 138 ? 3.680   -4.822  -14.577 1.00 33.42  ? 158  VAL A CA  1 
ATOM   1096 C C   . VAL A 1 138 ? 4.060   -3.367  -14.696 1.00 28.88  ? 158  VAL A C   1 
ATOM   1097 O O   . VAL A 1 138 ? 4.822   -3.001  -15.608 1.00 31.36  ? 158  VAL A O   1 
ATOM   1098 C CB  . VAL A 1 138 ? 2.431   -5.203  -15.436 1.00 44.42  ? 158  VAL A CB  1 
ATOM   1099 C CG1 . VAL A 1 138 ? 2.099   -6.689  -15.277 1.00 47.39  ? 158  VAL A CG1 1 
ATOM   1100 C CG2 . VAL A 1 138 ? 1.195   -4.355  -15.092 1.00 45.16  ? 158  VAL A CG2 1 
ATOM   1101 N N   . LEU A 1 139 ? 3.583   -2.548  -13.755 1.00 20.70  ? 159  LEU A N   1 
ATOM   1102 C CA  . LEU A 1 139 ? 4.073   -1.099  -13.674 1.00 19.61  ? 159  LEU A CA  1 
ATOM   1103 C C   . LEU A 1 139 ? 5.080   -0.693  -12.602 1.00 19.67  ? 159  LEU A C   1 
ATOM   1104 O O   . LEU A 1 139 ? 5.335   0.579   -12.399 1.00 13.56  ? 159  LEU A O   1 
ATOM   1105 C CB  . LEU A 1 139 ? 2.867   -0.140  -13.668 1.00 18.94  ? 159  LEU A CB  1 
ATOM   1106 C CG  . LEU A 1 139 ? 1.838   -0.433  -14.780 1.00 20.22  ? 159  LEU A CG  1 
ATOM   1107 C CD1 . LEU A 1 139 ? 0.599   0.435   -14.705 1.00 19.96  ? 159  LEU A CD1 1 
ATOM   1108 C CD2 . LEU A 1 139 ? 2.508   -0.246  -16.118 1.00 20.93  ? 159  LEU A CD2 1 
ATOM   1109 N N   . ASP A 1 140 ? 5.568   -1.672  -11.847 1.00 18.72  ? 160  ASP A N   1 
ATOM   1110 C CA  . ASP A 1 140 ? 6.674   -1.477  -10.880 1.00 17.03  ? 160  ASP A CA  1 
ATOM   1111 C C   . ASP A 1 140 ? 6.496   -0.217  -10.015 1.00 16.11  ? 160  ASP A C   1 
ATOM   1112 O O   . ASP A 1 140 ? 7.380   0.628   -10.012 1.00 14.36  ? 160  ASP A O   1 
ATOM   1113 C CB  . ASP A 1 140 ? 7.995   -1.378  -11.620 1.00 18.48  ? 160  ASP A CB  1 
ATOM   1114 C CG  . ASP A 1 140 ? 9.225   -1.375  -10.673 1.00 21.07  ? 160  ASP A CG  1 
ATOM   1115 O OD1 . ASP A 1 140 ? 9.127   -1.854  -9.501  1.00 20.97  ? 160  ASP A OD1 1 
ATOM   1116 O OD2 . ASP A 1 140 ? 10.260  -0.864  -11.116 1.00 19.64  ? 160  ASP A OD2 1 
ATOM   1117 N N   . SER A 1 141 ? 5.337   -0.142  -9.370  1.00 13.80  ? 161  SER A N   1 
ATOM   1118 C CA  . SER A 1 141 ? 4.950   1.091   -8.651  1.00 14.63  ? 161  SER A CA  1 
ATOM   1119 C C   . SER A 1 141 ? 4.361   0.577   -7.297  1.00 14.22  ? 161  SER A C   1 
ATOM   1120 O O   . SER A 1 141 ? 3.648   -0.458  -7.305  1.00 13.92  ? 161  SER A O   1 
ATOM   1121 C CB  . SER A 1 141 ? 3.923   1.801   -9.509  1.00 13.93  ? 161  SER A CB  1 
ATOM   1122 O OG  . SER A 1 141 ? 4.460   2.271   -10.750 1.00 14.28  ? 161  SER A OG  1 
ATOM   1123 N N   . PRO A 1 142 ? 4.627   1.265   -6.124  1.00 13.28  ? 162  PRO A N   1 
ATOM   1124 C CA  . PRO A 1 142 ? 4.058   0.855   -4.812  1.00 11.95  ? 162  PRO A CA  1 
ATOM   1125 C C   . PRO A 1 142 ? 2.600   1.217   -4.626  1.00 9.09   ? 162  PRO A C   1 
ATOM   1126 O O   . PRO A 1 142 ? 2.066   2.020   -5.370  1.00 9.90   ? 162  PRO A O   1 
ATOM   1127 C CB  . PRO A 1 142 ? 4.935   1.603   -3.811  1.00 12.91  ? 162  PRO A CB  1 
ATOM   1128 C CG  . PRO A 1 142 ? 5.211   2.869   -4.551  1.00 12.53  ? 162  PRO A CG  1 
ATOM   1129 C CD  . PRO A 1 142 ? 5.408   2.507   -6.007  1.00 12.21  ? 162  PRO A CD  1 
ATOM   1130 N N   . ILE A 1 143 ? 1.979   0.650   -3.620  1.00 10.42  ? 163  ILE A N   1 
ATOM   1131 C CA  . ILE A 1 143 ? 0.696   0.980   -3.187  1.00 12.63  ? 163  ILE A CA  1 
ATOM   1132 C C   . ILE A 1 143 ? 1.057   1.917   -2.053  1.00 13.18  ? 163  ILE A C   1 
ATOM   1133 O O   . ILE A 1 143 ? 1.921   1.576   -1.265  1.00 15.49  ? 163  ILE A O   1 
ATOM   1134 C CB  . ILE A 1 143 ? -0.069  -0.172  -2.524  1.00 14.23  ? 163  ILE A CB  1 
ATOM   1135 C CG1 . ILE A 1 143 ? -0.364  -1.200  -3.595  1.00 15.73  ? 163  ILE A CG1 1 
ATOM   1136 C CG2 . ILE A 1 143 ? -1.405  0.217   -1.885  1.00 14.36  ? 163  ILE A CG2 1 
ATOM   1137 C CD1 . ILE A 1 143 ? -0.938  -2.435  -2.979  1.00 18.70  ? 163  ILE A CD1 1 
ATOM   1138 N N   . TRP A 1 144 ? 0.287   2.974   -1.952  1.00 14.60  ? 164  TRP A N   1 
ATOM   1139 C CA  . TRP A 1 144 ? 0.349   3.796   -0.707  1.00 15.26  ? 164  TRP A CA  1 
ATOM   1140 C C   . TRP A 1 144 ? -0.578  3.182   0.301   1.00 13.46  ? 164  TRP A C   1 
ATOM   1141 O O   . TRP A 1 144 ? -1.813  3.306   0.169   1.00 13.64  ? 164  TRP A O   1 
ATOM   1142 C CB  . TRP A 1 144 ? -0.062  5.248   -1.039  1.00 16.97  ? 164  TRP A CB  1 
ATOM   1143 C CG  . TRP A 1 144 ? 0.226   6.272   -0.019  1.00 20.56  ? 164  TRP A CG  1 
ATOM   1144 C CD1 . TRP A 1 144 ? 0.873   6.147   1.193   1.00 22.30  ? 164  TRP A CD1 1 
ATOM   1145 C CD2 . TRP A 1 144 ? -0.016  7.659   -0.201  1.00 20.96  ? 164  TRP A CD2 1 
ATOM   1146 N NE1 . TRP A 1 144 ? 0.979   7.389   1.807   1.00 23.02  ? 164  TRP A NE1 1 
ATOM   1147 C CE2 . TRP A 1 144 ? 0.459   8.336   0.958   1.00 22.37  ? 164  TRP A CE2 1 
ATOM   1148 C CE3 . TRP A 1 144 ? -0.597  8.395   -1.236  1.00 19.25  ? 164  TRP A CE3 1 
ATOM   1149 C CZ2 . TRP A 1 144 ? 0.341   9.711   1.113   1.00 21.93  ? 164  TRP A CZ2 1 
ATOM   1150 C CZ3 . TRP A 1 144 ? -0.718  9.771   -1.085  1.00 19.88  ? 164  TRP A CZ3 1 
ATOM   1151 C CH2 . TRP A 1 144 ? -0.237  10.415  0.085   1.00 21.08  ? 164  TRP A CH2 1 
ATOM   1152 N N   . VAL A 1 145 ? 0.004   2.560   1.306   1.00 14.57  ? 165  VAL A N   1 
ATOM   1153 C CA  . VAL A 1 145 ? -0.714  1.772   2.312   1.00 17.74  ? 165  VAL A CA  1 
ATOM   1154 C C   . VAL A 1 145 ? -1.310  2.650   3.413   1.00 17.77  ? 165  VAL A C   1 
ATOM   1155 O O   . VAL A 1 145 ? -2.524  2.562   3.767   1.00 17.90  ? 165  VAL A O   1 
ATOM   1156 C CB  . VAL A 1 145 ? 0.183   0.619   2.881   1.00 18.82  ? 165  VAL A CB  1 
ATOM   1157 C CG1 . VAL A 1 145 ? -0.569  -0.238  3.899   1.00 19.83  ? 165  VAL A CG1 1 
ATOM   1158 C CG2 . VAL A 1 145 ? 0.643   -0.241  1.730   1.00 19.44  ? 165  VAL A CG2 1 
ATOM   1159 N N   . THR A 1 146 ? -0.490  3.548   3.910   1.00 21.63  ? 166  THR A N   1 
ATOM   1160 C CA  A THR A 1 146 ? -0.922  4.359   5.028   0.50 21.08  ? 166  THR A CA  1 
ATOM   1161 C CA  B THR A 1 146 ? -0.930  4.373   5.008   0.50 19.64  ? 166  THR A CA  1 
ATOM   1162 C C   . THR A 1 146 ? -0.421  5.783   4.785   1.00 21.36  ? 166  THR A C   1 
ATOM   1163 O O   . THR A 1 146 ? 0.683   5.985   4.282   1.00 20.87  ? 166  THR A O   1 
ATOM   1164 C CB  A THR A 1 146 ? -0.423  3.805   6.396   0.50 23.20  ? 166  THR A CB  1 
ATOM   1165 C CB  B THR A 1 146 ? -0.400  3.831   6.340   0.50 19.95  ? 166  THR A CB  1 
ATOM   1166 O OG1 A THR A 1 146 ? 0.978   4.100   6.577   0.50 24.22  ? 166  THR A OG1 1 
ATOM   1167 O OG1 B THR A 1 146 ? -0.989  2.570   6.615   0.50 18.71  ? 166  THR A OG1 1 
ATOM   1168 C CG2 A THR A 1 146 ? -0.632  2.310   6.520   0.50 22.53  ? 166  THR A CG2 1 
ATOM   1169 C CG2 B THR A 1 146 ? -0.673  4.818   7.501   0.50 17.86  ? 166  THR A CG2 1 
ATOM   1170 N N   . SER A 1 147 ? -1.259  6.750   5.110   1.00 22.96  ? 167  SER A N   1 
ATOM   1171 C CA  . SER A 1 147 ? -0.882  8.186   5.129   1.00 22.96  ? 167  SER A CA  1 
ATOM   1172 C C   . SER A 1 147 ? -0.744  8.591   6.569   1.00 25.67  ? 167  SER A C   1 
ATOM   1173 O O   . SER A 1 147 ? -1.468  8.114   7.441   1.00 26.88  ? 167  SER A O   1 
ATOM   1174 C CB  . SER A 1 147 ? -1.960  9.067   4.515   1.00 23.61  ? 167  SER A CB  1 
ATOM   1175 O OG  . SER A 1 147 ? -3.262  8.711   5.011   1.00 18.85  ? 167  SER A OG  1 
ATOM   1176 N N   . CYS A 1 148 ? 0.236   9.456   6.793   1.00 26.19  ? 168  CYS A N   1 
ATOM   1177 C CA  . CYS A 1 148 ? 0.405   10.143  8.031   1.00 33.49  ? 168  CYS A CA  1 
ATOM   1178 C C   . CYS A 1 148 ? -0.833  10.932  8.416   1.00 35.71  ? 168  CYS A C   1 
ATOM   1179 O O   . CYS A 1 148 ? -1.383  11.609  7.565   1.00 39.18  ? 168  CYS A O   1 
ATOM   1180 C CB  . CYS A 1 148 ? 1.545   11.142  7.826   1.00 32.64  ? 168  CYS A CB  1 
ATOM   1181 S SG  . CYS A 1 148 ? 3.142   10.346  7.993   1.00 32.38  ? 168  CYS A SG  1 
ATOM   1182 N N   . PRO A 1 149 ? -1.217  10.922  9.707   1.00 46.25  ? 169  PRO A N   1 
ATOM   1183 C CA  . PRO A 1 149 ? -2.302  11.811  10.170  1.00 53.04  ? 169  PRO A CA  1 
ATOM   1184 C C   . PRO A 1 149 ? -1.989  13.302  9.986   1.00 63.02  ? 169  PRO A C   1 
ATOM   1185 O O   . PRO A 1 149 ? -0.983  13.770  10.527  1.00 64.34  ? 169  PRO A O   1 
ATOM   1186 C CB  . PRO A 1 149 ? -2.447  11.472  11.663  1.00 55.64  ? 169  PRO A CB  1 
ATOM   1187 C CG  . PRO A 1 149 ? -1.345  10.534  12.018  1.00 52.02  ? 169  PRO A CG  1 
ATOM   1188 C CD  . PRO A 1 149 ? -0.577  10.159  10.793  1.00 46.84  ? 169  PRO A CD  1 
ATOM   1189 N N   . VAL A 1 150 ? -2.858  14.036  9.269   1.00 72.74  ? 170  VAL A N   1 
ATOM   1190 C CA  . VAL A 1 150 ? -2.563  15.432  8.804   1.00 76.59  ? 170  VAL A CA  1 
ATOM   1191 C C   . VAL A 1 150 ? -2.218  16.385  9.960   1.00 75.57  ? 170  VAL A C   1 
ATOM   1192 O O   . VAL A 1 150 ? -2.801  16.295  11.048  1.00 77.28  ? 170  VAL A O   1 
ATOM   1193 C CB  . VAL A 1 150 ? -3.727  16.052  7.960   1.00 75.92  ? 170  VAL A CB  1 
ATOM   1194 C CG1 . VAL A 1 150 ? -3.426  17.502  7.575   1.00 72.20  ? 170  VAL A CG1 1 
ATOM   1195 C CG2 . VAL A 1 150 ? -3.999  15.237  6.696   1.00 74.58  ? 170  VAL A CG2 1 
HETATM 1196 C C1  . SGM B 2 .   ? 5.575   -14.246 -5.036  1.00 62.52  ? 1171 SGM A C1  1 
HETATM 1197 C C2  . SGM B 2 .   ? 6.948   -14.650 -4.474  1.00 66.29  ? 1171 SGM A C2  1 
HETATM 1198 O O2  . SGM B 2 .   ? 7.983   -14.148 -5.338  1.00 70.47  ? 1171 SGM A O2  1 
HETATM 1199 C C3  . SGM B 2 .   ? 7.094   -16.186 -4.316  1.00 69.02  ? 1171 SGM A C3  1 
HETATM 1200 O O3  . SGM B 2 .   ? 6.240   -16.748 -3.284  1.00 62.28  ? 1171 SGM A O3  1 
HETATM 1201 S S1  . SGM B 2 .   ? 4.434   -13.549 -3.791  1.00 49.05  ? 1171 SGM A S1  1 
HETATM 1202 S S   . SO4 C 3 .   ? 2.834   -7.304  13.752  1.00 34.56  ? 1172 SO4 A S   1 
HETATM 1203 O O1  . SO4 C 3 .   ? 1.735   -7.299  14.736  1.00 38.07  ? 1172 SO4 A O1  1 
HETATM 1204 O O2  . SO4 C 3 .   ? 2.812   -8.641  13.090  1.00 36.36  ? 1172 SO4 A O2  1 
HETATM 1205 O O3  . SO4 C 3 .   ? 4.061   -7.122  14.529  1.00 40.37  ? 1172 SO4 A O3  1 
HETATM 1206 O O4  . SO4 C 3 .   ? 2.720   -6.199  12.748  1.00 33.70  ? 1172 SO4 A O4  1 
HETATM 1207 O O   . HOH D 4 .   ? -7.959  2.296   -16.003 1.00 26.66  ? 2001 HOH A O   1 
HETATM 1208 O O   . HOH D 4 .   ? -0.847  -5.034  -18.110 1.00 27.76  ? 2002 HOH A O   1 
HETATM 1209 O O   . HOH D 4 .   ? -9.385  -0.771  -11.556 1.00 29.92  ? 2003 HOH A O   1 
HETATM 1210 O O   . HOH D 4 .   ? -2.261  -1.228  -13.173 1.00 19.62  ? 2004 HOH A O   1 
HETATM 1211 O O   . HOH D 4 .   ? -4.800  2.928   -7.456  1.00 13.19  ? 2005 HOH A O   1 
HETATM 1212 O O   . HOH D 4 .   ? -8.307  4.196   -8.673  1.00 20.97  ? 2006 HOH A O   1 
HETATM 1213 O O   . HOH D 4 .   ? -0.820  9.931   -4.397  1.00 19.62  ? 2007 HOH A O   1 
HETATM 1214 O O   . HOH D 4 .   ? -0.522  17.001  -10.754 1.00 29.88  ? 2008 HOH A O   1 
HETATM 1215 O O   . HOH D 4 .   ? 4.189   11.784  -9.053  1.00 22.50  ? 2009 HOH A O   1 
HETATM 1216 O O   . HOH D 4 .   ? 1.988   16.097  -2.795  1.00 22.49  ? 2010 HOH A O   1 
HETATM 1217 O O   . HOH D 4 .   ? -6.301  15.853  -7.325  1.00 34.88  ? 2011 HOH A O   1 
HETATM 1218 O O   . HOH D 4 .   ? -4.247  17.361  -8.773  1.00 39.34  ? 2012 HOH A O   1 
HETATM 1219 O O   . HOH D 4 .   ? -0.369  19.081  -4.643  1.00 32.99  ? 2013 HOH A O   1 
HETATM 1220 O O   . HOH D 4 .   ? -10.549 2.541   -12.069 1.00 26.44  ? 2014 HOH A O   1 
HETATM 1221 O O   . HOH D 4 .   ? -6.405  11.202  -5.606  1.00 22.68  ? 2015 HOH A O   1 
HETATM 1222 O O   . HOH D 4 .   ? -7.905  9.720   -17.038 1.00 37.44  ? 2016 HOH A O   1 
HETATM 1223 O O   . HOH D 4 .   ? -10.093 3.500   -14.649 1.00 23.54  ? 2017 HOH A O   1 
HETATM 1224 O O   . HOH D 4 .   ? -10.401 4.081   -10.464 1.00 20.82  ? 2018 HOH A O   1 
HETATM 1225 O O   . HOH D 4 .   ? -7.798  8.291   -4.838  1.00 29.13  ? 2019 HOH A O   1 
HETATM 1226 O O   . HOH D 4 .   ? -14.690 5.639   -6.153  1.00 29.06  ? 2020 HOH A O   1 
HETATM 1227 O O   . HOH D 4 .   ? -14.735 2.691   -8.422  1.00 45.03  ? 2021 HOH A O   1 
HETATM 1228 O O   . HOH D 4 .   ? -14.163 4.685   -11.579 1.00 34.35  ? 2022 HOH A O   1 
HETATM 1229 O O   . HOH D 4 .   ? -12.747 2.514   -3.924  1.00 26.88  ? 2023 HOH A O   1 
HETATM 1230 O O   . HOH D 4 .   ? -9.234  8.908   1.260   1.00 32.75  ? 2024 HOH A O   1 
HETATM 1231 O O   . HOH D 4 .   ? -9.790  6.214   3.583   1.00 32.26  ? 2025 HOH A O   1 
HETATM 1232 O O   . HOH D 4 .   ? -13.848 1.720   -1.271  1.00 23.46  ? 2026 HOH A O   1 
HETATM 1233 O O   . HOH D 4 .   ? -13.851 6.891   8.150   1.00 34.31  ? 2027 HOH A O   1 
HETATM 1234 O O   . HOH D 4 .   ? -6.516  2.133   -0.018  1.00 17.75  ? 2028 HOH A O   1 
HETATM 1235 O O   . HOH D 4 .   ? -4.058  2.062   1.547   1.00 18.84  ? 2029 HOH A O   1 
HETATM 1236 O O   . HOH D 4 .   ? -4.129  6.083   8.411   1.00 31.48  ? 2030 HOH A O   1 
HETATM 1237 O O   . HOH D 4 .   ? -2.654  16.648  -1.536  1.00 37.18  ? 2031 HOH A O   1 
HETATM 1238 O O   . HOH D 4 .   ? 3.513   14.450  3.738   1.00 41.59  ? 2032 HOH A O   1 
HETATM 1239 O O   . HOH D 4 .   ? 6.732   16.735  -3.889  1.00 43.76  ? 2033 HOH A O   1 
HETATM 1240 O O   . HOH D 4 .   ? 6.697   14.172  1.814   1.00 29.86  ? 2034 HOH A O   1 
HETATM 1241 O O   . HOH D 4 .   ? 7.394   5.184   -12.659 1.00 35.89  ? 2035 HOH A O   1 
HETATM 1242 O O   . HOH D 4 .   ? 14.427  10.826  -4.127  1.00 37.78  ? 2036 HOH A O   1 
HETATM 1243 O O   . HOH D 4 .   ? 15.889  5.722   -0.733  1.00 25.88  ? 2037 HOH A O   1 
HETATM 1244 O O   . HOH D 4 .   ? 9.591   8.427   -5.986  1.00 18.07  ? 2038 HOH A O   1 
HETATM 1245 O O   . HOH D 4 .   ? 11.045  4.524   -8.461  1.00 34.33  ? 2039 HOH A O   1 
HETATM 1246 O O   . HOH D 4 .   ? 15.559  5.791   -3.527  1.00 27.59  ? 2040 HOH A O   1 
HETATM 1247 O O   . HOH D 4 .   ? 11.918  2.321   -6.400  1.00 23.84  ? 2041 HOH A O   1 
HETATM 1248 O O   . HOH D 4 .   ? 12.553  -2.098  1.419   1.00 26.19  ? 2042 HOH A O   1 
HETATM 1249 O O   . HOH D 4 .   ? 16.081  0.888   6.549   1.00 24.90  ? 2043 HOH A O   1 
HETATM 1250 O O   . HOH D 4 .   ? 15.108  -4.304  7.695   1.00 24.38  ? 2044 HOH A O   1 
HETATM 1251 O O   . HOH D 4 .   ? 9.504   -2.110  11.611  1.00 30.20  ? 2045 HOH A O   1 
HETATM 1252 O O   . HOH D 4 .   ? 11.245  -3.063  14.190  1.00 40.76  ? 2046 HOH A O   1 
HETATM 1253 O O   . HOH D 4 .   ? 12.968  -10.088 11.222  1.00 30.66  ? 2047 HOH A O   1 
HETATM 1254 O O   . HOH D 4 .   ? 3.584   -12.427 15.407  1.00 27.24  ? 2048 HOH A O   1 
HETATM 1255 O O   . HOH D 4 .   ? 11.772  4.253   8.996   1.00 35.68  ? 2049 HOH A O   1 
HETATM 1256 O O   . HOH D 4 .   ? 8.896   1.695   -7.981  1.00 20.39  ? 2050 HOH A O   1 
HETATM 1257 O O   . HOH D 4 .   ? 11.779  1.956   -9.061  1.00 24.69  ? 2051 HOH A O   1 
HETATM 1258 O O   . HOH D 4 .   ? 12.302  -0.284  -9.725  1.00 33.96  ? 2052 HOH A O   1 
HETATM 1259 O O   . HOH D 4 .   ? 10.804  -3.748  -8.665  1.00 31.06  ? 2053 HOH A O   1 
HETATM 1260 O O   . HOH D 4 .   ? 7.192   -9.632  -2.578  1.00 20.98  ? 2054 HOH A O   1 
HETATM 1261 O O   . HOH D 4 .   ? 10.137  -9.746  -6.006  1.00 28.82  ? 2055 HOH A O   1 
HETATM 1262 O O   . HOH D 4 .   ? 11.171  -11.826 -1.234  1.00 24.09  ? 2056 HOH A O   1 
HETATM 1263 O O   . HOH D 4 .   ? 12.497  -10.033 -4.543  1.00 25.30  ? 2057 HOH A O   1 
HETATM 1264 O O   . HOH D 4 .   ? 13.083  -5.177  1.295   1.00 27.28  ? 2058 HOH A O   1 
HETATM 1265 O O   . HOH D 4 .   ? 6.286   4.697   -9.478  1.00 16.53  ? 2059 HOH A O   1 
HETATM 1266 O O   . HOH D 4 .   ? -2.555  11.175  -3.880  1.00 37.12  ? 2060 HOH A O   1 
HETATM 1267 O O   . HOH D 4 .   ? -15.262 2.632   -5.658  1.00 32.87  ? 2061 HOH A O   1 
HETATM 1268 O O   . HOH D 4 .   ? -13.597 0.687   -9.578  1.00 30.51  ? 2062 HOH A O   1 
HETATM 1269 O O   . HOH D 4 .   ? -1.279  -9.085  -14.255 1.00 40.54  ? 2063 HOH A O   1 
HETATM 1270 O O   . HOH D 4 .   ? -8.608  -3.719  -11.762 1.00 33.35  ? 2064 HOH A O   1 
HETATM 1271 O O   . HOH D 4 .   ? -2.778  -3.689  -13.475 1.00 33.33  ? 2065 HOH A O   1 
HETATM 1272 O O   . HOH D 4 .   ? -6.737  -15.461 -8.589  1.00 34.92  ? 2066 HOH A O   1 
HETATM 1273 O O   . HOH D 4 .   ? -4.468  -18.849 -7.648  1.00 36.81  ? 2067 HOH A O   1 
HETATM 1274 O O   . HOH D 4 .   ? 0.112   -20.607 7.452   1.00 36.10  ? 2068 HOH A O   1 
HETATM 1275 O O   . HOH D 4 .   ? 5.231   -16.960 4.110   1.00 35.94  ? 2069 HOH A O   1 
HETATM 1276 O O   . HOH D 4 .   ? 3.291   -11.341 12.890  1.00 28.63  ? 2070 HOH A O   1 
HETATM 1277 O O   . HOH D 4 .   ? 6.512   -8.284  13.291  1.00 31.71  ? 2071 HOH A O   1 
HETATM 1278 O O   . HOH D 4 .   ? -14.242 -1.220  -8.001  1.00 36.81  ? 2072 HOH A O   1 
HETATM 1279 O O   . HOH D 4 .   ? -11.964 -1.695  -10.698 1.00 34.49  ? 2073 HOH A O   1 
HETATM 1280 O O   . HOH D 4 .   ? -10.585 -5.402  -9.241  1.00 29.81  ? 2074 HOH A O   1 
HETATM 1281 O O   . HOH D 4 .   ? -17.254 -7.046  -4.218  1.00 37.60  ? 2075 HOH A O   1 
HETATM 1282 O O   . HOH D 4 .   ? -4.871  -8.720  11.165  1.00 32.92  ? 2076 HOH A O   1 
HETATM 1283 O O   . HOH D 4 .   ? 4.338   -9.754  -3.242  1.00 18.55  ? 2077 HOH A O   1 
HETATM 1284 O O   . HOH D 4 .   ? -14.339 -10.245 10.637  1.00 46.07  ? 2078 HOH A O   1 
HETATM 1285 O O   . HOH D 4 .   ? 1.302   -18.874 -2.169  1.00 29.30  ? 2079 HOH A O   1 
HETATM 1286 O O   . HOH D 4 .   ? 5.709   -11.160 -6.633  1.00 36.57  ? 2080 HOH A O   1 
HETATM 1287 O O   . HOH D 4 .   ? 6.435   -9.457  -8.608  1.00 33.60  ? 2081 HOH A O   1 
HETATM 1288 O O   . HOH D 4 .   ? 6.321   -4.297  -8.811  1.00 36.13  ? 2082 HOH A O   1 
HETATM 1289 O O   . HOH D 4 .   ? 8.281   2.012   -12.240 1.00 31.12  ? 2083 HOH A O   1 
HETATM 1290 O O   . HOH D 4 .   ? 4.620   3.696   -13.201 1.00 28.05  ? 2084 HOH A O   1 
HETATM 1291 O O   . HOH D 4 .   ? 10.156  0.707   -13.322 1.00 35.48  ? 2085 HOH A O   1 
HETATM 1292 O O   . HOH D 4 .   ? -3.802  10.536  6.856   1.00 28.95  ? 2086 HOH A O   1 
HETATM 1293 O O   . HOH D 4 .   ? 7.725   -11.204 -4.871  1.00 35.49  ? 2087 HOH A O   1 
HETATM 1294 O O   . HOH D 4 .   ? 1.693   -7.511  17.332  1.00 24.22  ? 2088 HOH A O   1 
# 
